data_3VSV
#
_entry.id   3VSV
#
_cell.length_a   88.779
_cell.length_b   201.948
_cell.length_c   100.105
_cell.angle_alpha   90.00
_cell.angle_beta   99.18
_cell.angle_gamma   90.00
#
_symmetry.space_group_name_H-M   'P 1 21 1'
#
loop_
_entity.id
_entity.type
_entity.pdbx_description
1 polymer Xylosidase
2 non-polymer beta-D-xylopyranose
3 non-polymer alpha-D-xylopyranose
4 water water
#
_entity_poly.entity_id   1
_entity_poly.type   'polypeptide(L)'
_entity_poly.pdbx_seq_one_letter_code
;MEYHVAKTGSDEGKGTLKDPFLTINKAASVAMAGDTIIVHEGVYREWVKPKYKGLSDKRRITYKAAEGEKVVIKGSERIQ
SWQRVEGNVWRCQLPNSFFGEFNPYKEEVFGDWLLTVNEKKHLGDVYLNGMSFYEVTNYEDLFNPQLRTEVLDHWTQKIV
PIKNAEQTKYVWYAEVDREKTTIYANFQGADPNEEFVEINVRRSCFYPVETGIDYITVKGFEMAHAATPWAPPTADQPGL
IGPNWSKGWIIEDNIIHDAKCSAISIGKEATTGNNYRSIRKDKPGYQYQLEAVFNAKRNGWSKEKIGSHIIRNNTIYDCG
QNAIVGHLGGVFSEIYNNHIYNIALKREFYGHEIAGIKLHAAIDVQIHHNRIHDCSLGLWLDWEAQGTRVSKNLFYNNNR
DVFVEVSHGPYLVDHNILSSEYAIDNMSQGGAYINNLIAGKMNQRKVLNRSTQYHLPHSTEVAGFAFVYGGDDRFYNNIF
IGKEGLENVGTSHYNNCTTSLEEYIEKVNEVPGDLGEFERVEQPVYINKNAYFNGAEPFEKEKDNLVKKDFDPKLAIIDE
GDEVYLSLQLPDEFENIVGDIHSTKTLERVRIVDAEYESPDGKELVLDTDYLDAKKPENSSIGPIALLKKGNNYIKVW
;
_entity_poly.pdbx_strand_id   A,B,C,D
#
# COMPACT_ATOMS: atom_id res chain seq x y z
N MET A 1 -9.27 -13.65 33.57
CA MET A 1 -10.53 -13.86 34.36
C MET A 1 -11.39 -14.92 33.69
N GLU A 2 -11.97 -15.80 34.49
CA GLU A 2 -12.85 -16.85 33.99
C GLU A 2 -14.25 -16.44 34.41
N TYR A 3 -15.03 -15.96 33.45
CA TYR A 3 -16.41 -15.53 33.71
C TYR A 3 -17.34 -16.69 33.53
N HIS A 4 -18.42 -16.70 34.33
CA HIS A 4 -19.44 -17.75 34.23
C HIS A 4 -20.81 -17.14 33.96
N VAL A 5 -21.60 -17.84 33.15
CA VAL A 5 -22.94 -17.43 32.79
C VAL A 5 -23.82 -18.65 33.10
N ALA A 6 -24.95 -18.43 33.78
CA ALA A 6 -25.84 -19.55 34.12
C ALA A 6 -27.26 -19.04 34.28
N LYS A 7 -28.21 -19.95 34.13
CA LYS A 7 -29.61 -19.56 34.21
C LYS A 7 -30.05 -19.19 35.64
N THR A 8 -29.17 -19.46 36.60
CA THR A 8 -29.39 -19.11 38.00
C THR A 8 -28.68 -17.79 38.31
N GLY A 9 -28.06 -17.18 37.30
CA GLY A 9 -27.33 -15.94 37.54
C GLY A 9 -28.04 -14.61 37.46
N SER A 10 -27.24 -13.55 37.43
CA SER A 10 -27.74 -12.19 37.36
C SER A 10 -26.71 -11.33 36.63
N ASP A 11 -27.16 -10.47 35.72
CA ASP A 11 -26.21 -9.62 35.02
C ASP A 11 -25.73 -8.48 35.93
N GLU A 12 -26.27 -8.46 37.16
CA GLU A 12 -25.85 -7.48 38.16
C GLU A 12 -24.79 -8.12 39.04
N GLY A 13 -24.52 -9.40 38.84
CA GLY A 13 -23.53 -10.09 39.64
C GLY A 13 -22.09 -9.86 39.19
N LYS A 14 -21.16 -10.54 39.84
CA LYS A 14 -19.75 -10.38 39.54
C LYS A 14 -19.28 -11.21 38.34
N GLY A 15 -20.07 -12.23 37.99
CA GLY A 15 -19.71 -13.08 36.85
C GLY A 15 -18.77 -14.22 37.22
N THR A 16 -18.70 -14.54 38.51
CA THR A 16 -17.85 -15.63 38.97
C THR A 16 -18.63 -16.94 38.99
N LEU A 17 -17.94 -18.04 39.27
CA LEU A 17 -18.61 -19.34 39.33
C LEU A 17 -19.75 -19.30 40.35
N LYS A 18 -19.48 -18.72 41.50
CA LYS A 18 -20.48 -18.65 42.58
C LYS A 18 -21.56 -17.58 42.38
N ASP A 19 -21.22 -16.54 41.63
CA ASP A 19 -22.12 -15.43 41.37
C ASP A 19 -22.05 -15.13 39.87
N PRO A 20 -22.58 -16.05 39.06
CA PRO A 20 -22.55 -15.88 37.60
C PRO A 20 -23.50 -14.87 36.99
N PHE A 21 -23.16 -14.45 35.77
CA PHE A 21 -24.02 -13.57 34.99
C PHE A 21 -25.20 -14.44 34.51
N LEU A 22 -26.22 -13.79 33.97
CA LEU A 22 -27.40 -14.49 33.47
C LEU A 22 -27.37 -14.61 31.92
N THR A 23 -26.85 -13.59 31.23
CA THR A 23 -26.80 -13.65 29.76
C THR A 23 -25.38 -13.72 29.23
N ILE A 24 -25.24 -14.39 28.08
CA ILE A 24 -23.91 -14.51 27.48
C ILE A 24 -23.45 -13.15 26.99
N ASN A 25 -24.37 -12.33 26.49
CA ASN A 25 -23.91 -11.04 25.98
C ASN A 25 -23.39 -10.15 27.11
N LYS A 26 -23.86 -10.34 28.34
CA LYS A 26 -23.28 -9.55 29.44
C LYS A 26 -21.76 -9.91 29.56
N ALA A 27 -21.43 -11.20 29.54
CA ALA A 27 -20.02 -11.60 29.61
C ALA A 27 -19.27 -11.06 28.36
N ALA A 28 -19.91 -11.10 27.21
CA ALA A 28 -19.26 -10.61 26.00
C ALA A 28 -19.00 -9.11 26.04
N SER A 29 -19.69 -8.40 26.94
CA SER A 29 -19.53 -6.95 27.04
C SER A 29 -18.41 -6.57 27.98
N VAL A 30 -17.92 -7.51 28.78
CA VAL A 30 -16.85 -7.19 29.73
C VAL A 30 -15.54 -8.00 29.57
N ALA A 31 -15.59 -9.14 28.89
CA ALA A 31 -14.41 -9.97 28.73
C ALA A 31 -13.34 -9.28 27.88
N MET A 32 -12.09 -9.46 28.30
CA MET A 32 -10.96 -8.86 27.57
C MET A 32 -9.95 -9.91 27.23
N ALA A 33 -8.96 -9.54 26.40
CA ALA A 33 -7.97 -10.51 25.97
C ALA A 33 -7.43 -11.40 27.08
N GLY A 34 -7.48 -12.70 26.83
CA GLY A 34 -7.00 -13.66 27.81
C GLY A 34 -8.11 -14.26 28.65
N ASP A 35 -9.28 -13.66 28.64
CA ASP A 35 -10.38 -14.15 29.47
C ASP A 35 -11.09 -15.36 28.82
N THR A 36 -11.85 -16.06 29.66
CA THR A 36 -12.65 -17.20 29.22
C THR A 36 -14.07 -16.95 29.74
N ILE A 37 -15.06 -17.34 28.95
CA ILE A 37 -16.46 -17.21 29.32
C ILE A 37 -17.00 -18.64 29.30
N ILE A 38 -17.45 -19.14 30.46
CA ILE A 38 -17.95 -20.50 30.56
C ILE A 38 -19.48 -20.41 30.75
N VAL A 39 -20.22 -21.01 29.83
CA VAL A 39 -21.67 -20.94 29.87
C VAL A 39 -22.25 -22.26 30.31
N HIS A 40 -23.12 -22.19 31.33
CA HIS A 40 -23.71 -23.40 31.87
C HIS A 40 -25.05 -23.75 31.19
N GLU A 41 -25.48 -24.99 31.45
CA GLU A 41 -26.68 -25.55 30.83
C GLU A 41 -27.88 -24.64 30.67
N GLY A 42 -28.43 -24.61 29.45
CA GLY A 42 -29.59 -23.78 29.20
C GLY A 42 -29.71 -23.37 27.75
N VAL A 43 -30.84 -22.74 27.45
CA VAL A 43 -31.14 -22.20 26.11
C VAL A 43 -31.11 -20.68 26.25
N TYR A 44 -30.16 -20.08 25.53
CA TYR A 44 -29.94 -18.64 25.56
C TYR A 44 -30.44 -18.02 24.27
N ARG A 45 -31.57 -17.31 24.37
CA ARG A 45 -32.22 -16.69 23.22
C ARG A 45 -31.73 -15.25 23.11
N GLU A 46 -30.56 -15.12 22.47
CA GLU A 46 -29.92 -13.82 22.33
C GLU A 46 -28.87 -13.89 21.21
N TRP A 47 -28.51 -12.72 20.71
CA TRP A 47 -27.45 -12.58 19.71
C TRP A 47 -26.24 -12.07 20.51
N VAL A 48 -25.24 -12.93 20.62
CA VAL A 48 -24.00 -12.63 21.36
C VAL A 48 -23.09 -11.78 20.49
N LYS A 49 -22.62 -10.67 21.05
CA LYS A 49 -21.83 -9.70 20.26
C LYS A 49 -20.52 -9.40 20.97
N PRO A 50 -19.49 -10.19 20.66
CA PRO A 50 -18.17 -9.95 21.31
C PRO A 50 -17.76 -8.48 21.18
N LYS A 51 -17.48 -7.83 22.30
CA LYS A 51 -17.16 -6.39 22.27
C LYS A 51 -15.66 -6.09 22.14
N TYR A 52 -14.83 -6.78 22.90
CA TYR A 52 -13.38 -6.56 22.88
C TYR A 52 -12.68 -7.71 22.14
N LYS A 53 -11.52 -7.40 21.59
CA LYS A 53 -10.83 -8.42 20.82
C LYS A 53 -9.74 -9.17 21.56
N GLY A 54 -9.50 -10.39 21.11
CA GLY A 54 -8.32 -11.10 21.57
C GLY A 54 -7.13 -10.42 20.89
N LEU A 55 -5.93 -10.57 21.45
CA LEU A 55 -4.74 -9.85 20.94
C LEU A 55 -3.66 -10.71 20.30
N SER A 56 -3.81 -12.02 20.41
CA SER A 56 -2.88 -12.96 19.77
C SER A 56 -3.47 -14.34 19.93
N ASP A 57 -2.82 -15.32 19.32
CA ASP A 57 -3.28 -16.69 19.43
C ASP A 57 -3.19 -17.12 20.91
N LYS A 58 -2.22 -16.59 21.63
CA LYS A 58 -2.08 -16.91 23.05
C LYS A 58 -3.12 -16.17 23.92
N ARG A 59 -3.33 -14.90 23.61
CA ARG A 59 -4.27 -14.04 24.36
C ARG A 59 -5.60 -13.90 23.65
N ARG A 60 -6.25 -15.04 23.47
CA ARG A 60 -7.59 -15.08 22.87
C ARG A 60 -8.67 -14.80 23.92
N ILE A 61 -9.90 -14.60 23.44
CA ILE A 61 -11.06 -14.55 24.35
C ILE A 61 -11.84 -15.81 23.94
N THR A 62 -12.06 -16.71 24.92
CA THR A 62 -12.68 -18.01 24.66
C THR A 62 -14.06 -18.11 25.26
N TYR A 63 -15.04 -18.46 24.42
CA TYR A 63 -16.43 -18.67 24.85
C TYR A 63 -16.67 -20.15 24.69
N LYS A 64 -17.06 -20.82 25.79
CA LYS A 64 -17.28 -22.26 25.68
C LYS A 64 -18.38 -22.76 26.61
N ALA A 65 -18.99 -23.86 26.19
CA ALA A 65 -20.00 -24.49 27.02
C ALA A 65 -19.25 -25.19 28.16
N ALA A 66 -19.84 -25.16 29.36
CA ALA A 66 -19.26 -25.86 30.51
C ALA A 66 -19.18 -27.37 30.19
N GLU A 67 -18.13 -28.01 30.66
CA GLU A 67 -17.93 -29.42 30.37
C GLU A 67 -19.15 -30.27 30.73
N GLY A 68 -19.57 -31.10 29.79
CA GLY A 68 -20.71 -31.98 30.00
C GLY A 68 -22.09 -31.32 30.08
N GLU A 69 -22.17 -30.03 29.77
CA GLU A 69 -23.47 -29.35 29.85
C GLU A 69 -23.97 -28.98 28.45
N LYS A 70 -25.29 -29.03 28.28
CA LYS A 70 -25.91 -28.72 26.98
C LYS A 70 -26.29 -27.25 26.95
N VAL A 71 -25.62 -26.50 26.06
CA VAL A 71 -25.84 -25.07 25.96
C VAL A 71 -26.26 -24.77 24.54
N VAL A 72 -27.39 -24.09 24.41
CA VAL A 72 -27.95 -23.77 23.10
C VAL A 72 -28.10 -22.26 22.98
N ILE A 73 -27.69 -21.70 21.83
CA ILE A 73 -27.91 -20.28 21.59
C ILE A 73 -28.88 -20.28 20.39
N LYS A 74 -30.03 -19.60 20.55
CA LYS A 74 -31.02 -19.57 19.48
C LYS A 74 -31.41 -18.16 19.07
N GLY A 75 -31.73 -17.97 17.80
CA GLY A 75 -32.18 -16.68 17.30
C GLY A 75 -33.70 -16.55 17.33
N SER A 76 -34.39 -17.63 17.72
CA SER A 76 -35.84 -17.69 17.73
C SER A 76 -36.45 -17.42 19.12
N GLU A 77 -37.78 -17.39 19.13
CA GLU A 77 -38.54 -17.31 20.38
C GLU A 77 -39.65 -18.35 20.26
N ARG A 78 -40.02 -18.96 21.39
CA ARG A 78 -41.14 -19.89 21.38
C ARG A 78 -42.40 -19.03 21.46
N ILE A 79 -43.40 -19.38 20.64
CA ILE A 79 -44.65 -18.61 20.62
C ILE A 79 -45.77 -19.51 21.16
N GLN A 80 -46.49 -19.00 22.17
CA GLN A 80 -47.59 -19.77 22.75
C GLN A 80 -48.84 -18.89 22.80
N SER A 81 -48.96 -17.99 21.84
CA SER A 81 -50.09 -17.08 21.76
C SER A 81 -50.87 -17.25 20.46
N TRP A 82 -50.80 -18.46 19.90
CA TRP A 82 -51.49 -18.78 18.67
C TRP A 82 -53.00 -18.88 18.89
N GLN A 83 -53.76 -18.40 17.91
CA GLN A 83 -55.22 -18.48 17.92
C GLN A 83 -55.64 -19.19 16.63
N ARG A 84 -56.57 -20.13 16.72
CA ARG A 84 -56.99 -20.87 15.54
C ARG A 84 -57.83 -19.95 14.64
N VAL A 85 -57.58 -20.01 13.34
CA VAL A 85 -58.33 -19.20 12.37
C VAL A 85 -59.42 -20.08 11.79
N GLU A 86 -59.01 -21.13 11.09
CA GLU A 86 -59.93 -22.07 10.50
C GLU A 86 -59.17 -23.33 10.12
N GLY A 87 -59.84 -24.47 10.21
CA GLY A 87 -59.18 -25.71 9.87
C GLY A 87 -57.94 -25.91 10.70
N ASN A 88 -56.81 -26.12 10.02
CA ASN A 88 -55.55 -26.35 10.74
C ASN A 88 -54.65 -25.13 10.74
N VAL A 89 -55.19 -23.97 10.41
CA VAL A 89 -54.40 -22.74 10.34
C VAL A 89 -54.59 -21.90 11.58
N TRP A 90 -53.47 -21.46 12.16
CA TRP A 90 -53.47 -20.64 13.36
C TRP A 90 -52.69 -19.38 13.07
N ARG A 91 -52.87 -18.38 13.93
CA ARG A 91 -52.24 -17.09 13.74
C ARG A 91 -51.71 -16.53 15.05
N CYS A 92 -50.57 -15.84 14.99
CA CYS A 92 -50.13 -15.10 16.17
C CYS A 92 -49.87 -13.65 15.71
N GLN A 93 -49.87 -12.69 16.65
CA GLN A 93 -49.62 -11.29 16.32
C GLN A 93 -48.66 -10.72 17.33
N LEU A 94 -47.66 -10.01 16.83
CA LEU A 94 -46.63 -9.44 17.65
C LEU A 94 -46.41 -7.98 17.31
N PRO A 95 -46.26 -7.13 18.33
CA PRO A 95 -46.01 -5.72 18.02
C PRO A 95 -44.67 -5.65 17.27
N ASN A 96 -44.50 -4.72 16.36
CA ASN A 96 -43.24 -4.68 15.62
C ASN A 96 -42.01 -4.46 16.53
N SER A 97 -42.23 -3.88 17.71
CA SER A 97 -41.13 -3.65 18.65
C SER A 97 -40.52 -4.97 19.11
N PHE A 98 -41.26 -6.07 18.98
CA PHE A 98 -40.75 -7.39 19.35
C PHE A 98 -39.49 -7.72 18.50
N PHE A 99 -39.41 -7.16 17.30
CA PHE A 99 -38.30 -7.42 16.38
C PHE A 99 -37.27 -6.29 16.33
N GLY A 100 -37.65 -5.10 16.76
CA GLY A 100 -36.70 -3.99 16.72
C GLY A 100 -36.40 -3.54 15.29
N GLU A 101 -35.13 -3.24 15.02
CA GLU A 101 -34.69 -2.77 13.71
C GLU A 101 -34.65 -3.84 12.60
N PHE A 102 -34.66 -5.11 12.98
CA PHE A 102 -34.60 -6.20 12.02
C PHE A 102 -35.80 -7.13 12.17
N ASN A 103 -36.71 -7.08 11.21
CA ASN A 103 -37.92 -7.92 11.28
C ASN A 103 -37.84 -8.92 10.14
N PRO A 104 -37.56 -10.20 10.47
CA PRO A 104 -37.46 -11.24 9.43
C PRO A 104 -38.68 -11.41 8.53
N TYR A 105 -39.85 -10.96 8.99
CA TYR A 105 -41.08 -11.12 8.19
C TYR A 105 -41.26 -10.00 7.19
N LYS A 106 -40.45 -8.95 7.37
CA LYS A 106 -40.43 -7.82 6.43
C LYS A 106 -39.24 -7.98 5.48
N GLU A 107 -38.10 -8.38 6.02
CA GLU A 107 -36.89 -8.56 5.21
C GLU A 107 -37.00 -9.67 4.19
N GLU A 108 -36.63 -9.38 2.95
CA GLU A 108 -36.68 -10.39 1.90
C GLU A 108 -35.34 -11.07 1.68
N VAL A 109 -35.42 -12.26 1.07
CA VAL A 109 -34.23 -12.93 0.54
C VAL A 109 -34.07 -12.02 -0.74
N PHE A 110 -32.92 -11.37 -0.85
CA PHE A 110 -32.70 -10.35 -1.87
C PHE A 110 -31.27 -10.17 -2.22
N GLY A 111 -31.01 -9.84 -3.48
CA GLY A 111 -29.66 -9.45 -3.79
C GLY A 111 -29.03 -9.99 -5.04
N ASP A 112 -27.76 -9.64 -5.22
CA ASP A 112 -27.06 -10.05 -6.42
C ASP A 112 -27.03 -11.57 -6.57
N TRP A 113 -27.29 -12.02 -7.81
CA TRP A 113 -27.30 -13.44 -8.21
C TRP A 113 -28.43 -14.29 -7.62
N LEU A 114 -29.41 -13.65 -6.99
CA LEU A 114 -30.58 -14.40 -6.54
C LEU A 114 -31.42 -14.53 -7.82
N LEU A 115 -31.87 -15.74 -8.12
CA LEU A 115 -32.60 -15.94 -9.37
C LEU A 115 -34.10 -16.07 -9.25
N THR A 116 -34.59 -16.52 -8.09
CA THR A 116 -36.03 -16.68 -7.94
C THR A 116 -36.60 -15.32 -7.56
N VAL A 117 -36.86 -14.53 -8.59
CA VAL A 117 -37.38 -13.17 -8.45
C VAL A 117 -38.90 -12.98 -8.40
N ASN A 118 -39.64 -13.83 -9.09
CA ASN A 118 -41.11 -13.71 -9.12
C ASN A 118 -41.85 -13.84 -7.79
N GLU A 119 -41.57 -14.91 -7.06
CA GLU A 119 -42.22 -15.11 -5.76
C GLU A 119 -41.23 -14.71 -4.68
N LYS A 120 -41.52 -13.64 -3.95
CA LYS A 120 -40.58 -13.20 -2.92
C LYS A 120 -40.60 -14.13 -1.70
N LYS A 121 -39.44 -14.32 -1.09
CA LYS A 121 -39.36 -15.11 0.14
C LYS A 121 -38.77 -14.18 1.18
N HIS A 122 -39.02 -14.48 2.44
CA HIS A 122 -38.54 -13.64 3.54
C HIS A 122 -37.63 -14.43 4.47
N LEU A 123 -37.00 -13.72 5.39
CA LEU A 123 -36.03 -14.35 6.28
C LEU A 123 -36.64 -15.05 7.51
N GLY A 124 -37.94 -14.92 7.69
CA GLY A 124 -38.62 -15.58 8.80
C GLY A 124 -38.72 -17.09 8.61
N ASP A 125 -39.17 -17.76 9.65
CA ASP A 125 -39.36 -19.22 9.57
C ASP A 125 -40.20 -19.60 10.78
N VAL A 126 -40.86 -20.75 10.66
CA VAL A 126 -41.69 -21.29 11.74
C VAL A 126 -41.22 -22.73 11.94
N TYR A 127 -41.15 -23.15 13.19
CA TYR A 127 -40.71 -24.51 13.52
C TYR A 127 -41.72 -25.20 14.44
N LEU A 128 -41.96 -26.48 14.17
CA LEU A 128 -42.86 -27.32 14.99
C LEU A 128 -41.96 -28.42 15.54
N ASN A 129 -41.70 -28.41 16.85
CA ASN A 129 -40.82 -29.39 17.45
C ASN A 129 -39.49 -29.56 16.68
N GLY A 130 -38.96 -28.41 16.30
CA GLY A 130 -37.68 -28.34 15.61
C GLY A 130 -37.72 -28.40 14.09
N MET A 131 -38.84 -28.78 13.49
CA MET A 131 -38.94 -28.90 12.04
C MET A 131 -39.39 -27.60 11.38
N SER A 132 -38.57 -27.06 10.47
CA SER A 132 -38.93 -25.79 9.80
C SER A 132 -40.03 -25.99 8.79
N PHE A 133 -40.66 -24.89 8.43
CA PHE A 133 -41.80 -24.89 7.50
C PHE A 133 -41.43 -24.30 6.14
N TYR A 134 -42.37 -24.39 5.20
CA TYR A 134 -42.21 -23.79 3.87
C TYR A 134 -43.07 -22.53 3.81
N GLU A 135 -42.48 -21.45 3.32
CA GLU A 135 -43.23 -20.20 3.16
C GLU A 135 -44.17 -20.28 1.96
N VAL A 136 -45.38 -19.73 2.11
CA VAL A 136 -46.26 -19.63 0.96
C VAL A 136 -46.51 -18.14 0.70
N THR A 137 -46.88 -17.85 -0.55
CA THR A 137 -47.04 -16.48 -1.05
C THR A 137 -48.29 -15.75 -0.69
N ASN A 138 -49.39 -16.48 -0.65
CA ASN A 138 -50.69 -15.85 -0.37
C ASN A 138 -51.40 -16.51 0.78
N TYR A 139 -52.26 -15.73 1.43
CA TYR A 139 -53.04 -16.19 2.54
C TYR A 139 -53.81 -17.46 2.17
N GLU A 140 -54.40 -17.49 0.99
CA GLU A 140 -55.17 -18.66 0.58
C GLU A 140 -54.38 -19.97 0.49
N ASP A 141 -53.07 -19.87 0.30
CA ASP A 141 -52.22 -21.06 0.18
C ASP A 141 -51.99 -21.77 1.50
N LEU A 142 -52.39 -21.16 2.61
CA LEU A 142 -52.23 -21.76 3.91
C LEU A 142 -53.12 -22.96 4.19
N PHE A 143 -54.31 -22.95 3.60
CA PHE A 143 -55.31 -23.93 3.99
C PHE A 143 -55.30 -25.35 3.55
N ASN A 144 -54.93 -25.59 2.30
CA ASN A 144 -54.89 -26.95 1.82
C ASN A 144 -53.59 -27.21 1.07
N PRO A 145 -52.44 -27.05 1.75
CA PRO A 145 -51.16 -27.29 1.05
C PRO A 145 -51.03 -28.72 0.61
N GLN A 146 -50.36 -28.91 -0.51
CA GLN A 146 -50.20 -30.24 -1.07
C GLN A 146 -48.87 -30.91 -0.77
N LEU A 147 -48.94 -32.19 -0.46
CA LEU A 147 -47.75 -32.96 -0.19
C LEU A 147 -46.98 -33.10 -1.51
N ARG A 148 -45.69 -32.78 -1.49
CA ARG A 148 -44.86 -32.92 -2.68
C ARG A 148 -43.81 -33.95 -2.32
N THR A 149 -43.46 -34.81 -3.28
CA THR A 149 -42.47 -35.85 -3.02
C THR A 149 -41.24 -35.78 -3.93
N GLU A 150 -41.28 -34.91 -4.92
CA GLU A 150 -40.15 -34.75 -5.84
C GLU A 150 -40.00 -33.26 -6.18
N VAL A 151 -38.79 -32.86 -6.58
CA VAL A 151 -38.50 -31.46 -6.85
C VAL A 151 -37.42 -31.39 -7.93
N LEU A 152 -37.39 -30.28 -8.64
CA LEU A 152 -36.41 -30.09 -9.69
C LEU A 152 -35.12 -29.48 -9.12
N ASP A 153 -33.98 -30.14 -9.33
CA ASP A 153 -32.71 -29.54 -8.90
C ASP A 153 -32.43 -28.54 -10.01
N HIS A 154 -32.34 -27.26 -9.67
CA HIS A 154 -32.18 -26.23 -10.68
C HIS A 154 -30.97 -26.36 -11.60
N TRP A 155 -29.79 -26.58 -11.04
CA TRP A 155 -28.64 -26.65 -11.94
C TRP A 155 -28.62 -27.86 -12.86
N THR A 156 -28.86 -29.03 -12.31
CA THR A 156 -28.81 -30.25 -13.12
C THR A 156 -30.06 -30.47 -13.94
N GLN A 157 -31.14 -29.77 -13.60
CA GLN A 157 -32.44 -29.94 -14.28
C GLN A 157 -32.94 -31.39 -14.20
N LYS A 158 -32.61 -32.05 -13.09
CA LYS A 158 -33.05 -33.42 -12.83
C LYS A 158 -34.12 -33.40 -11.75
N ILE A 159 -35.16 -34.23 -11.90
CA ILE A 159 -36.19 -34.33 -10.87
C ILE A 159 -35.68 -35.34 -9.86
N VAL A 160 -35.62 -34.93 -8.60
CA VAL A 160 -35.11 -35.76 -7.55
C VAL A 160 -36.09 -35.84 -6.39
N PRO A 161 -35.93 -36.85 -5.53
CA PRO A 161 -36.83 -36.99 -4.40
C PRO A 161 -36.65 -35.87 -3.37
N ILE A 162 -37.74 -35.50 -2.73
CA ILE A 162 -37.68 -34.52 -1.66
C ILE A 162 -37.32 -35.37 -0.46
N LYS A 163 -36.27 -34.97 0.27
CA LYS A 163 -35.83 -35.75 1.41
C LYS A 163 -36.89 -35.88 2.51
N ASN A 164 -37.49 -34.77 2.91
CA ASN A 164 -38.52 -34.83 3.96
C ASN A 164 -39.85 -34.43 3.30
N ALA A 165 -40.55 -35.41 2.75
CA ALA A 165 -41.82 -35.11 2.07
C ALA A 165 -42.89 -34.56 3.00
N GLU A 166 -43.03 -35.12 4.19
CA GLU A 166 -44.08 -34.68 5.11
C GLU A 166 -43.96 -33.19 5.45
N GLN A 167 -42.73 -32.69 5.50
CA GLN A 167 -42.51 -31.28 5.82
C GLN A 167 -43.16 -30.33 4.79
N THR A 168 -43.35 -30.77 3.54
CA THR A 168 -43.94 -29.90 2.51
C THR A 168 -45.38 -29.48 2.80
N LYS A 169 -46.03 -30.15 3.74
CA LYS A 169 -47.41 -29.77 4.09
C LYS A 169 -47.47 -28.72 5.19
N TYR A 170 -46.32 -28.35 5.77
CA TYR A 170 -46.31 -27.40 6.87
C TYR A 170 -45.88 -26.07 6.29
N VAL A 171 -46.84 -25.14 6.22
CA VAL A 171 -46.60 -23.85 5.60
C VAL A 171 -46.88 -22.64 6.47
N TRP A 172 -46.23 -21.52 6.16
CA TRP A 172 -46.44 -20.29 6.91
C TRP A 172 -46.50 -19.10 5.93
N TYR A 173 -47.12 -18.02 6.41
CA TYR A 173 -47.30 -16.80 5.61
C TYR A 173 -47.45 -15.66 6.63
N ALA A 174 -46.83 -14.52 6.36
CA ALA A 174 -46.90 -13.42 7.32
C ALA A 174 -47.24 -12.09 6.67
N GLU A 175 -47.75 -11.18 7.49
CA GLU A 175 -48.10 -9.85 7.04
C GLU A 175 -47.57 -8.85 8.05
N VAL A 176 -46.84 -7.85 7.57
CA VAL A 176 -46.30 -6.83 8.47
C VAL A 176 -46.96 -5.51 8.12
N ASP A 177 -47.57 -4.87 9.12
CA ASP A 177 -48.21 -3.58 8.90
C ASP A 177 -47.48 -2.53 9.73
N ARG A 178 -48.00 -1.31 9.80
CA ARG A 178 -47.29 -0.27 10.54
C ARG A 178 -47.11 -0.52 12.01
N GLU A 179 -47.97 -1.34 12.60
CA GLU A 179 -47.85 -1.57 14.04
C GLU A 179 -47.45 -2.94 14.47
N LYS A 180 -47.82 -3.95 13.68
CA LYS A 180 -47.54 -5.30 14.14
C LYS A 180 -47.29 -6.28 13.01
N THR A 181 -46.83 -7.46 13.41
CA THR A 181 -46.55 -8.56 12.49
C THR A 181 -47.50 -9.70 12.78
N THR A 182 -48.18 -10.20 11.75
CA THR A 182 -49.10 -11.30 11.91
C THR A 182 -48.54 -12.51 11.17
N ILE A 183 -48.37 -13.63 11.88
CA ILE A 183 -47.83 -14.85 11.28
C ILE A 183 -48.88 -15.92 11.35
N TYR A 184 -49.15 -16.51 10.20
CA TYR A 184 -50.09 -17.62 10.07
C TYR A 184 -49.34 -18.88 9.72
N ALA A 185 -49.82 -20.03 10.18
CA ALA A 185 -49.17 -21.27 9.79
C ALA A 185 -50.13 -22.43 9.89
N ASN A 186 -49.92 -23.43 9.05
CA ASN A 186 -50.74 -24.64 9.08
C ASN A 186 -49.99 -25.69 9.88
N PHE A 187 -50.55 -26.09 11.02
CA PHE A 187 -49.93 -27.07 11.91
C PHE A 187 -50.47 -28.50 11.72
N GLN A 188 -51.28 -28.65 10.69
CA GLN A 188 -51.81 -29.96 10.27
C GLN A 188 -52.44 -30.80 11.37
N GLY A 189 -53.09 -30.15 12.33
CA GLY A 189 -53.77 -30.90 13.38
C GLY A 189 -53.16 -30.73 14.76
N ALA A 190 -51.91 -30.31 14.83
CA ALA A 190 -51.29 -30.11 16.14
C ALA A 190 -51.72 -28.78 16.75
N ASP A 191 -51.67 -28.69 18.08
CA ASP A 191 -52.01 -27.45 18.77
C ASP A 191 -50.64 -26.80 18.97
N PRO A 192 -50.39 -25.67 18.28
CA PRO A 192 -49.08 -24.99 18.39
C PRO A 192 -48.74 -24.40 19.74
N ASN A 193 -49.74 -24.21 20.58
CA ASN A 193 -49.47 -23.70 21.92
C ASN A 193 -49.02 -24.81 22.84
N GLU A 194 -49.49 -26.03 22.59
CA GLU A 194 -49.12 -27.20 23.38
C GLU A 194 -47.79 -27.80 22.88
N GLU A 195 -47.63 -27.88 21.55
CA GLU A 195 -46.36 -28.36 21.00
C GLU A 195 -45.32 -27.22 21.17
N PHE A 196 -44.07 -27.50 20.79
CA PHE A 196 -42.99 -26.52 20.95
C PHE A 196 -42.80 -25.83 19.61
N VAL A 197 -43.41 -24.67 19.48
CA VAL A 197 -43.40 -23.91 18.22
C VAL A 197 -42.59 -22.64 18.39
N GLU A 198 -41.64 -22.47 17.48
CA GLU A 198 -40.72 -21.33 17.51
C GLU A 198 -40.80 -20.56 16.20
N ILE A 199 -40.40 -19.29 16.23
CA ILE A 199 -40.34 -18.53 14.98
C ILE A 199 -38.98 -17.81 14.93
N ASN A 200 -38.45 -17.57 13.73
CA ASN A 200 -37.21 -16.77 13.65
C ASN A 200 -37.51 -15.35 14.18
N VAL A 201 -36.50 -14.78 14.85
CA VAL A 201 -36.59 -13.42 15.38
C VAL A 201 -35.33 -12.62 15.11
N ARG A 202 -34.17 -13.14 15.52
CA ARG A 202 -32.91 -12.40 15.34
C ARG A 202 -32.13 -12.85 14.12
N ARG A 203 -31.29 -11.94 13.61
CA ARG A 203 -30.53 -12.24 12.41
C ARG A 203 -29.41 -13.23 12.63
N SER A 204 -28.67 -13.03 13.73
CA SER A 204 -27.50 -13.86 14.05
C SER A 204 -27.53 -14.40 15.45
N CYS A 205 -26.68 -15.38 15.73
CA CYS A 205 -26.54 -15.91 17.09
C CYS A 205 -25.20 -15.49 17.75
N PHE A 206 -24.10 -15.43 17.00
CA PHE A 206 -22.79 -15.11 17.64
C PHE A 206 -21.99 -14.39 16.55
N TYR A 207 -21.98 -13.08 16.62
CA TYR A 207 -21.41 -12.32 15.51
C TYR A 207 -21.16 -10.91 15.98
N PRO A 208 -19.92 -10.42 15.86
CA PRO A 208 -19.64 -9.05 16.32
C PRO A 208 -20.32 -8.00 15.49
N VAL A 209 -20.64 -6.87 16.11
CA VAL A 209 -21.25 -5.79 15.37
C VAL A 209 -20.21 -4.76 14.94
N GLU A 210 -18.97 -4.97 15.34
CA GLU A 210 -17.85 -4.13 14.86
C GLU A 210 -16.92 -5.11 14.14
N THR A 211 -16.16 -4.62 13.17
CA THR A 211 -15.16 -5.50 12.52
C THR A 211 -13.85 -5.48 13.33
N GLY A 212 -12.89 -6.36 13.01
CA GLY A 212 -11.64 -6.34 13.75
C GLY A 212 -11.65 -6.98 15.14
N ILE A 213 -12.71 -7.72 15.49
CA ILE A 213 -12.73 -8.35 16.80
C ILE A 213 -12.05 -9.71 16.63
N ASP A 214 -10.72 -9.66 16.62
CA ASP A 214 -9.87 -10.83 16.39
C ASP A 214 -9.78 -11.84 17.53
N TYR A 215 -9.28 -13.04 17.16
CA TYR A 215 -8.85 -14.03 18.13
C TYR A 215 -9.86 -14.41 19.19
N ILE A 216 -11.02 -14.77 18.69
CA ILE A 216 -12.10 -15.29 19.53
C ILE A 216 -12.19 -16.80 19.27
N THR A 217 -12.35 -17.60 20.33
CA THR A 217 -12.62 -19.03 20.18
C THR A 217 -14.04 -19.27 20.67
N VAL A 218 -14.80 -20.04 19.89
CA VAL A 218 -16.20 -20.36 20.23
C VAL A 218 -16.29 -21.87 20.16
N LYS A 219 -16.57 -22.49 21.30
CA LYS A 219 -16.53 -23.94 21.40
C LYS A 219 -17.64 -24.62 22.16
N GLY A 220 -18.17 -25.67 21.57
CA GLY A 220 -19.09 -26.54 22.32
C GLY A 220 -20.55 -26.23 22.40
N PHE A 221 -21.02 -25.31 21.60
CA PHE A 221 -22.43 -24.90 21.61
C PHE A 221 -23.28 -25.50 20.53
N GLU A 222 -24.59 -25.58 20.81
CA GLU A 222 -25.52 -25.87 19.71
C GLU A 222 -26.06 -24.45 19.42
N MET A 223 -26.14 -24.08 18.13
CA MET A 223 -26.68 -22.75 17.78
C MET A 223 -27.66 -22.95 16.64
N ALA A 224 -28.80 -22.27 16.70
CA ALA A 224 -29.78 -22.49 15.71
C ALA A 224 -30.78 -21.37 15.54
N HIS A 225 -31.48 -21.42 14.41
CA HIS A 225 -32.60 -20.51 14.09
C HIS A 225 -32.19 -19.06 13.88
N ALA A 226 -31.49 -18.78 12.79
CA ALA A 226 -31.04 -17.43 12.53
C ALA A 226 -31.57 -16.97 11.18
N ALA A 227 -32.11 -15.75 11.18
CA ALA A 227 -32.71 -15.17 9.99
C ALA A 227 -31.63 -14.44 9.19
N THR A 228 -30.72 -15.24 8.64
CA THR A 228 -29.60 -14.68 7.89
C THR A 228 -29.98 -14.34 6.46
N PRO A 229 -29.46 -13.22 5.94
CA PRO A 229 -29.75 -12.72 4.59
C PRO A 229 -28.96 -13.37 3.47
N TRP A 230 -29.46 -13.22 2.26
CA TRP A 230 -28.75 -13.73 1.08
C TRP A 230 -27.36 -13.08 1.09
N ALA A 231 -26.35 -13.90 0.86
CA ALA A 231 -24.97 -13.44 1.02
C ALA A 231 -24.05 -13.64 -0.16
N PRO A 232 -24.23 -12.85 -1.23
CA PRO A 232 -23.39 -12.92 -2.42
C PRO A 232 -22.04 -12.21 -2.09
N PRO A 233 -21.03 -12.38 -2.96
CA PRO A 233 -19.69 -11.81 -2.76
C PRO A 233 -19.60 -10.32 -2.87
N THR A 234 -20.66 -9.72 -3.43
CA THR A 234 -20.74 -8.28 -3.67
C THR A 234 -21.55 -7.57 -2.60
N ALA A 235 -21.85 -8.25 -1.50
CA ALA A 235 -22.61 -7.66 -0.40
C ALA A 235 -21.97 -7.93 0.93
N ASP A 236 -22.51 -7.29 1.97
CA ASP A 236 -22.15 -7.65 3.33
C ASP A 236 -22.57 -9.16 3.41
N GLN A 237 -21.79 -9.97 4.11
CA GLN A 237 -22.11 -11.39 4.23
C GLN A 237 -22.28 -11.88 5.68
N PRO A 238 -23.33 -11.42 6.36
CA PRO A 238 -23.52 -11.91 7.73
C PRO A 238 -23.94 -13.37 7.74
N GLY A 239 -23.73 -14.06 8.86
CA GLY A 239 -24.17 -15.43 8.98
C GLY A 239 -24.71 -15.60 10.40
N LEU A 240 -25.02 -16.84 10.74
CA LEU A 240 -25.49 -17.19 12.08
C LEU A 240 -24.33 -16.95 13.06
N ILE A 241 -23.12 -17.32 12.64
CA ILE A 241 -21.93 -17.12 13.43
C ILE A 241 -20.81 -16.74 12.48
N GLY A 242 -19.94 -15.82 12.90
CA GLY A 242 -18.84 -15.48 12.00
C GLY A 242 -17.96 -14.44 12.64
N PRO A 243 -16.75 -14.24 12.08
CA PRO A 243 -15.81 -13.27 12.67
C PRO A 243 -16.00 -11.83 12.30
N ASN A 244 -16.85 -11.57 11.32
CA ASN A 244 -17.10 -10.23 10.81
C ASN A 244 -15.82 -9.42 10.49
N TRP A 245 -15.04 -9.92 9.51
CA TRP A 245 -13.88 -9.18 8.98
C TRP A 245 -12.83 -8.97 10.04
N SER A 246 -12.19 -10.07 10.42
CA SER A 246 -11.17 -10.06 11.46
C SER A 246 -10.25 -11.23 11.24
N LYS A 247 -9.39 -11.50 12.20
CA LYS A 247 -8.42 -12.57 12.07
C LYS A 247 -8.37 -13.51 13.26
N GLY A 248 -8.08 -14.78 12.98
CA GLY A 248 -7.77 -15.73 14.05
C GLY A 248 -8.83 -16.36 14.87
N TRP A 249 -10.05 -16.43 14.36
CA TRP A 249 -11.07 -17.12 15.16
C TRP A 249 -10.88 -18.63 15.10
N ILE A 250 -11.40 -19.32 16.12
CA ILE A 250 -11.45 -20.78 16.10
C ILE A 250 -12.92 -21.11 16.42
N ILE A 251 -13.64 -21.73 15.48
CA ILE A 251 -15.06 -22.08 15.69
C ILE A 251 -15.01 -23.60 15.68
N GLU A 252 -15.26 -24.20 16.84
CA GLU A 252 -15.07 -25.65 16.97
C GLU A 252 -16.05 -26.38 17.85
N ASP A 253 -16.29 -27.65 17.52
CA ASP A 253 -17.14 -28.52 18.34
C ASP A 253 -18.56 -27.98 18.55
N ASN A 254 -19.09 -27.30 17.56
CA ASN A 254 -20.46 -26.77 17.65
C ASN A 254 -21.40 -27.53 16.73
N ILE A 255 -22.68 -27.50 17.09
CA ILE A 255 -23.75 -28.10 16.25
C ILE A 255 -24.54 -26.87 15.83
N ILE A 256 -24.56 -26.61 14.53
CA ILE A 256 -25.17 -25.40 13.97
C ILE A 256 -26.21 -25.77 12.93
N HIS A 257 -27.40 -25.22 13.05
CA HIS A 257 -28.44 -25.53 12.08
C HIS A 257 -29.53 -24.47 11.95
N ASP A 258 -30.29 -24.59 10.88
CA ASP A 258 -31.39 -23.69 10.62
C ASP A 258 -31.03 -22.22 10.48
N ALA A 259 -29.99 -21.96 9.72
CA ALA A 259 -29.68 -20.58 9.33
C ALA A 259 -30.47 -20.40 8.03
N LYS A 260 -31.19 -19.29 7.91
CA LYS A 260 -32.03 -19.11 6.71
C LYS A 260 -31.21 -19.22 5.42
N CYS A 261 -30.09 -18.51 5.40
CA CYS A 261 -29.19 -18.53 4.25
C CYS A 261 -27.87 -19.20 4.70
N SER A 262 -26.83 -18.44 5.09
CA SER A 262 -25.56 -19.05 5.47
C SER A 262 -25.39 -19.16 6.96
N ALA A 263 -24.81 -20.28 7.37
CA ALA A 263 -24.59 -20.54 8.79
C ALA A 263 -23.28 -19.89 9.27
N ILE A 264 -22.13 -20.44 8.90
CA ILE A 264 -20.86 -19.81 9.32
C ILE A 264 -20.39 -18.93 8.18
N SER A 265 -20.21 -17.65 8.47
CA SER A 265 -19.65 -16.77 7.46
C SER A 265 -18.26 -16.32 7.80
N ILE A 266 -17.33 -16.52 6.85
CA ILE A 266 -15.97 -15.92 6.95
C ILE A 266 -15.86 -15.01 5.72
N GLY A 267 -16.91 -14.21 5.52
CA GLY A 267 -17.00 -13.34 4.35
C GLY A 267 -16.60 -11.90 4.55
N LYS A 268 -17.14 -11.05 3.66
CA LYS A 268 -16.78 -9.64 3.74
C LYS A 268 -17.85 -8.78 4.39
N GLU A 269 -17.52 -7.50 4.57
CA GLU A 269 -18.45 -6.56 5.20
C GLU A 269 -18.98 -5.56 4.18
N ALA A 270 -19.90 -4.71 4.63
CA ALA A 270 -20.58 -3.84 3.69
C ALA A 270 -19.80 -2.73 3.00
N THR A 271 -18.78 -2.18 3.66
CA THR A 271 -18.15 -1.01 3.08
C THR A 271 -17.41 -1.21 1.78
N THR A 272 -17.01 -2.44 1.49
CA THR A 272 -16.31 -2.70 0.23
C THR A 272 -17.25 -3.01 -0.92
N GLY A 273 -18.56 -2.96 -0.67
CA GLY A 273 -19.55 -3.18 -1.73
C GLY A 273 -20.81 -3.80 -1.17
N ASN A 274 -21.99 -3.29 -1.54
CA ASN A 274 -23.20 -3.87 -0.97
C ASN A 274 -24.36 -3.92 -1.97
N ASN A 275 -24.35 -4.99 -2.77
CA ASN A 275 -25.40 -5.22 -3.77
C ASN A 275 -25.55 -4.05 -4.75
N TYR A 276 -24.43 -3.45 -5.16
CA TYR A 276 -24.56 -2.31 -6.06
C TYR A 276 -25.26 -2.69 -7.39
N ARG A 277 -25.00 -3.87 -7.93
CA ARG A 277 -25.69 -4.23 -9.16
C ARG A 277 -27.21 -4.20 -8.97
N SER A 278 -27.66 -4.80 -7.86
CA SER A 278 -29.10 -4.89 -7.63
C SER A 278 -29.75 -3.56 -7.28
N ILE A 279 -28.99 -2.69 -6.62
CA ILE A 279 -29.53 -1.40 -6.19
C ILE A 279 -29.36 -0.29 -7.23
N ARG A 280 -28.17 -0.19 -7.81
CA ARG A 280 -27.84 0.88 -8.80
C ARG A 280 -28.18 0.48 -10.23
N LYS A 281 -28.02 -0.81 -10.53
CA LYS A 281 -28.40 -1.40 -11.82
C LYS A 281 -27.67 -0.90 -13.06
N ASP A 282 -26.51 -0.26 -12.86
CA ASP A 282 -25.73 0.29 -13.96
C ASP A 282 -24.62 -0.62 -14.48
N LYS A 283 -24.18 -1.57 -13.64
CA LYS A 283 -23.08 -2.47 -13.97
C LYS A 283 -23.42 -3.80 -13.35
N PRO A 284 -22.96 -4.90 -13.97
CA PRO A 284 -23.24 -6.23 -13.45
C PRO A 284 -22.47 -6.56 -12.18
N GLY A 285 -22.98 -7.56 -11.46
CA GLY A 285 -22.29 -8.03 -10.24
C GLY A 285 -20.84 -8.43 -10.58
N TYR A 286 -20.61 -9.02 -11.75
CA TYR A 286 -19.24 -9.34 -12.15
C TYR A 286 -18.29 -8.12 -12.01
N GLN A 287 -18.73 -6.98 -12.51
CA GLN A 287 -17.89 -5.78 -12.50
C GLN A 287 -17.72 -5.24 -11.09
N TYR A 288 -18.79 -5.27 -10.31
CA TYR A 288 -18.73 -4.80 -8.93
C TYR A 288 -17.91 -5.75 -8.05
N GLN A 289 -17.87 -7.03 -8.39
CA GLN A 289 -17.09 -7.97 -7.60
C GLN A 289 -15.61 -7.73 -7.76
N LEU A 290 -15.14 -7.58 -8.99
CA LEU A 290 -13.71 -7.37 -9.15
C LEU A 290 -13.32 -6.03 -8.51
N GLU A 291 -14.23 -5.07 -8.47
CA GLU A 291 -13.92 -3.81 -7.77
C GLU A 291 -13.83 -3.99 -6.26
N ALA A 292 -14.69 -4.84 -5.71
CA ALA A 292 -14.70 -5.09 -4.26
C ALA A 292 -13.34 -5.63 -3.79
N VAL A 293 -12.66 -6.43 -4.62
CA VAL A 293 -11.34 -6.95 -4.26
C VAL A 293 -10.36 -5.79 -4.06
N PHE A 294 -10.34 -4.82 -4.99
CA PHE A 294 -9.45 -3.67 -4.81
C PHE A 294 -9.92 -2.79 -3.65
N ASN A 295 -11.24 -2.62 -3.45
CA ASN A 295 -11.73 -1.80 -2.32
C ASN A 295 -11.22 -2.45 -1.01
N ALA A 296 -11.24 -3.79 -0.94
CA ALA A 296 -10.80 -4.47 0.29
C ALA A 296 -9.30 -4.33 0.48
N LYS A 297 -8.53 -4.38 -0.61
CA LYS A 297 -7.07 -4.22 -0.49
C LYS A 297 -6.74 -2.86 0.10
N ARG A 298 -7.52 -1.84 -0.29
CA ARG A 298 -7.25 -0.51 0.26
C ARG A 298 -7.63 -0.41 1.73
N ASN A 299 -8.52 -1.30 2.18
CA ASN A 299 -9.06 -1.40 3.55
C ASN A 299 -8.16 -2.39 4.38
N GLY A 300 -6.97 -2.72 3.89
CA GLY A 300 -6.07 -3.60 4.63
C GLY A 300 -6.26 -5.10 4.53
N TRP A 301 -7.09 -5.56 3.59
CA TRP A 301 -7.28 -7.02 3.38
C TRP A 301 -5.91 -7.63 3.06
N SER A 302 -5.39 -8.41 4.01
CA SER A 302 -4.04 -8.97 3.96
C SER A 302 -3.92 -9.98 5.06
N LYS A 303 -2.89 -10.84 4.96
CA LYS A 303 -2.68 -11.84 6.01
C LYS A 303 -2.55 -11.23 7.42
N GLU A 304 -1.97 -10.04 7.49
CA GLU A 304 -1.80 -9.41 8.78
C GLU A 304 -3.08 -9.04 9.51
N LYS A 305 -4.15 -8.82 8.77
CA LYS A 305 -5.38 -8.31 9.36
C LYS A 305 -6.63 -9.16 9.22
N ILE A 306 -6.67 -10.00 8.19
CA ILE A 306 -7.91 -10.72 7.90
C ILE A 306 -7.68 -12.18 7.63
N GLY A 307 -8.57 -13.01 8.19
CA GLY A 307 -8.53 -14.44 7.86
C GLY A 307 -7.81 -15.32 8.88
N SER A 308 -7.17 -16.38 8.39
CA SER A 308 -6.46 -17.32 9.25
C SER A 308 -7.39 -17.84 10.37
N HIS A 309 -8.64 -18.10 9.99
CA HIS A 309 -9.61 -18.67 10.91
C HIS A 309 -9.52 -20.19 10.84
N ILE A 310 -9.99 -20.85 11.88
CA ILE A 310 -10.04 -22.32 11.90
C ILE A 310 -11.48 -22.72 12.20
N ILE A 311 -12.08 -23.52 11.29
CA ILE A 311 -13.46 -24.03 11.49
C ILE A 311 -13.28 -25.56 11.54
N ARG A 312 -13.47 -26.15 12.72
CA ARG A 312 -13.20 -27.58 12.87
C ARG A 312 -14.12 -28.32 13.80
N ASN A 313 -14.35 -29.59 13.48
CA ASN A 313 -15.14 -30.46 14.36
C ASN A 313 -16.56 -29.97 14.63
N ASN A 314 -17.18 -29.31 13.66
CA ASN A 314 -18.56 -28.86 13.79
C ASN A 314 -19.47 -29.73 12.94
N THR A 315 -20.76 -29.70 13.27
CA THR A 315 -21.82 -30.37 12.49
C THR A 315 -22.73 -29.23 12.11
N ILE A 316 -22.92 -29.04 10.79
CA ILE A 316 -23.71 -27.90 10.26
C ILE A 316 -24.71 -28.43 9.25
N TYR A 317 -25.98 -28.11 9.45
CA TYR A 317 -26.99 -28.67 8.56
C TYR A 317 -28.27 -27.85 8.54
N ASP A 318 -29.13 -28.18 7.57
CA ASP A 318 -30.43 -27.54 7.42
C ASP A 318 -30.33 -26.02 7.29
N CYS A 319 -29.57 -25.58 6.30
CA CYS A 319 -29.38 -24.15 5.98
C CYS A 319 -29.80 -23.95 4.56
N GLY A 320 -30.31 -22.75 4.24
CA GLY A 320 -30.81 -22.53 2.88
C GLY A 320 -29.84 -22.06 1.82
N GLN A 321 -28.68 -21.54 2.22
CA GLN A 321 -27.70 -21.07 1.25
C GLN A 321 -26.38 -21.85 1.39
N ASN A 322 -25.80 -21.84 2.58
CA ASN A 322 -24.52 -22.53 2.81
C ASN A 322 -24.33 -22.93 4.26
N ALA A 323 -23.50 -23.96 4.46
CA ALA A 323 -23.03 -24.25 5.82
C ALA A 323 -21.87 -23.26 6.11
N ILE A 324 -21.01 -23.02 5.13
CA ILE A 324 -19.88 -22.07 5.29
C ILE A 324 -19.84 -21.22 4.02
N VAL A 325 -19.77 -19.90 4.21
CA VAL A 325 -19.73 -18.98 3.06
C VAL A 325 -18.66 -17.91 3.29
N GLY A 326 -18.22 -17.28 2.20
CA GLY A 326 -17.39 -16.10 2.38
C GLY A 326 -16.49 -15.69 1.23
N HIS A 327 -16.52 -14.39 0.94
CA HIS A 327 -15.63 -13.79 -0.05
C HIS A 327 -14.64 -12.94 0.72
N LEU A 328 -13.35 -13.12 0.42
CA LEU A 328 -12.19 -12.37 0.99
C LEU A 328 -11.87 -12.62 2.45
N GLY A 329 -12.89 -12.68 3.31
CA GLY A 329 -12.67 -12.81 4.74
C GLY A 329 -12.11 -14.13 5.23
N GLY A 330 -12.02 -15.10 4.32
CA GLY A 330 -11.55 -16.41 4.74
C GLY A 330 -10.15 -16.74 4.30
N VAL A 331 -9.42 -15.79 3.72
CA VAL A 331 -8.08 -16.13 3.26
C VAL A 331 -7.21 -16.79 4.37
N PHE A 332 -6.43 -17.77 3.99
CA PHE A 332 -5.48 -18.48 4.85
C PHE A 332 -6.13 -19.31 5.95
N SER A 333 -7.44 -19.51 5.85
CA SER A 333 -8.15 -20.29 6.86
C SER A 333 -8.04 -21.81 6.66
N GLU A 334 -8.46 -22.53 7.69
CA GLU A 334 -8.44 -24.01 7.68
C GLU A 334 -9.81 -24.53 8.08
N ILE A 335 -10.36 -25.45 7.28
CA ILE A 335 -11.69 -25.99 7.52
C ILE A 335 -11.55 -27.51 7.50
N TYR A 336 -11.74 -28.13 8.65
CA TYR A 336 -11.49 -29.57 8.70
C TYR A 336 -12.31 -30.31 9.73
N ASN A 337 -12.51 -31.61 9.47
CA ASN A 337 -13.25 -32.48 10.40
C ASN A 337 -14.70 -32.02 10.66
N ASN A 338 -15.31 -31.35 9.68
CA ASN A 338 -16.68 -30.92 9.85
C ASN A 338 -17.62 -31.87 9.12
N HIS A 339 -18.84 -31.96 9.61
CA HIS A 339 -19.89 -32.82 9.01
C HIS A 339 -20.95 -31.82 8.55
N ILE A 340 -21.08 -31.71 7.22
CA ILE A 340 -21.99 -30.73 6.58
C ILE A 340 -23.04 -31.49 5.76
N TYR A 341 -24.32 -31.23 6.00
CA TYR A 341 -25.34 -31.92 5.23
C TYR A 341 -26.65 -31.17 5.20
N ASN A 342 -27.53 -31.58 4.27
CA ASN A 342 -28.88 -30.98 4.14
C ASN A 342 -28.79 -29.46 3.91
N ILE A 343 -28.02 -29.08 2.91
CA ILE A 343 -27.88 -27.67 2.58
C ILE A 343 -28.65 -27.37 1.31
N ALA A 344 -29.62 -26.47 1.46
CA ALA A 344 -30.47 -25.97 0.39
C ALA A 344 -31.39 -27.01 -0.23
N LEU A 345 -31.81 -27.97 0.58
CA LEU A 345 -32.69 -29.00 0.03
C LEU A 345 -34.12 -28.55 -0.11
N LYS A 346 -34.59 -27.60 0.71
CA LYS A 346 -36.01 -27.18 0.57
C LYS A 346 -36.26 -26.43 -0.74
N ARG A 347 -35.20 -25.80 -1.27
CA ARG A 347 -35.29 -25.06 -2.52
C ARG A 347 -36.40 -24.00 -2.53
N GLU A 348 -36.51 -23.27 -1.42
CA GLU A 348 -37.52 -22.21 -1.36
C GLU A 348 -37.08 -21.04 -2.23
N PHE A 349 -35.78 -20.90 -2.38
CA PHE A 349 -35.22 -19.85 -3.23
C PHE A 349 -33.96 -20.43 -3.85
N TYR A 350 -33.54 -19.81 -4.96
CA TYR A 350 -32.38 -20.31 -5.65
C TYR A 350 -31.59 -19.17 -6.27
N GLY A 351 -30.27 -19.33 -6.29
CA GLY A 351 -29.43 -18.32 -6.91
C GLY A 351 -28.03 -18.90 -6.97
N HIS A 352 -27.12 -18.12 -7.56
CA HIS A 352 -25.74 -18.61 -7.76
C HIS A 352 -24.80 -18.44 -6.56
N GLU A 353 -25.30 -18.73 -5.36
CA GLU A 353 -24.45 -18.61 -4.15
C GLU A 353 -24.65 -19.82 -3.24
N ILE A 354 -25.34 -20.85 -3.74
CA ILE A 354 -25.68 -22.01 -2.92
C ILE A 354 -24.68 -23.15 -3.04
N ALA A 355 -24.24 -23.64 -1.88
CA ALA A 355 -23.36 -24.82 -1.77
C ALA A 355 -23.08 -25.13 -0.30
N GLY A 356 -22.73 -26.39 -0.01
CA GLY A 356 -22.34 -26.74 1.36
C GLY A 356 -21.30 -25.75 1.89
N ILE A 357 -20.23 -25.60 1.11
CA ILE A 357 -19.19 -24.62 1.40
C ILE A 357 -19.02 -23.80 0.12
N LYS A 358 -19.19 -22.48 0.19
CA LYS A 358 -18.86 -21.62 -0.96
C LYS A 358 -17.88 -20.57 -0.50
N LEU A 359 -16.74 -20.50 -1.17
CA LEU A 359 -15.73 -19.46 -0.83
C LEU A 359 -15.21 -18.78 -2.07
N HIS A 360 -15.17 -17.44 -2.01
CA HIS A 360 -14.57 -16.64 -3.07
C HIS A 360 -13.25 -16.13 -2.52
N ALA A 361 -12.20 -16.19 -3.35
CA ALA A 361 -10.85 -15.80 -2.93
C ALA A 361 -10.39 -16.60 -1.71
N ALA A 362 -10.45 -17.93 -1.85
CA ALA A 362 -10.03 -18.87 -0.80
C ALA A 362 -8.50 -19.06 -0.88
N ILE A 363 -7.75 -17.97 -0.81
CA ILE A 363 -6.30 -18.02 -0.97
C ILE A 363 -5.65 -18.85 0.13
N ASP A 364 -4.91 -19.88 -0.27
CA ASP A 364 -4.21 -20.80 0.64
C ASP A 364 -5.13 -21.42 1.69
N VAL A 365 -6.42 -21.50 1.39
CA VAL A 365 -7.35 -22.12 2.35
C VAL A 365 -7.18 -23.66 2.28
N GLN A 366 -7.19 -24.31 3.44
CA GLN A 366 -7.03 -25.77 3.49
C GLN A 366 -8.39 -26.34 3.89
N ILE A 367 -8.99 -27.15 3.01
CA ILE A 367 -10.31 -27.76 3.30
C ILE A 367 -10.05 -29.25 3.29
N HIS A 368 -10.09 -29.88 4.47
CA HIS A 368 -9.70 -31.30 4.50
C HIS A 368 -10.45 -32.08 5.56
N HIS A 369 -10.56 -33.39 5.31
CA HIS A 369 -11.21 -34.29 6.25
C HIS A 369 -12.63 -33.88 6.65
N ASN A 370 -13.40 -33.40 5.68
CA ASN A 370 -14.79 -33.05 5.91
C ASN A 370 -15.70 -34.06 5.24
N ARG A 371 -16.88 -34.22 5.82
CA ARG A 371 -17.93 -35.15 5.32
C ARG A 371 -19.05 -34.22 4.82
N ILE A 372 -19.28 -34.23 3.50
CA ILE A 372 -20.23 -33.30 2.88
C ILE A 372 -21.21 -34.10 2.01
N HIS A 373 -22.48 -34.13 2.45
CA HIS A 373 -23.47 -34.91 1.73
C HIS A 373 -24.86 -34.32 1.78
N ASP A 374 -25.73 -34.80 0.91
CA ASP A 374 -27.10 -34.31 0.85
C ASP A 374 -27.17 -32.79 0.71
N CYS A 375 -26.39 -32.33 -0.28
CA CYS A 375 -26.35 -30.93 -0.67
C CYS A 375 -26.63 -30.85 -2.16
N SER A 376 -27.18 -29.73 -2.63
CA SER A 376 -27.33 -29.60 -4.07
C SER A 376 -25.96 -29.38 -4.72
N LEU A 377 -25.00 -28.82 -3.98
CA LEU A 377 -23.63 -28.67 -4.47
C LEU A 377 -22.76 -28.74 -3.22
N GLY A 378 -21.80 -29.66 -3.19
CA GLY A 378 -20.97 -29.78 -1.99
C GLY A 378 -20.04 -28.63 -1.68
N LEU A 379 -19.21 -28.29 -2.65
CA LEU A 379 -18.16 -27.27 -2.48
C LEU A 379 -18.08 -26.43 -3.74
N TRP A 380 -18.05 -25.12 -3.54
CA TRP A 380 -17.92 -24.21 -4.68
C TRP A 380 -16.82 -23.20 -4.37
N LEU A 381 -15.73 -23.26 -5.14
CA LEU A 381 -14.60 -22.31 -5.02
C LEU A 381 -14.82 -21.39 -6.23
N ASP A 382 -14.98 -20.09 -5.99
CA ASP A 382 -15.42 -19.19 -7.06
C ASP A 382 -14.56 -17.95 -6.98
N TRP A 383 -13.69 -17.81 -7.98
CA TRP A 383 -12.65 -16.78 -8.10
C TRP A 383 -11.50 -17.01 -7.13
N GLU A 384 -10.32 -16.75 -7.64
CA GLU A 384 -9.16 -16.65 -6.79
C GLU A 384 -8.89 -17.80 -5.85
N ALA A 385 -9.14 -18.99 -6.36
CA ALA A 385 -8.79 -20.21 -5.64
C ALA A 385 -7.30 -20.44 -5.97
N GLN A 386 -6.45 -19.67 -5.28
CA GLN A 386 -5.01 -19.73 -5.47
C GLN A 386 -4.39 -20.29 -4.22
N GLY A 387 -3.76 -21.46 -4.36
CA GLY A 387 -3.15 -22.11 -3.21
C GLY A 387 -4.15 -22.96 -2.44
N THR A 388 -5.42 -22.91 -2.85
CA THR A 388 -6.45 -23.66 -2.11
C THR A 388 -6.13 -25.15 -2.22
N ARG A 389 -6.34 -25.89 -1.12
CA ARG A 389 -6.11 -27.34 -1.13
C ARG A 389 -7.33 -28.02 -0.58
N VAL A 390 -7.95 -28.88 -1.39
CA VAL A 390 -9.17 -29.64 -1.02
C VAL A 390 -8.64 -31.05 -0.91
N SER A 391 -8.54 -31.55 0.32
CA SER A 391 -7.83 -32.83 0.52
C SER A 391 -8.53 -33.78 1.47
N LYS A 392 -8.59 -35.06 1.09
CA LYS A 392 -9.11 -36.07 2.01
C LYS A 392 -10.52 -35.82 2.51
N ASN A 393 -11.40 -35.31 1.61
CA ASN A 393 -12.80 -35.07 1.97
C ASN A 393 -13.66 -36.18 1.38
N LEU A 394 -14.83 -36.34 1.98
CA LEU A 394 -15.80 -37.38 1.60
C LEU A 394 -17.07 -36.69 1.10
N PHE A 395 -17.35 -36.83 -0.19
CA PHE A 395 -18.54 -36.24 -0.83
C PHE A 395 -19.44 -37.35 -1.34
N TYR A 396 -20.72 -37.33 -0.96
CA TYR A 396 -21.66 -38.33 -1.46
C TYR A 396 -23.06 -37.80 -1.37
N ASN A 397 -23.96 -38.42 -2.13
CA ASN A 397 -25.37 -38.03 -2.14
C ASN A 397 -25.58 -36.54 -2.40
N ASN A 398 -24.76 -35.94 -3.26
CA ASN A 398 -24.93 -34.53 -3.61
C ASN A 398 -25.35 -34.46 -5.06
N ASN A 399 -26.13 -33.45 -5.44
CA ASN A 399 -26.45 -33.37 -6.87
C ASN A 399 -25.19 -33.12 -7.66
N ARG A 400 -24.23 -32.36 -7.09
CA ARG A 400 -22.91 -32.12 -7.67
C ARG A 400 -21.96 -32.04 -6.49
N ASP A 401 -20.76 -32.60 -6.65
CA ASP A 401 -19.80 -32.52 -5.55
C ASP A 401 -18.97 -31.24 -5.48
N VAL A 402 -18.19 -30.95 -6.53
CA VAL A 402 -17.26 -29.82 -6.48
C VAL A 402 -17.35 -28.94 -7.70
N PHE A 403 -17.27 -27.63 -7.51
CA PHE A 403 -17.28 -26.66 -8.61
C PHE A 403 -16.11 -25.69 -8.37
N VAL A 404 -15.14 -25.62 -9.28
CA VAL A 404 -14.05 -24.62 -9.17
C VAL A 404 -14.27 -23.69 -10.37
N GLU A 405 -14.62 -22.44 -10.08
CA GLU A 405 -15.01 -21.47 -11.11
C GLU A 405 -14.11 -20.27 -11.23
N VAL A 406 -13.86 -19.86 -12.48
CA VAL A 406 -13.04 -18.69 -12.87
C VAL A 406 -11.79 -18.49 -12.02
N SER A 407 -11.11 -19.59 -11.77
CA SER A 407 -9.84 -19.56 -11.02
C SER A 407 -8.68 -20.00 -11.93
N HIS A 408 -7.48 -19.63 -11.52
CA HIS A 408 -6.26 -19.84 -12.28
C HIS A 408 -5.27 -20.71 -11.54
N GLY A 409 -5.59 -21.06 -10.28
CA GLY A 409 -4.70 -21.90 -9.49
C GLY A 409 -3.41 -21.19 -9.07
N PRO A 410 -2.41 -21.93 -8.62
CA PRO A 410 -2.42 -23.41 -8.47
C PRO A 410 -3.36 -23.86 -7.37
N TYR A 411 -4.33 -24.70 -7.72
CA TYR A 411 -5.23 -25.25 -6.70
C TYR A 411 -5.12 -26.77 -6.78
N LEU A 412 -5.27 -27.37 -5.62
CA LEU A 412 -5.04 -28.82 -5.49
C LEU A 412 -6.23 -29.53 -4.93
N VAL A 413 -6.60 -30.65 -5.58
CA VAL A 413 -7.72 -31.48 -5.15
C VAL A 413 -7.09 -32.88 -5.04
N ASP A 414 -6.83 -33.32 -3.81
CA ASP A 414 -6.11 -34.60 -3.63
C ASP A 414 -6.74 -35.52 -2.61
N HIS A 415 -6.66 -36.83 -2.92
CA HIS A 415 -7.11 -37.86 -1.97
C HIS A 415 -8.54 -37.72 -1.49
N ASN A 416 -9.41 -37.21 -2.36
CA ASN A 416 -10.83 -37.09 -2.00
C ASN A 416 -11.63 -38.23 -2.59
N ILE A 417 -12.84 -38.40 -2.04
CA ILE A 417 -13.83 -39.33 -2.58
C ILE A 417 -14.95 -38.43 -3.13
N LEU A 418 -15.04 -38.35 -4.46
CA LEU A 418 -16.08 -37.57 -5.14
C LEU A 418 -17.00 -38.62 -5.74
N SER A 419 -18.00 -39.00 -4.99
CA SER A 419 -18.85 -40.11 -5.41
C SER A 419 -20.17 -39.79 -6.06
N SER A 420 -20.53 -38.53 -6.21
CA SER A 420 -21.81 -38.25 -6.83
C SER A 420 -21.73 -38.37 -8.38
N GLU A 421 -22.89 -38.52 -9.04
CA GLU A 421 -22.92 -38.73 -10.49
C GLU A 421 -22.42 -37.55 -11.33
N TYR A 422 -22.46 -36.37 -10.73
CA TYR A 422 -21.94 -35.16 -11.39
C TYR A 422 -20.89 -34.73 -10.38
N ALA A 423 -19.65 -35.12 -10.64
CA ALA A 423 -18.59 -34.89 -9.68
C ALA A 423 -17.91 -33.54 -9.67
N ILE A 424 -17.64 -33.05 -10.86
CA ILE A 424 -16.87 -31.80 -10.96
C ILE A 424 -17.36 -30.84 -12.06
N ASP A 425 -17.52 -29.58 -11.68
CA ASP A 425 -17.78 -28.50 -12.63
C ASP A 425 -16.43 -27.78 -12.61
N ASN A 426 -15.74 -27.77 -13.74
CA ASN A 426 -14.41 -27.16 -13.85
C ASN A 426 -14.47 -26.01 -14.86
N MET A 427 -14.58 -24.79 -14.37
CA MET A 427 -14.60 -23.62 -15.25
C MET A 427 -13.37 -22.79 -14.87
N SER A 428 -12.26 -23.50 -14.74
CA SER A 428 -11.00 -22.91 -14.28
C SER A 428 -9.82 -23.49 -15.04
N GLN A 429 -8.63 -23.05 -14.65
CA GLN A 429 -7.39 -23.59 -15.17
C GLN A 429 -6.41 -23.61 -14.00
N GLY A 430 -5.32 -24.37 -14.12
CA GLY A 430 -4.33 -24.37 -13.04
C GLY A 430 -4.60 -25.36 -11.91
N GLY A 431 -5.40 -26.39 -12.18
CA GLY A 431 -5.68 -27.33 -11.12
C GLY A 431 -4.84 -28.59 -11.15
N ALA A 432 -4.75 -29.24 -10.01
CA ALA A 432 -4.05 -30.53 -9.89
C ALA A 432 -5.00 -31.45 -9.14
N TYR A 433 -5.37 -32.55 -9.80
CA TYR A 433 -6.29 -33.56 -9.25
C TYR A 433 -5.43 -34.79 -9.06
N ILE A 434 -5.12 -35.07 -7.79
CA ILE A 434 -4.16 -36.14 -7.47
C ILE A 434 -4.74 -37.18 -6.52
N ASN A 435 -4.67 -38.46 -6.92
CA ASN A 435 -5.08 -39.57 -6.03
C ASN A 435 -6.52 -39.50 -5.53
N ASN A 436 -7.45 -39.05 -6.39
CA ASN A 436 -8.86 -39.04 -5.99
C ASN A 436 -9.60 -40.25 -6.54
N LEU A 437 -10.77 -40.48 -5.96
CA LEU A 437 -11.73 -41.46 -6.48
C LEU A 437 -12.82 -40.55 -7.01
N ILE A 438 -13.07 -40.62 -8.33
CA ILE A 438 -14.04 -39.74 -8.97
C ILE A 438 -15.05 -40.62 -9.71
N ALA A 439 -16.28 -40.66 -9.21
CA ALA A 439 -17.31 -41.54 -9.77
C ALA A 439 -18.44 -40.83 -10.49
N GLY A 440 -18.13 -39.66 -11.02
CA GLY A 440 -19.15 -38.89 -11.72
C GLY A 440 -18.50 -38.07 -12.83
N LYS A 441 -19.36 -37.41 -13.59
CA LYS A 441 -18.84 -36.67 -14.72
C LYS A 441 -18.19 -35.35 -14.33
N MET A 442 -17.39 -34.87 -15.27
CA MET A 442 -16.78 -33.55 -15.16
C MET A 442 -17.26 -32.71 -16.33
N ASN A 443 -17.76 -31.52 -16.03
CA ASN A 443 -18.16 -30.57 -17.07
C ASN A 443 -17.05 -29.51 -17.05
N GLN A 444 -16.21 -29.47 -18.10
CA GLN A 444 -15.09 -28.51 -18.17
C GLN A 444 -15.38 -27.50 -19.28
N ARG A 445 -15.28 -26.20 -18.96
CA ARG A 445 -15.60 -25.16 -19.91
C ARG A 445 -14.73 -23.94 -19.71
N LYS A 446 -14.36 -23.31 -20.81
CA LYS A 446 -13.58 -22.08 -20.78
C LYS A 446 -14.50 -20.93 -20.36
N VAL A 447 -13.89 -19.82 -19.95
CA VAL A 447 -14.66 -18.62 -19.61
C VAL A 447 -13.91 -17.47 -20.26
N LEU A 448 -14.42 -17.01 -21.39
CA LEU A 448 -13.72 -15.98 -22.17
C LEU A 448 -14.26 -14.58 -22.04
N ASN A 449 -15.36 -14.40 -21.32
CA ASN A 449 -15.95 -13.08 -21.18
C ASN A 449 -15.89 -12.55 -19.76
N ARG A 450 -15.14 -13.25 -18.89
CA ARG A 450 -14.95 -12.73 -17.53
C ARG A 450 -13.47 -12.95 -17.23
N SER A 451 -12.79 -11.88 -16.83
CA SER A 451 -11.42 -11.95 -16.37
C SER A 451 -11.46 -11.76 -14.84
N THR A 452 -10.62 -12.53 -14.12
CA THR A 452 -10.61 -12.48 -12.64
C THR A 452 -9.14 -12.46 -12.14
N GLN A 453 -8.97 -11.87 -10.96
CA GLN A 453 -7.63 -11.68 -10.41
C GLN A 453 -6.81 -12.91 -10.08
N TYR A 454 -5.49 -12.74 -10.13
CA TYR A 454 -4.57 -13.72 -9.55
C TYR A 454 -3.59 -12.89 -8.71
N HIS A 455 -2.83 -13.59 -7.89
CA HIS A 455 -2.04 -12.95 -6.84
C HIS A 455 -0.61 -13.37 -6.78
N LEU A 456 0.17 -12.61 -6.01
CA LEU A 456 1.51 -13.07 -5.70
C LEU A 456 1.28 -14.29 -4.76
N PRO A 457 2.20 -15.26 -4.76
CA PRO A 457 2.00 -16.42 -3.89
C PRO A 457 1.87 -16.10 -2.40
N HIS A 458 0.96 -16.83 -1.75
CA HIS A 458 0.78 -16.71 -0.28
C HIS A 458 0.52 -15.29 0.18
N SER A 459 -0.29 -14.59 -0.60
CA SER A 459 -0.54 -13.17 -0.35
C SER A 459 -1.85 -12.72 -0.96
N THR A 460 -2.39 -11.61 -0.44
CA THR A 460 -3.56 -11.01 -1.08
C THR A 460 -3.10 -9.98 -2.14
N GLU A 461 -1.81 -9.67 -2.24
CA GLU A 461 -1.35 -8.73 -3.29
C GLU A 461 -1.80 -9.25 -4.65
N VAL A 462 -2.31 -8.33 -5.47
CA VAL A 462 -2.81 -8.70 -6.81
C VAL A 462 -1.65 -8.67 -7.79
N ALA A 463 -1.53 -9.74 -8.59
CA ALA A 463 -0.46 -9.79 -9.61
C ALA A 463 -0.99 -9.52 -11.00
N GLY A 464 -2.27 -9.77 -11.20
CA GLY A 464 -2.83 -9.60 -12.53
C GLY A 464 -4.24 -10.12 -12.55
N PHE A 465 -4.79 -10.34 -13.74
CA PHE A 465 -6.14 -10.89 -13.89
C PHE A 465 -6.13 -11.61 -15.23
N ALA A 466 -6.97 -12.63 -15.36
CA ALA A 466 -7.01 -13.41 -16.59
C ALA A 466 -8.36 -14.02 -16.83
N PHE A 467 -8.55 -14.38 -18.10
CA PHE A 467 -9.69 -15.16 -18.57
C PHE A 467 -9.30 -16.62 -18.35
N VAL A 468 -10.29 -17.50 -18.39
CA VAL A 468 -9.98 -18.96 -18.28
C VAL A 468 -9.96 -19.53 -19.70
N TYR A 469 -8.77 -19.89 -20.16
CA TYR A 469 -8.60 -20.44 -21.51
C TYR A 469 -8.85 -21.94 -21.56
N GLY A 470 -8.93 -22.56 -20.38
CA GLY A 470 -9.18 -24.00 -20.31
C GLY A 470 -7.91 -24.83 -20.34
N GLY A 471 -7.90 -25.97 -19.67
CA GLY A 471 -6.69 -26.76 -19.66
C GLY A 471 -5.72 -26.28 -18.56
N ASP A 472 -4.44 -26.56 -18.75
CA ASP A 472 -3.42 -26.30 -17.73
C ASP A 472 -3.88 -26.97 -16.43
N ASP A 473 -4.27 -28.25 -16.55
CA ASP A 473 -4.69 -29.06 -15.40
C ASP A 473 -3.79 -30.31 -15.33
N ARG A 474 -3.64 -30.83 -14.12
CA ARG A 474 -2.88 -32.07 -13.89
C ARG A 474 -3.84 -33.11 -13.33
N PHE A 475 -3.73 -34.35 -13.84
CA PHE A 475 -4.53 -35.47 -13.30
C PHE A 475 -3.60 -36.65 -13.14
N TYR A 476 -3.32 -37.04 -11.89
CA TYR A 476 -2.43 -38.19 -11.64
C TYR A 476 -3.03 -39.10 -10.60
N ASN A 477 -2.87 -40.40 -10.81
CA ASN A 477 -3.27 -41.41 -9.82
C ASN A 477 -4.73 -41.42 -9.41
N ASN A 478 -5.64 -40.98 -10.29
CA ASN A 478 -7.04 -41.01 -9.93
C ASN A 478 -7.72 -42.26 -10.44
N ILE A 479 -8.78 -42.64 -9.74
CA ILE A 479 -9.62 -43.76 -10.19
C ILE A 479 -10.93 -43.16 -10.66
N PHE A 480 -11.23 -43.29 -11.95
CA PHE A 480 -12.48 -42.76 -12.51
C PHE A 480 -13.45 -43.88 -12.75
N ILE A 481 -14.70 -43.66 -12.40
CA ILE A 481 -15.76 -44.68 -12.58
C ILE A 481 -16.97 -44.07 -13.24
N GLY A 482 -17.28 -44.57 -14.43
CA GLY A 482 -18.44 -44.10 -15.17
C GLY A 482 -19.69 -44.90 -14.80
N LYS A 483 -20.75 -44.73 -15.58
CA LYS A 483 -22.00 -45.44 -15.31
C LYS A 483 -22.76 -45.44 -16.62
N GLU A 484 -23.61 -46.45 -16.84
CA GLU A 484 -24.36 -46.46 -18.08
C GLU A 484 -25.15 -45.19 -18.25
N GLY A 485 -25.03 -44.60 -19.44
CA GLY A 485 -25.74 -43.38 -19.77
C GLY A 485 -25.04 -42.09 -19.36
N LEU A 486 -24.01 -42.21 -18.53
CA LEU A 486 -23.31 -41.04 -18.02
C LEU A 486 -22.12 -40.64 -18.88
N GLU A 487 -22.24 -39.48 -19.49
CA GLU A 487 -21.19 -38.98 -20.35
C GLU A 487 -20.16 -38.16 -19.60
N ASN A 488 -19.04 -37.98 -20.26
CA ASN A 488 -17.97 -37.14 -19.78
C ASN A 488 -17.32 -37.46 -18.45
N VAL A 489 -17.16 -38.74 -18.15
CA VAL A 489 -16.44 -39.13 -16.95
C VAL A 489 -15.03 -39.46 -17.41
N GLY A 490 -14.03 -38.89 -16.73
CA GLY A 490 -12.65 -39.18 -17.07
C GLY A 490 -11.85 -37.94 -17.46
N THR A 491 -10.97 -38.09 -18.46
CA THR A 491 -10.11 -36.96 -18.87
C THR A 491 -10.07 -36.78 -20.40
N SER A 492 -10.96 -37.43 -21.11
CA SER A 492 -10.96 -37.28 -22.59
C SER A 492 -11.34 -35.85 -23.02
N HIS A 493 -11.86 -35.06 -22.08
CA HIS A 493 -12.22 -33.65 -22.31
C HIS A 493 -11.04 -32.89 -22.88
N TYR A 494 -9.85 -33.32 -22.50
CA TYR A 494 -8.62 -32.62 -22.88
C TYR A 494 -7.90 -33.12 -24.12
N ASN A 495 -8.57 -33.95 -24.91
CA ASN A 495 -7.87 -34.52 -26.07
C ASN A 495 -7.09 -33.61 -27.02
N ASN A 496 -7.56 -32.38 -27.23
CA ASN A 496 -6.81 -31.50 -28.14
C ASN A 496 -5.78 -30.62 -27.44
N CYS A 497 -5.57 -30.87 -26.15
CA CYS A 497 -4.56 -30.08 -25.45
C CYS A 497 -3.14 -30.48 -25.73
N THR A 498 -2.21 -29.56 -25.53
CA THR A 498 -0.80 -29.88 -25.64
C THR A 498 -0.41 -30.71 -24.39
N THR A 499 0.78 -31.31 -24.38
CA THR A 499 1.15 -32.18 -23.24
C THR A 499 2.31 -31.69 -22.40
N SER A 500 2.81 -30.49 -22.69
CA SER A 500 3.86 -29.90 -21.88
C SER A 500 3.89 -28.42 -22.18
N LEU A 501 4.44 -27.64 -21.26
CA LEU A 501 4.55 -26.21 -21.52
C LEU A 501 5.53 -25.98 -22.69
N GLU A 502 6.54 -26.84 -22.84
CA GLU A 502 7.49 -26.72 -23.93
C GLU A 502 6.76 -26.86 -25.27
N GLU A 503 5.87 -27.83 -25.36
CA GLU A 503 5.09 -28.03 -26.58
C GLU A 503 4.19 -26.83 -26.86
N TYR A 504 3.55 -26.32 -25.82
CA TYR A 504 2.68 -25.16 -25.97
C TYR A 504 3.49 -23.98 -26.50
N ILE A 505 4.64 -23.72 -25.89
CA ILE A 505 5.46 -22.60 -26.30
C ILE A 505 5.93 -22.74 -27.75
N GLU A 506 6.33 -23.95 -28.14
CA GLU A 506 6.77 -24.16 -29.52
C GLU A 506 5.63 -23.94 -30.52
N LYS A 507 4.43 -24.41 -30.22
CA LYS A 507 3.32 -24.19 -31.15
C LYS A 507 2.93 -22.72 -31.26
N VAL A 508 2.88 -22.02 -30.13
CA VAL A 508 2.50 -20.63 -30.19
C VAL A 508 3.50 -19.84 -30.96
N ASN A 509 4.77 -20.18 -30.79
CA ASN A 509 5.78 -19.38 -31.38
C ASN A 509 6.17 -19.73 -32.84
N GLU A 510 5.33 -20.59 -33.45
CA GLU A 510 5.46 -21.00 -34.87
C GLU A 510 5.26 -19.81 -35.81
N VAL A 511 4.37 -18.90 -35.44
CA VAL A 511 4.05 -17.73 -36.25
C VAL A 511 4.19 -16.48 -35.36
N PRO A 512 4.96 -15.46 -35.81
CA PRO A 512 5.13 -14.26 -34.97
C PRO A 512 3.80 -13.58 -34.66
N GLY A 513 3.73 -12.96 -33.47
CA GLY A 513 2.54 -12.25 -33.07
C GLY A 513 2.44 -12.15 -31.55
N ASP A 514 1.25 -11.79 -31.06
CA ASP A 514 1.06 -11.70 -29.62
C ASP A 514 -0.16 -12.49 -29.19
N LEU A 515 -1.10 -11.84 -28.53
CA LEU A 515 -2.26 -12.53 -27.97
C LEU A 515 -2.97 -13.50 -28.90
N GLY A 516 -3.26 -13.10 -30.13
CA GLY A 516 -3.95 -14.02 -31.02
C GLY A 516 -3.21 -15.34 -31.25
N GLU A 517 -1.87 -15.31 -31.24
CA GLU A 517 -1.15 -16.56 -31.45
C GLU A 517 -1.23 -17.46 -30.22
N PHE A 518 -1.28 -16.85 -29.03
CA PHE A 518 -1.40 -17.66 -27.83
C PHE A 518 -2.82 -18.25 -27.78
N GLU A 519 -3.82 -17.46 -28.19
CA GLU A 519 -5.20 -17.94 -28.12
C GLU A 519 -5.48 -19.11 -29.05
N ARG A 520 -4.72 -19.23 -30.12
CA ARG A 520 -5.04 -20.33 -31.00
C ARG A 520 -4.48 -21.68 -30.57
N VAL A 521 -3.70 -21.73 -29.51
CA VAL A 521 -3.13 -22.99 -29.05
C VAL A 521 -3.74 -23.41 -27.73
N GLU A 522 -4.09 -24.69 -27.61
CA GLU A 522 -4.67 -25.17 -26.33
C GLU A 522 -3.56 -25.32 -25.27
N GLN A 523 -3.89 -24.91 -24.05
CA GLN A 523 -2.94 -25.03 -22.94
C GLN A 523 -2.61 -26.50 -22.67
N PRO A 524 -1.48 -26.74 -22.02
CA PRO A 524 -1.06 -28.12 -21.74
C PRO A 524 -1.84 -28.78 -20.62
N VAL A 525 -1.83 -30.13 -20.64
CA VAL A 525 -2.37 -30.92 -19.54
C VAL A 525 -1.32 -31.95 -19.20
N TYR A 526 -1.30 -32.34 -17.94
CA TYR A 526 -0.27 -33.25 -17.40
C TYR A 526 -1.05 -34.39 -16.78
N ILE A 527 -1.18 -35.48 -17.53
CA ILE A 527 -2.09 -36.57 -17.10
C ILE A 527 -1.43 -37.93 -17.21
N ASN A 528 -1.40 -38.68 -16.11
CA ASN A 528 -0.77 -40.01 -16.17
C ASN A 528 -1.19 -40.83 -14.97
N LYS A 529 -1.08 -42.16 -15.14
CA LYS A 529 -1.37 -43.11 -14.08
C LYS A 529 -2.77 -43.06 -13.48
N ASN A 530 -3.76 -42.85 -14.34
CA ASN A 530 -5.15 -42.90 -13.91
C ASN A 530 -5.79 -44.20 -14.39
N ALA A 531 -6.83 -44.61 -13.69
CA ALA A 531 -7.62 -45.78 -14.10
C ALA A 531 -9.02 -45.32 -14.49
N TYR A 532 -9.62 -46.06 -15.43
CA TYR A 532 -10.93 -45.70 -15.97
C TYR A 532 -11.79 -46.93 -16.09
N PHE A 533 -12.82 -47.00 -15.26
CA PHE A 533 -13.73 -48.15 -15.25
C PHE A 533 -15.15 -47.80 -15.59
N ASN A 534 -15.87 -48.82 -16.03
CA ASN A 534 -17.30 -48.71 -16.24
C ASN A 534 -17.77 -47.62 -17.17
N GLY A 535 -16.94 -47.27 -18.17
CA GLY A 535 -17.37 -46.28 -19.14
C GLY A 535 -16.60 -44.97 -19.08
N ALA A 536 -15.81 -44.79 -18.03
CA ALA A 536 -15.00 -43.57 -17.97
C ALA A 536 -14.01 -43.61 -19.14
N GLU A 537 -13.66 -42.45 -19.71
CA GLU A 537 -12.78 -42.36 -20.87
C GLU A 537 -11.53 -41.53 -20.60
N PRO A 538 -10.37 -42.00 -21.06
CA PRO A 538 -9.12 -41.27 -20.86
C PRO A 538 -8.73 -40.28 -21.93
N PHE A 539 -7.88 -39.34 -21.52
CA PHE A 539 -7.18 -38.41 -22.39
C PHE A 539 -6.42 -39.38 -23.35
N GLU A 540 -6.55 -39.14 -24.65
CA GLU A 540 -5.94 -40.03 -25.64
C GLU A 540 -4.42 -40.13 -25.59
N LYS A 541 -3.77 -39.05 -25.18
CA LYS A 541 -2.32 -39.01 -25.12
C LYS A 541 -1.68 -39.41 -23.78
N GLU A 542 -2.53 -39.91 -22.88
CA GLU A 542 -2.02 -40.35 -21.58
C GLU A 542 -1.12 -41.55 -21.84
N LYS A 543 0.08 -41.54 -21.27
CA LYS A 543 1.02 -42.63 -21.54
C LYS A 543 0.77 -43.93 -20.79
N ASP A 544 0.50 -43.83 -19.49
CA ASP A 544 0.33 -45.01 -18.65
C ASP A 544 -0.99 -44.98 -17.91
N ASN A 545 -1.96 -45.80 -18.32
CA ASN A 545 -3.22 -45.84 -17.65
C ASN A 545 -3.81 -47.23 -17.71
N LEU A 546 -4.90 -47.42 -17.00
CA LEU A 546 -5.61 -48.70 -16.98
C LEU A 546 -7.02 -48.38 -17.40
N VAL A 547 -7.48 -48.95 -18.52
CA VAL A 547 -8.83 -48.70 -18.99
C VAL A 547 -9.56 -50.04 -19.10
N LYS A 548 -10.65 -50.20 -18.35
CA LYS A 548 -11.48 -51.43 -18.39
C LYS A 548 -12.91 -50.99 -18.41
N LYS A 549 -13.42 -50.71 -19.61
CA LYS A 549 -14.78 -50.25 -19.77
C LYS A 549 -15.85 -51.21 -19.32
N ASP A 550 -15.54 -52.49 -19.42
CA ASP A 550 -16.52 -53.48 -19.05
C ASP A 550 -16.41 -53.90 -17.60
N PHE A 551 -15.54 -53.25 -16.84
CA PHE A 551 -15.45 -53.61 -15.42
C PHE A 551 -16.29 -52.64 -14.58
N ASP A 552 -17.16 -53.21 -13.75
CA ASP A 552 -18.05 -52.43 -12.88
C ASP A 552 -17.61 -52.57 -11.43
N PRO A 553 -17.01 -51.50 -10.85
CA PRO A 553 -16.55 -51.53 -9.46
C PRO A 553 -17.65 -51.67 -8.42
N LYS A 554 -18.92 -51.44 -8.80
CA LYS A 554 -20.04 -51.52 -7.85
C LYS A 554 -19.79 -50.65 -6.60
N LEU A 555 -19.35 -49.43 -6.85
CA LEU A 555 -19.08 -48.51 -5.75
C LEU A 555 -20.34 -48.21 -4.96
N ALA A 556 -20.22 -48.22 -3.62
CA ALA A 556 -21.31 -47.83 -2.77
C ALA A 556 -20.75 -47.12 -1.57
N ILE A 557 -21.44 -46.06 -1.15
CA ILE A 557 -21.08 -45.33 0.06
C ILE A 557 -22.21 -45.67 1.02
N ILE A 558 -21.86 -46.30 2.13
CA ILE A 558 -22.83 -46.77 3.12
C ILE A 558 -22.80 -45.89 4.36
N ASP A 559 -23.83 -45.08 4.56
CA ASP A 559 -23.89 -44.17 5.70
C ASP A 559 -24.72 -44.81 6.81
N GLU A 560 -24.04 -45.16 7.91
CA GLU A 560 -24.72 -45.79 9.04
C GLU A 560 -24.88 -44.83 10.18
N GLY A 561 -24.83 -43.53 9.88
CA GLY A 561 -25.02 -42.53 10.89
C GLY A 561 -23.68 -41.97 11.36
N ASP A 562 -23.19 -42.49 12.48
CA ASP A 562 -21.93 -42.01 13.01
C ASP A 562 -20.72 -42.43 12.18
N GLU A 563 -20.86 -43.50 11.41
CA GLU A 563 -19.75 -43.98 10.57
C GLU A 563 -20.23 -44.16 9.15
N VAL A 564 -19.29 -44.02 8.22
CA VAL A 564 -19.56 -44.18 6.79
C VAL A 564 -18.51 -45.13 6.21
N TYR A 565 -18.97 -46.01 5.32
CA TYR A 565 -18.11 -47.02 4.72
C TYR A 565 -18.13 -46.94 3.20
N LEU A 566 -17.02 -47.33 2.60
CA LEU A 566 -16.87 -47.34 1.15
C LEU A 566 -16.74 -48.81 0.70
N SER A 567 -17.60 -49.25 -0.21
CA SER A 567 -17.54 -50.60 -0.77
C SER A 567 -17.11 -50.45 -2.22
N LEU A 568 -16.12 -51.23 -2.63
CA LEU A 568 -15.60 -51.11 -4.00
C LEU A 568 -14.91 -52.38 -4.45
N GLN A 569 -15.17 -52.80 -5.69
CA GLN A 569 -14.49 -53.96 -6.26
C GLN A 569 -13.45 -53.43 -7.24
N LEU A 570 -12.27 -54.04 -7.27
CA LEU A 570 -11.24 -53.58 -8.21
C LEU A 570 -10.73 -54.80 -9.01
N PRO A 571 -10.39 -54.60 -10.29
CA PRO A 571 -9.92 -55.70 -11.11
C PRO A 571 -8.49 -56.14 -10.79
N ASP A 572 -8.12 -57.36 -11.20
CA ASP A 572 -6.79 -57.83 -10.93
C ASP A 572 -5.72 -56.87 -11.48
N GLU A 573 -6.03 -56.26 -12.63
CA GLU A 573 -5.08 -55.34 -13.27
C GLU A 573 -4.75 -54.12 -12.43
N PHE A 574 -5.58 -53.86 -11.42
CA PHE A 574 -5.34 -52.71 -10.53
C PHE A 574 -3.97 -52.83 -9.88
N GLU A 575 -3.53 -54.08 -9.63
CA GLU A 575 -2.22 -54.27 -9.01
C GLU A 575 -1.05 -53.80 -9.87
N ASN A 576 -1.26 -53.79 -11.19
CA ASN A 576 -0.20 -53.44 -12.13
C ASN A 576 -0.03 -51.95 -12.44
N ILE A 577 -0.93 -51.11 -11.93
CA ILE A 577 -0.78 -49.67 -12.17
C ILE A 577 -0.33 -49.12 -10.84
N VAL A 578 0.81 -48.45 -10.86
CA VAL A 578 1.43 -47.97 -9.64
C VAL A 578 1.50 -46.46 -9.61
N GLY A 579 1.14 -45.89 -8.46
CA GLY A 579 1.16 -44.45 -8.32
C GLY A 579 2.43 -43.90 -7.72
N ASP A 580 2.84 -42.75 -8.21
CA ASP A 580 4.02 -42.04 -7.75
C ASP A 580 3.61 -41.05 -6.67
N ILE A 581 4.54 -40.69 -5.80
CA ILE A 581 4.25 -39.66 -4.78
C ILE A 581 4.46 -38.30 -5.46
N HIS A 582 3.40 -37.49 -5.52
CA HIS A 582 3.53 -36.18 -6.13
C HIS A 582 3.95 -35.13 -5.13
N SER A 583 4.53 -34.06 -5.66
CA SER A 583 5.06 -33.01 -4.78
C SER A 583 5.31 -31.79 -5.64
N THR A 584 5.78 -30.73 -5.00
CA THR A 584 6.13 -29.51 -5.72
C THR A 584 7.10 -29.85 -6.87
N LYS A 585 8.01 -30.81 -6.66
CA LYS A 585 8.96 -31.16 -7.72
C LYS A 585 8.31 -31.82 -8.93
N THR A 586 7.26 -32.63 -8.71
CA THR A 586 6.68 -33.36 -9.82
C THR A 586 5.56 -32.67 -10.55
N LEU A 587 5.00 -31.62 -9.95
CA LEU A 587 3.87 -30.89 -10.53
C LEU A 587 4.34 -29.63 -11.25
N GLU A 588 4.08 -29.58 -12.54
CA GLU A 588 4.51 -28.43 -13.34
C GLU A 588 3.77 -27.16 -12.92
N ARG A 589 4.53 -26.06 -12.89
CA ARG A 589 3.91 -24.78 -12.55
C ARG A 589 2.75 -24.43 -13.47
N VAL A 590 1.81 -23.63 -12.96
CA VAL A 590 0.67 -23.18 -13.78
C VAL A 590 1.21 -22.05 -14.68
N ARG A 591 0.64 -21.94 -15.86
CA ARG A 591 1.19 -20.99 -16.83
C ARG A 591 0.94 -19.53 -16.54
N ILE A 592 -0.32 -19.11 -16.48
CA ILE A 592 -0.57 -17.69 -16.29
C ILE A 592 -0.10 -17.14 -14.94
N VAL A 593 -0.39 -17.85 -13.86
CA VAL A 593 0.00 -17.32 -12.55
C VAL A 593 1.50 -17.51 -12.32
N ASP A 594 2.11 -18.47 -13.02
CA ASP A 594 3.55 -18.73 -12.97
C ASP A 594 3.97 -19.06 -11.56
N ALA A 595 3.22 -19.96 -10.95
CA ALA A 595 3.45 -20.32 -9.53
C ALA A 595 3.44 -21.84 -9.37
N GLU A 596 4.08 -22.29 -8.30
CA GLU A 596 4.19 -23.71 -7.98
C GLU A 596 3.14 -24.16 -6.98
N TYR A 597 2.99 -25.49 -6.86
CA TYR A 597 2.09 -26.09 -5.86
C TYR A 597 2.98 -26.26 -4.64
N GLU A 598 2.84 -25.36 -3.67
CA GLU A 598 3.66 -25.31 -2.46
C GLU A 598 2.78 -25.39 -1.23
N SER A 599 3.44 -25.57 -0.07
CA SER A 599 2.73 -25.50 1.20
C SER A 599 2.47 -24.00 1.46
N PRO A 600 1.56 -23.66 2.39
CA PRO A 600 1.28 -22.25 2.69
C PRO A 600 2.50 -21.43 3.15
N ASP A 601 3.54 -22.12 3.66
CA ASP A 601 4.76 -21.43 4.08
C ASP A 601 5.77 -21.29 2.95
N GLY A 602 5.38 -21.66 1.73
CA GLY A 602 6.27 -21.50 0.59
C GLY A 602 7.25 -22.66 0.39
N LYS A 603 7.21 -23.60 1.32
CA LYS A 603 8.11 -24.75 1.23
C LYS A 603 7.51 -25.89 0.41
N GLU A 604 8.31 -26.90 0.14
CA GLU A 604 7.85 -28.02 -0.66
C GLU A 604 6.61 -28.70 -0.08
N LEU A 605 5.70 -29.11 -0.95
CA LEU A 605 4.52 -29.86 -0.55
C LEU A 605 4.77 -31.28 -1.02
N VAL A 606 4.58 -32.30 -0.16
CA VAL A 606 4.79 -33.70 -0.56
C VAL A 606 3.49 -34.44 -0.27
N LEU A 607 2.91 -35.06 -1.28
CA LEU A 607 1.62 -35.72 -1.11
C LEU A 607 1.80 -37.21 -0.82
N ASP A 608 2.40 -37.46 0.35
CA ASP A 608 2.74 -38.82 0.74
C ASP A 608 1.89 -39.42 1.84
N THR A 609 0.75 -38.83 2.13
CA THR A 609 -0.17 -39.44 3.10
C THR A 609 -1.54 -39.57 2.43
N ASP A 610 -2.18 -40.71 2.65
CA ASP A 610 -3.47 -40.94 2.00
C ASP A 610 -4.67 -40.44 2.80
N TYR A 611 -5.86 -40.75 2.31
CA TYR A 611 -7.12 -40.35 2.93
C TYR A 611 -7.24 -40.73 4.41
N LEU A 612 -6.66 -41.87 4.75
CA LEU A 612 -6.67 -42.36 6.13
C LEU A 612 -5.45 -41.90 6.91
N ASP A 613 -4.70 -40.96 6.34
CA ASP A 613 -3.48 -40.38 6.94
C ASP A 613 -2.34 -41.38 7.09
N ALA A 614 -2.36 -42.41 6.26
CA ALA A 614 -1.27 -43.41 6.26
C ALA A 614 -0.13 -42.90 5.36
N LYS A 615 1.10 -42.99 5.84
CA LYS A 615 2.23 -42.61 5.01
C LYS A 615 2.37 -43.68 3.93
N LYS A 616 2.56 -43.26 2.69
CA LYS A 616 2.74 -44.25 1.65
C LYS A 616 4.10 -44.21 1.04
N PRO A 617 4.55 -45.36 0.55
CA PRO A 617 5.86 -45.52 -0.07
C PRO A 617 5.86 -45.03 -1.51
N GLU A 618 7.05 -45.01 -2.09
CA GLU A 618 7.22 -44.54 -3.44
C GLU A 618 6.30 -45.23 -4.43
N ASN A 619 6.02 -46.52 -4.23
CA ASN A 619 5.12 -47.24 -5.13
C ASN A 619 3.91 -47.70 -4.34
N SER A 620 2.73 -47.23 -4.71
CA SER A 620 1.56 -47.66 -3.96
C SER A 620 0.36 -47.63 -4.88
N SER A 621 -0.77 -48.09 -4.37
CA SER A 621 -1.98 -48.10 -5.17
C SER A 621 -2.36 -46.71 -5.57
N ILE A 622 -3.00 -46.60 -6.72
CA ILE A 622 -3.52 -45.27 -7.08
C ILE A 622 -4.83 -45.08 -6.33
N GLY A 623 -5.43 -43.89 -6.44
CA GLY A 623 -6.64 -43.66 -5.71
C GLY A 623 -6.36 -42.99 -4.36
N PRO A 624 -7.39 -42.75 -3.59
CA PRO A 624 -7.25 -42.06 -2.30
C PRO A 624 -6.80 -42.82 -1.09
N ILE A 625 -6.89 -44.14 -1.16
CA ILE A 625 -6.65 -44.98 0.04
C ILE A 625 -5.69 -46.11 -0.31
N ALA A 626 -4.54 -46.13 0.37
CA ALA A 626 -3.52 -47.13 0.09
C ALA A 626 -3.97 -48.57 0.36
N LEU A 627 -4.99 -48.73 1.20
CA LEU A 627 -5.55 -50.05 1.50
C LEU A 627 -6.30 -50.68 0.32
N LEU A 628 -6.73 -49.86 -0.64
CA LEU A 628 -7.51 -50.43 -1.76
C LEU A 628 -6.63 -51.31 -2.60
N LYS A 629 -7.17 -52.48 -2.97
CA LYS A 629 -6.42 -53.44 -3.77
C LYS A 629 -7.38 -54.25 -4.62
N LYS A 630 -6.82 -55.04 -5.53
CA LYS A 630 -7.67 -55.90 -6.36
C LYS A 630 -8.60 -56.73 -5.48
N GLY A 631 -9.81 -56.96 -5.98
CA GLY A 631 -10.79 -57.74 -5.26
C GLY A 631 -11.80 -56.87 -4.54
N ASN A 632 -12.37 -57.41 -3.47
CA ASN A 632 -13.36 -56.71 -2.67
C ASN A 632 -12.68 -55.78 -1.66
N ASN A 633 -13.27 -54.59 -1.47
CA ASN A 633 -12.74 -53.64 -0.48
C ASN A 633 -13.91 -53.05 0.29
N TYR A 634 -13.79 -52.97 1.62
CA TYR A 634 -14.82 -52.38 2.44
C TYR A 634 -14.03 -51.62 3.49
N ILE A 635 -14.04 -50.30 3.37
CA ILE A 635 -13.19 -49.42 4.19
C ILE A 635 -14.00 -48.39 4.95
N LYS A 636 -13.66 -48.13 6.21
CA LYS A 636 -14.36 -47.08 6.95
C LYS A 636 -13.73 -45.75 6.50
N VAL A 637 -14.58 -44.85 6.02
CA VAL A 637 -14.12 -43.52 5.54
C VAL A 637 -14.61 -42.38 6.41
N TRP A 638 -15.36 -42.68 7.46
CA TRP A 638 -15.72 -41.69 8.48
C TRP A 638 -15.99 -42.43 9.77
N MET B 1 -33.93 12.73 -8.35
CA MET B 1 -35.23 12.92 -7.64
C MET B 1 -35.10 13.97 -6.54
N GLU B 2 -36.12 14.81 -6.42
CA GLU B 2 -36.17 15.82 -5.36
C GLU B 2 -37.24 15.34 -4.39
N TYR B 3 -36.78 14.84 -3.25
CA TYR B 3 -37.68 14.36 -2.21
C TYR B 3 -38.04 15.53 -1.29
N HIS B 4 -39.25 15.49 -0.74
CA HIS B 4 -39.69 16.50 0.22
C HIS B 4 -40.11 15.83 1.50
N VAL B 5 -39.80 16.51 2.61
CA VAL B 5 -40.13 16.07 3.97
C VAL B 5 -40.89 17.24 4.59
N ALA B 6 -42.07 16.98 5.17
CA ALA B 6 -42.85 18.06 5.78
C ALA B 6 -43.65 17.52 6.94
N LYS B 7 -44.04 18.42 7.86
CA LYS B 7 -44.78 17.97 9.03
C LYS B 7 -46.20 17.52 8.69
N THR B 8 -46.63 17.78 7.47
CA THR B 8 -47.96 17.30 6.99
C THR B 8 -47.78 15.98 6.23
N GLY B 9 -46.55 15.47 6.18
CA GLY B 9 -46.29 14.27 5.40
C GLY B 9 -46.56 12.93 6.06
N SER B 10 -46.16 11.88 5.35
CA SER B 10 -46.30 10.49 5.80
C SER B 10 -45.13 9.70 5.23
N ASP B 11 -44.55 8.86 6.07
CA ASP B 11 -43.44 8.04 5.59
C ASP B 11 -43.92 6.90 4.69
N GLU B 12 -45.24 6.84 4.48
CA GLU B 12 -45.85 5.84 3.60
C GLU B 12 -46.11 6.51 2.24
N GLY B 13 -45.86 7.81 2.18
CA GLY B 13 -46.07 8.57 0.96
C GLY B 13 -44.99 8.36 -0.09
N LYS B 14 -45.12 9.06 -1.20
CA LYS B 14 -44.14 8.95 -2.30
C LYS B 14 -42.91 9.83 -2.04
N GLY B 15 -43.06 10.82 -1.17
CA GLY B 15 -41.93 11.70 -0.92
C GLY B 15 -41.83 12.86 -1.91
N THR B 16 -42.92 13.16 -2.61
CA THR B 16 -42.95 14.28 -3.56
C THR B 16 -43.38 15.57 -2.86
N LEU B 17 -43.33 16.69 -3.55
CA LEU B 17 -43.74 17.96 -2.96
C LEU B 17 -45.21 17.87 -2.52
N LYS B 18 -46.04 17.20 -3.32
CA LYS B 18 -47.47 17.07 -3.00
C LYS B 18 -47.77 15.96 -2.00
N ASP B 19 -46.91 14.94 -1.93
CA ASP B 19 -47.11 13.80 -1.04
C ASP B 19 -45.78 13.59 -0.32
N PRO B 20 -45.39 14.55 0.52
CA PRO B 20 -44.10 14.41 1.20
C PRO B 20 -43.97 13.38 2.30
N PHE B 21 -42.72 13.02 2.61
CA PHE B 21 -42.45 12.12 3.72
C PHE B 21 -42.61 12.96 5.01
N LEU B 22 -42.65 12.27 6.16
CA LEU B 22 -42.80 12.94 7.46
C LEU B 22 -41.46 13.10 8.22
N THR B 23 -40.57 12.13 8.09
CA THR B 23 -39.30 12.21 8.79
C THR B 23 -38.13 12.35 7.83
N ILE B 24 -37.10 13.04 8.31
CA ILE B 24 -35.94 13.24 7.45
C ILE B 24 -35.24 11.89 7.27
N ASN B 25 -35.23 11.04 8.29
CA ASN B 25 -34.55 9.76 8.15
C ASN B 25 -35.23 8.86 7.11
N LYS B 26 -36.53 9.02 6.89
CA LYS B 26 -37.13 8.23 5.82
C LYS B 26 -36.51 8.65 4.49
N ALA B 27 -36.41 9.96 4.26
CA ALA B 27 -35.79 10.41 3.02
C ALA B 27 -34.33 9.90 2.94
N ALA B 28 -33.63 9.93 4.07
CA ALA B 28 -32.24 9.48 4.10
C ALA B 28 -32.12 8.00 3.82
N SER B 29 -33.21 7.25 4.00
CA SER B 29 -33.16 5.80 3.76
C SER B 29 -33.40 5.45 2.29
N VAL B 30 -33.87 6.40 1.48
CA VAL B 30 -34.14 6.11 0.07
C VAL B 30 -33.40 6.95 -0.96
N ALA B 31 -32.87 8.09 -0.54
CA ALA B 31 -32.18 8.98 -1.47
C ALA B 31 -30.92 8.34 -2.02
N MET B 32 -30.66 8.59 -3.30
CA MET B 32 -29.47 8.04 -3.91
C MET B 32 -28.69 9.13 -4.61
N ALA B 33 -27.48 8.79 -5.10
CA ALA B 33 -26.61 9.79 -5.69
C ALA B 33 -27.31 10.68 -6.71
N GLY B 34 -27.13 11.99 -6.51
CA GLY B 34 -27.76 12.97 -7.39
C GLY B 34 -29.08 13.53 -6.84
N ASP B 35 -29.65 12.87 -5.84
CA ASP B 35 -30.94 13.34 -5.30
C ASP B 35 -30.81 14.50 -4.32
N THR B 36 -31.94 15.20 -4.11
CA THR B 36 -32.02 16.29 -3.15
C THR B 36 -33.16 15.97 -2.19
N ILE B 37 -32.96 16.32 -0.92
CA ILE B 37 -34.00 16.16 0.10
C ILE B 37 -34.27 17.56 0.60
N ILE B 38 -35.51 18.03 0.41
CA ILE B 38 -35.90 19.37 0.83
C ILE B 38 -36.78 19.22 2.06
N VAL B 39 -36.38 19.84 3.17
CA VAL B 39 -37.13 19.70 4.43
C VAL B 39 -37.86 20.98 4.74
N HIS B 40 -39.17 20.87 4.95
CA HIS B 40 -40.02 22.03 5.26
C HIS B 40 -40.11 22.35 6.74
N GLU B 41 -40.55 23.57 7.05
CA GLU B 41 -40.57 24.06 8.42
C GLU B 41 -41.03 23.11 9.49
N GLY B 42 -40.24 23.09 10.56
CA GLY B 42 -40.60 22.23 11.68
C GLY B 42 -39.41 21.85 12.53
N VAL B 43 -39.70 21.21 13.66
CA VAL B 43 -38.69 20.69 14.58
C VAL B 43 -38.74 19.18 14.43
N TYR B 44 -37.62 18.61 13.99
CA TYR B 44 -37.50 17.20 13.71
C TYR B 44 -36.62 16.55 14.79
N ARG B 45 -37.25 15.80 15.69
CA ARG B 45 -36.53 15.19 16.81
C ARG B 45 -36.13 13.79 16.40
N GLU B 46 -34.98 13.71 15.72
CA GLU B 46 -34.51 12.46 15.21
C GLU B 46 -33.03 12.57 14.87
N TRP B 47 -32.39 11.40 14.77
CA TRP B 47 -30.99 11.30 14.33
C TRP B 47 -31.05 10.80 12.88
N VAL B 48 -30.65 11.70 11.96
CA VAL B 48 -30.67 11.41 10.52
C VAL B 48 -29.42 10.60 10.18
N LYS B 49 -29.62 9.49 9.48
CA LYS B 49 -28.56 8.54 9.14
C LYS B 49 -28.51 8.29 7.63
N PRO B 50 -27.74 9.12 6.91
CA PRO B 50 -27.65 8.93 5.44
C PRO B 50 -27.27 7.49 5.12
N LYS B 51 -28.09 6.83 4.30
CA LYS B 51 -27.88 5.41 3.99
C LYS B 51 -27.01 5.17 2.77
N TYR B 52 -27.26 5.90 1.69
CA TYR B 52 -26.52 5.73 0.45
C TYR B 52 -25.58 6.89 0.25
N LYS B 53 -24.52 6.63 -0.49
CA LYS B 53 -23.52 7.68 -0.71
C LYS B 53 -23.68 8.46 -2.02
N GLY B 54 -23.18 9.68 -1.98
CA GLY B 54 -23.01 10.47 -3.20
C GLY B 54 -21.81 9.83 -3.90
N LEU B 55 -21.77 9.97 -5.23
CA LEU B 55 -20.73 9.30 -6.04
C LEU B 55 -19.68 10.22 -6.64
N SER B 56 -19.87 11.52 -6.51
CA SER B 56 -18.88 12.48 -6.99
C SER B 56 -19.34 13.85 -6.52
N ASP B 57 -18.52 14.85 -6.75
CA ASP B 57 -18.89 16.19 -6.36
C ASP B 57 -20.12 16.63 -7.13
N LYS B 58 -20.27 16.16 -8.37
CA LYS B 58 -21.46 16.46 -9.19
C LYS B 58 -22.68 15.67 -8.71
N ARG B 59 -22.49 14.37 -8.43
CA ARG B 59 -23.57 13.50 -8.02
C ARG B 59 -23.61 13.33 -6.52
N ARG B 60 -23.82 14.44 -5.86
CA ARG B 60 -23.93 14.46 -4.38
C ARG B 60 -25.33 14.11 -3.97
N ILE B 61 -25.53 13.91 -2.67
CA ILE B 61 -26.89 13.77 -2.12
C ILE B 61 -27.01 15.02 -1.22
N THR B 62 -27.97 15.88 -1.52
CA THR B 62 -28.08 17.17 -0.81
C THR B 62 -29.29 17.21 0.10
N TYR B 63 -29.05 17.55 1.36
CA TYR B 63 -30.13 17.69 2.35
C TYR B 63 -30.20 19.17 2.66
N LYS B 64 -31.34 19.80 2.42
CA LYS B 64 -31.40 21.23 2.72
C LYS B 64 -32.74 21.69 3.23
N ALA B 65 -32.72 22.77 4.00
CA ALA B 65 -33.96 23.36 4.45
C ALA B 65 -34.61 24.07 3.27
N ALA B 66 -35.95 23.99 3.18
CA ALA B 66 -36.68 24.69 2.12
C ALA B 66 -36.41 26.19 2.26
N GLU B 67 -36.35 26.87 1.11
CA GLU B 67 -36.05 28.28 1.10
C GLU B 67 -37.00 29.08 1.98
N GLY B 68 -36.41 29.90 2.85
CA GLY B 68 -37.18 30.74 3.76
C GLY B 68 -37.92 30.03 4.87
N GLU B 69 -37.67 28.74 5.08
CA GLU B 69 -38.35 28.01 6.13
C GLU B 69 -37.38 27.66 7.27
N LYS B 70 -37.86 27.71 8.51
CA LYS B 70 -37.04 27.39 9.67
C LYS B 70 -37.14 25.91 9.98
N VAL B 71 -36.01 25.20 9.85
CA VAL B 71 -35.96 23.75 10.09
C VAL B 71 -34.94 23.46 11.16
N VAL B 72 -35.38 22.77 12.20
CA VAL B 72 -34.53 22.41 13.32
C VAL B 72 -34.46 20.92 13.49
N ILE B 73 -33.25 20.38 13.67
CA ILE B 73 -33.07 18.95 13.99
C ILE B 73 -32.54 18.93 15.44
N LYS B 74 -33.21 18.21 16.33
CA LYS B 74 -32.78 18.14 17.71
C LYS B 74 -32.61 16.73 18.22
N GLY B 75 -31.62 16.53 19.11
CA GLY B 75 -31.39 15.24 19.73
C GLY B 75 -32.15 15.08 21.06
N SER B 76 -32.86 16.14 21.46
CA SER B 76 -33.59 16.15 22.74
C SER B 76 -35.08 15.83 22.56
N GLU B 77 -35.75 15.74 23.71
CA GLU B 77 -37.21 15.59 23.75
C GLU B 77 -37.68 16.55 24.83
N ARG B 78 -38.87 17.11 24.62
CA ARG B 78 -39.47 17.99 25.64
C ARG B 78 -40.09 17.05 26.67
N ILE B 79 -39.93 17.40 27.95
CA ILE B 79 -40.45 16.57 29.02
C ILE B 79 -41.50 17.39 29.77
N GLN B 80 -42.71 16.85 29.87
CA GLN B 80 -43.78 17.55 30.60
C GLN B 80 -44.44 16.65 31.62
N SER B 81 -43.64 15.78 32.22
CA SER B 81 -44.13 14.85 33.25
C SER B 81 -43.39 15.06 34.56
N TRP B 82 -42.92 16.29 34.79
CA TRP B 82 -42.18 16.58 36.00
C TRP B 82 -43.10 16.67 37.22
N GLN B 83 -42.60 16.20 38.36
CA GLN B 83 -43.35 16.29 39.62
C GLN B 83 -42.44 16.96 40.64
N ARG B 84 -42.98 17.90 41.41
CA ARG B 84 -42.17 18.60 42.39
C ARG B 84 -41.78 17.66 43.53
N VAL B 85 -40.51 17.71 43.93
CA VAL B 85 -39.98 16.87 45.00
C VAL B 85 -40.05 17.67 46.29
N GLU B 86 -39.36 18.79 46.32
CA GLU B 86 -39.31 19.68 47.49
C GLU B 86 -38.63 20.98 47.06
N GLY B 87 -39.08 22.12 47.58
CA GLY B 87 -38.48 23.38 47.19
C GLY B 87 -38.61 23.61 45.69
N ASN B 88 -37.48 23.89 45.03
CA ASN B 88 -37.52 24.15 43.59
C ASN B 88 -37.02 22.97 42.78
N VAL B 89 -36.91 21.81 43.42
CA VAL B 89 -36.43 20.59 42.74
C VAL B 89 -37.57 19.72 42.24
N TRP B 90 -37.51 19.35 40.96
CA TRP B 90 -38.51 18.52 40.33
C TRP B 90 -37.88 17.26 39.78
N ARG B 91 -38.72 16.27 39.51
CA ARG B 91 -38.24 14.99 39.06
C ARG B 91 -39.09 14.40 37.96
N CYS B 92 -38.44 13.71 37.01
CA CYS B 92 -39.21 12.98 36.02
C CYS B 92 -38.60 11.58 35.94
N GLN B 93 -39.37 10.66 35.39
CA GLN B 93 -38.91 9.27 35.28
C GLN B 93 -39.31 8.70 33.95
N LEU B 94 -38.35 8.04 33.30
CA LEU B 94 -38.55 7.48 32.00
C LEU B 94 -38.14 6.03 31.95
N PRO B 95 -38.77 5.25 31.06
CA PRO B 95 -38.40 3.84 30.92
C PRO B 95 -37.03 3.85 30.21
N ASN B 96 -36.14 2.92 30.55
CA ASN B 96 -34.85 2.90 29.86
C ASN B 96 -35.01 2.72 28.36
N SER B 97 -36.11 2.09 27.94
CA SER B 97 -36.38 1.89 26.52
C SER B 97 -36.52 3.21 25.74
N PHE B 98 -36.80 4.30 26.46
CA PHE B 98 -36.93 5.62 25.86
C PHE B 98 -35.60 6.01 25.20
N PHE B 99 -34.50 5.46 25.73
CA PHE B 99 -33.16 5.77 25.23
C PHE B 99 -32.56 4.69 24.34
N GLY B 100 -33.11 3.48 24.39
CA GLY B 100 -32.55 2.42 23.56
C GLY B 100 -31.15 2.03 24.03
N GLU B 101 -30.28 1.70 23.08
CA GLU B 101 -28.93 1.29 23.46
C GLU B 101 -28.03 2.40 24.04
N PHE B 102 -28.36 3.65 23.75
CA PHE B 102 -27.52 4.76 24.21
C PHE B 102 -28.28 5.65 25.18
N ASN B 103 -27.91 5.58 26.44
CA ASN B 103 -28.59 6.38 27.48
C ASN B 103 -27.63 7.43 28.01
N PRO B 104 -27.86 8.70 27.67
CA PRO B 104 -26.95 9.78 28.13
C PRO B 104 -26.75 9.90 29.60
N TYR B 105 -27.72 9.40 30.37
CA TYR B 105 -27.66 9.51 31.83
C TYR B 105 -26.85 8.38 32.47
N LYS B 106 -26.53 7.38 31.67
CA LYS B 106 -25.67 6.27 32.09
C LYS B 106 -24.26 6.51 31.52
N GLU B 107 -24.19 6.95 30.26
CA GLU B 107 -22.89 7.18 29.60
C GLU B 107 -22.11 8.32 30.23
N GLU B 108 -20.84 8.07 30.52
CA GLU B 108 -20.01 9.10 31.11
C GLU B 108 -19.17 9.84 30.09
N VAL B 109 -18.74 11.02 30.50
CA VAL B 109 -17.70 11.75 29.76
C VAL B 109 -16.49 10.88 30.22
N PHE B 110 -15.80 10.26 29.27
CA PHE B 110 -14.76 9.28 29.59
C PHE B 110 -13.73 9.15 28.48
N GLY B 111 -12.50 8.83 28.88
CA GLY B 111 -11.53 8.48 27.86
C GLY B 111 -10.16 9.10 27.96
N ASP B 112 -9.38 8.82 26.93
CA ASP B 112 -7.99 9.29 26.92
C ASP B 112 -7.91 10.83 27.00
N TRP B 113 -6.98 11.30 27.84
CA TRP B 113 -6.69 12.72 28.08
C TRP B 113 -7.78 13.51 28.77
N LEU B 114 -8.77 12.79 29.32
CA LEU B 114 -9.80 13.47 30.16
C LEU B 114 -9.10 13.58 31.53
N LEU B 115 -9.08 14.80 32.09
CA LEU B 115 -8.33 14.99 33.31
C LEU B 115 -9.18 15.08 34.54
N THR B 116 -10.45 15.43 34.38
CA THR B 116 -11.32 15.55 35.55
C THR B 116 -11.93 14.17 35.82
N VAL B 117 -11.13 13.33 36.49
CA VAL B 117 -11.51 11.96 36.81
C VAL B 117 -12.20 11.73 38.17
N ASN B 118 -12.13 12.71 39.07
CA ASN B 118 -12.74 12.55 40.41
C ASN B 118 -14.27 12.50 40.44
N GLU B 119 -14.91 13.58 40.00
CA GLU B 119 -16.36 13.65 39.96
C GLU B 119 -16.77 13.35 38.52
N LYS B 120 -17.46 12.23 38.33
CA LYS B 120 -17.88 11.82 37.00
C LYS B 120 -18.99 12.69 36.45
N LYS B 121 -18.92 12.96 35.15
CA LYS B 121 -19.97 13.71 34.49
C LYS B 121 -20.55 12.76 33.43
N HIS B 122 -21.79 13.01 33.01
CA HIS B 122 -22.48 12.20 32.03
C HIS B 122 -22.85 13.02 30.80
N LEU B 123 -23.35 12.33 29.77
CA LEU B 123 -23.62 13.01 28.49
C LEU B 123 -24.99 13.64 28.41
N GLY B 124 -25.78 13.48 29.49
CA GLY B 124 -27.10 14.08 29.50
C GLY B 124 -27.06 15.58 29.72
N ASP B 125 -28.22 16.21 29.63
CA ASP B 125 -28.29 17.65 29.87
C ASP B 125 -29.78 17.98 30.03
N VAL B 126 -30.03 19.09 30.74
CA VAL B 126 -31.40 19.58 30.93
C VAL B 126 -31.39 21.03 30.46
N TYR B 127 -32.46 21.45 29.78
CA TYR B 127 -32.55 22.82 29.26
C TYR B 127 -33.87 23.46 29.69
N LEU B 128 -33.79 24.72 30.08
CA LEU B 128 -35.00 25.48 30.44
C LEU B 128 -35.08 26.62 29.40
N ASN B 129 -36.09 26.57 28.54
CA ASN B 129 -36.27 27.56 27.47
C ASN B 129 -34.94 27.76 26.72
N GLY B 130 -34.30 26.63 26.43
CA GLY B 130 -33.04 26.66 25.68
C GLY B 130 -31.73 26.76 26.44
N MET B 131 -31.79 27.08 27.73
CA MET B 131 -30.59 27.24 28.52
C MET B 131 -30.18 25.95 29.23
N SER B 132 -28.97 25.45 28.95
CA SER B 132 -28.50 24.21 29.56
C SER B 132 -28.17 24.38 31.05
N PHE B 133 -28.16 23.26 31.75
CA PHE B 133 -27.91 23.23 33.20
C PHE B 133 -26.51 22.69 33.51
N TYR B 134 -26.16 22.73 34.80
CA TYR B 134 -24.91 22.17 35.30
C TYR B 134 -25.23 20.87 36.03
N GLU B 135 -24.50 19.79 35.73
CA GLU B 135 -24.73 18.55 36.43
C GLU B 135 -24.12 18.59 37.85
N VAL B 136 -24.83 18.00 38.82
CA VAL B 136 -24.26 17.85 40.15
C VAL B 136 -24.14 16.36 40.43
N THR B 137 -23.19 16.03 41.31
CA THR B 137 -22.77 14.68 41.67
C THR B 137 -23.66 13.95 42.64
N ASN B 138 -24.21 14.70 43.58
CA ASN B 138 -25.06 14.06 44.59
C ASN B 138 -26.44 14.65 44.65
N TYR B 139 -27.39 13.80 45.01
CA TYR B 139 -28.78 14.22 45.15
C TYR B 139 -28.89 15.48 46.04
N GLU B 140 -28.18 15.47 47.16
CA GLU B 140 -28.23 16.60 48.09
C GLU B 140 -27.82 17.93 47.47
N ASP B 141 -26.99 17.89 46.43
CA ASP B 141 -26.52 19.12 45.77
C ASP B 141 -27.59 19.84 44.93
N LEU B 142 -28.74 19.21 44.75
CA LEU B 142 -29.80 19.81 43.95
C LEU B 142 -30.53 20.94 44.60
N PHE B 143 -30.61 20.90 45.92
CA PHE B 143 -31.47 21.84 46.63
C PHE B 143 -31.10 23.29 46.83
N ASN B 144 -29.84 23.57 47.15
CA ASN B 144 -29.46 24.97 47.36
C ASN B 144 -28.17 25.27 46.61
N PRO B 145 -28.19 25.11 45.27
CA PRO B 145 -26.96 25.40 44.52
C PRO B 145 -26.55 26.86 44.67
N GLN B 146 -25.24 27.11 44.66
CA GLN B 146 -24.74 28.46 44.86
C GLN B 146 -24.38 29.18 43.58
N LEU B 147 -24.74 30.44 43.49
CA LEU B 147 -24.40 31.25 42.33
C LEU B 147 -22.89 31.41 42.31
N ARG B 148 -22.28 31.16 41.15
CA ARG B 148 -20.84 31.34 41.00
C ARG B 148 -20.67 32.40 39.94
N THR B 149 -19.71 33.33 40.15
CA THR B 149 -19.49 34.41 39.20
C THR B 149 -18.11 34.40 38.56
N GLU B 150 -17.22 33.57 39.07
CA GLU B 150 -15.88 33.44 38.52
C GLU B 150 -15.44 31.98 38.51
N VAL B 151 -14.49 31.64 37.65
CA VAL B 151 -14.06 30.26 37.52
C VAL B 151 -12.59 30.22 37.12
N LEU B 152 -11.91 29.14 37.47
CA LEU B 152 -10.50 29.02 37.12
C LEU B 152 -10.36 28.45 35.72
N ASP B 153 -9.62 29.14 34.87
CA ASP B 153 -9.34 28.59 33.53
C ASP B 153 -8.19 27.62 33.79
N HIS B 154 -8.37 26.34 33.48
CA HIS B 154 -7.40 25.34 33.83
C HIS B 154 -6.01 25.53 33.23
N TRP B 155 -5.91 25.76 31.94
CA TRP B 155 -4.57 25.87 31.37
C TRP B 155 -3.80 27.09 31.85
N THR B 156 -4.45 28.25 31.81
CA THR B 156 -3.75 29.49 32.19
C THR B 156 -3.68 29.71 33.69
N GLN B 157 -4.50 29.00 34.44
CA GLN B 157 -4.56 29.13 35.91
C GLN B 157 -4.90 30.56 36.30
N LYS B 158 -5.75 31.19 35.50
CA LYS B 158 -6.23 32.55 35.76
C LYS B 158 -7.70 32.48 36.16
N ILE B 159 -8.09 33.28 37.15
CA ILE B 159 -9.49 33.30 37.55
C ILE B 159 -10.16 34.29 36.63
N VAL B 160 -11.22 33.83 35.96
CA VAL B 160 -11.92 34.69 35.03
C VAL B 160 -13.41 34.71 35.31
N PRO B 161 -14.13 35.70 34.78
CA PRO B 161 -15.58 35.77 35.01
C PRO B 161 -16.29 34.62 34.31
N ILE B 162 -17.40 34.19 34.90
CA ILE B 162 -18.24 33.18 34.28
C ILE B 162 -19.15 34.01 33.39
N LYS B 163 -19.27 33.64 32.11
CA LYS B 163 -20.08 34.44 31.20
C LYS B 163 -21.55 34.55 31.60
N ASN B 164 -22.16 33.43 31.94
CA ASN B 164 -23.58 33.43 32.34
C ASN B 164 -23.63 32.94 33.79
N ALA B 165 -23.53 33.87 34.73
CA ALA B 165 -23.51 33.48 36.13
C ALA B 165 -24.82 32.89 36.62
N GLU B 166 -25.94 33.44 36.16
CA GLU B 166 -27.25 32.96 36.62
C GLU B 166 -27.44 31.47 36.32
N GLN B 167 -26.90 31.03 35.18
CA GLN B 167 -26.97 29.64 34.78
C GLN B 167 -26.39 28.67 35.81
N THR B 168 -25.43 29.13 36.63
CA THR B 168 -24.79 28.27 37.60
C THR B 168 -25.71 27.77 38.72
N LYS B 169 -26.89 28.39 38.86
CA LYS B 169 -27.85 27.97 39.89
C LYS B 169 -28.81 26.88 39.36
N TYR B 170 -28.73 26.57 38.07
CA TYR B 170 -29.63 25.58 37.48
C TYR B 170 -28.86 24.27 37.37
N VAL B 171 -29.29 23.29 38.14
CA VAL B 171 -28.58 22.04 38.24
C VAL B 171 -29.44 20.81 38.04
N TRP B 172 -28.81 19.73 37.58
CA TRP B 172 -29.49 18.47 37.37
C TRP B 172 -28.68 17.29 37.89
N TYR B 173 -29.38 16.20 38.18
CA TYR B 173 -28.76 14.98 38.70
C TYR B 173 -29.61 13.80 38.22
N ALA B 174 -29.01 12.67 37.84
CA ALA B 174 -29.85 11.55 37.39
C ALA B 174 -29.37 10.24 37.92
N GLU B 175 -30.27 9.25 37.92
CA GLU B 175 -29.92 7.89 38.34
C GLU B 175 -30.50 6.95 37.29
N VAL B 176 -29.78 5.90 36.96
CA VAL B 176 -30.31 4.94 36.00
C VAL B 176 -30.19 3.57 36.65
N ASP B 177 -31.28 2.81 36.72
CA ASP B 177 -31.18 1.47 37.27
C ASP B 177 -31.49 0.48 36.16
N ARG B 178 -31.79 -0.78 36.45
CA ARG B 178 -32.00 -1.68 35.34
C ARG B 178 -33.29 -1.45 34.56
N GLU B 179 -34.21 -0.68 35.13
CA GLU B 179 -35.49 -0.46 34.46
C GLU B 179 -35.81 1.00 34.07
N LYS B 180 -35.45 1.92 34.96
CA LYS B 180 -35.82 3.32 34.79
C LYS B 180 -34.67 4.31 34.88
N THR B 181 -34.87 5.46 34.24
CA THR B 181 -33.97 6.60 34.29
C THR B 181 -34.75 7.69 35.01
N THR B 182 -34.22 8.19 36.13
CA THR B 182 -34.87 9.22 36.93
C THR B 182 -33.98 10.47 36.90
N ILE B 183 -34.58 11.58 36.47
CA ILE B 183 -33.85 12.85 36.33
C ILE B 183 -34.44 13.91 37.25
N TYR B 184 -33.58 14.55 38.04
CA TYR B 184 -33.97 15.60 38.98
C TYR B 184 -33.32 16.90 38.53
N ALA B 185 -34.01 18.02 38.73
CA ALA B 185 -33.41 19.31 38.39
C ALA B 185 -34.01 20.42 39.23
N ASN B 186 -33.21 21.46 39.45
CA ASN B 186 -33.66 22.63 40.20
C ASN B 186 -34.02 23.69 39.17
N PHE B 187 -35.32 24.02 39.08
CA PHE B 187 -35.80 25.02 38.14
C PHE B 187 -35.95 26.43 38.70
N GLN B 188 -35.44 26.60 39.93
CA GLN B 188 -35.39 27.89 40.64
C GLN B 188 -36.68 28.69 40.66
N GLY B 189 -37.80 27.99 40.74
CA GLY B 189 -39.07 28.69 40.82
C GLY B 189 -39.96 28.54 39.63
N ALA B 190 -39.40 28.13 38.49
CA ALA B 190 -40.21 27.95 37.30
C ALA B 190 -40.92 26.61 37.38
N ASP B 191 -42.02 26.47 36.63
CA ASP B 191 -42.76 25.22 36.55
C ASP B 191 -42.25 24.59 35.27
N PRO B 192 -41.51 23.47 35.37
CA PRO B 192 -40.96 22.86 34.14
C PRO B 192 -41.94 22.26 33.17
N ASN B 193 -43.18 22.02 33.61
CA ASN B 193 -44.17 21.50 32.67
C ASN B 193 -44.79 22.63 31.86
N GLU B 194 -44.78 23.84 32.41
CA GLU B 194 -45.36 25.00 31.74
C GLU B 194 -44.33 25.63 30.83
N GLU B 195 -43.09 25.72 31.32
CA GLU B 195 -42.00 26.27 30.52
C GLU B 195 -41.61 25.17 29.54
N PHE B 196 -40.71 25.51 28.62
CA PHE B 196 -40.28 24.55 27.60
C PHE B 196 -38.98 23.89 28.10
N VAL B 197 -39.11 22.69 28.66
CA VAL B 197 -37.97 21.98 29.23
C VAL B 197 -37.68 20.75 28.40
N GLU B 198 -36.41 20.63 28.00
CA GLU B 198 -35.96 19.52 27.18
C GLU B 198 -34.81 18.80 27.86
N ILE B 199 -34.60 17.54 27.47
CA ILE B 199 -33.45 16.80 27.98
C ILE B 199 -32.71 16.14 26.81
N ASN B 200 -31.41 15.94 26.96
CA ASN B 200 -30.68 15.20 25.91
C ASN B 200 -31.21 13.80 25.86
N VAL B 201 -31.29 13.23 24.65
CA VAL B 201 -31.76 11.86 24.49
C VAL B 201 -30.86 11.12 23.50
N ARG B 202 -30.67 11.68 22.29
CA ARG B 202 -29.85 11.00 21.27
C ARG B 202 -28.41 11.50 21.20
N ARG B 203 -27.55 10.60 20.72
CA ARG B 203 -26.12 10.93 20.64
C ARG B 203 -25.80 11.95 19.57
N SER B 204 -26.39 11.80 18.38
CA SER B 204 -26.08 12.67 17.25
C SER B 204 -27.36 13.18 16.59
N CYS B 205 -27.23 14.17 15.70
CA CYS B 205 -28.36 14.69 14.91
C CYS B 205 -28.27 14.31 13.44
N PHE B 206 -27.05 14.30 12.87
CA PHE B 206 -26.93 14.03 11.42
C PHE B 206 -25.58 13.36 11.26
N TYR B 207 -25.56 12.04 11.14
CA TYR B 207 -24.29 11.31 11.21
C TYR B 207 -24.53 9.91 10.72
N PRO B 208 -23.83 9.48 9.67
CA PRO B 208 -24.05 8.11 9.18
C PRO B 208 -23.64 7.05 10.17
N VAL B 209 -24.32 5.92 10.12
CA VAL B 209 -23.92 4.81 11.00
C VAL B 209 -23.00 3.83 10.29
N GLU B 210 -22.70 4.08 9.03
CA GLU B 210 -21.72 3.29 8.28
C GLU B 210 -20.65 4.29 7.80
N THR B 211 -19.41 3.85 7.63
CA THR B 211 -18.43 4.76 7.08
C THR B 211 -18.52 4.78 5.55
N GLY B 212 -17.79 5.69 4.92
CA GLY B 212 -17.76 5.75 3.45
C GLY B 212 -18.97 6.34 2.77
N ILE B 213 -19.84 7.02 3.53
CA ILE B 213 -21.03 7.63 2.92
C ILE B 213 -20.62 9.04 2.45
N ASP B 214 -19.94 9.02 1.31
CA ASP B 214 -19.34 10.21 0.71
C ASP B 214 -20.31 11.25 0.10
N TYR B 215 -19.78 12.45 -0.15
CA TYR B 215 -20.44 13.44 -0.99
C TYR B 215 -21.86 13.78 -0.63
N ILE B 216 -22.01 14.14 0.63
CA ILE B 216 -23.28 14.58 1.16
C ILE B 216 -23.14 16.10 1.44
N THR B 217 -24.16 16.88 1.08
CA THR B 217 -24.22 18.30 1.41
C THR B 217 -25.36 18.46 2.41
N VAL B 218 -25.11 19.21 3.48
CA VAL B 218 -26.13 19.46 4.53
C VAL B 218 -26.18 20.98 4.68
N LYS B 219 -27.31 21.57 4.31
CA LYS B 219 -27.42 23.03 4.28
C LYS B 219 -28.63 23.64 4.90
N GLY B 220 -28.39 24.67 5.69
CA GLY B 220 -29.48 25.52 6.18
C GLY B 220 -30.33 25.14 7.35
N PHE B 221 -29.83 24.21 8.15
CA PHE B 221 -30.56 23.75 9.32
C PHE B 221 -30.07 24.36 10.60
N GLU B 222 -30.95 24.37 11.61
CA GLU B 222 -30.47 24.67 12.95
C GLU B 222 -30.41 23.23 13.56
N MET B 223 -29.33 22.86 14.25
CA MET B 223 -29.25 21.51 14.86
C MET B 223 -28.79 21.70 16.30
N ALA B 224 -29.35 20.94 17.23
CA ALA B 224 -29.01 21.16 18.62
C ALA B 224 -29.31 19.99 19.53
N HIS B 225 -28.68 20.03 20.70
CA HIS B 225 -28.91 19.10 21.82
C HIS B 225 -28.50 17.68 21.49
N ALA B 226 -27.20 17.46 21.43
CA ALA B 226 -26.69 16.11 21.11
C ALA B 226 -25.78 15.66 22.24
N ALA B 227 -26.01 14.42 22.69
CA ALA B 227 -25.24 13.85 23.79
C ALA B 227 -23.96 13.20 23.26
N THR B 228 -23.08 14.03 22.72
CA THR B 228 -21.84 13.51 22.10
C THR B 228 -20.78 13.20 23.14
N PRO B 229 -20.03 12.11 22.95
CA PRO B 229 -18.99 11.64 23.87
C PRO B 229 -17.65 12.33 23.74
N TRP B 230 -16.84 12.17 24.78
CA TRP B 230 -15.48 12.75 24.79
C TRP B 230 -14.79 12.15 23.54
N ALA B 231 -14.11 13.04 22.78
CA ALA B 231 -13.57 12.61 21.47
C ALA B 231 -12.08 12.84 21.27
N PRO B 232 -11.23 12.03 21.92
CA PRO B 232 -9.77 12.16 21.79
C PRO B 232 -9.35 11.51 20.46
N PRO B 233 -8.11 11.76 20.02
CA PRO B 233 -7.63 11.22 18.74
C PRO B 233 -7.46 9.73 18.69
N THR B 234 -7.46 9.12 19.86
CA THR B 234 -7.26 7.69 20.04
C THR B 234 -8.56 6.91 20.19
N ALA B 235 -9.70 7.57 19.94
CA ALA B 235 -10.99 6.90 20.05
C ALA B 235 -11.83 7.18 18.80
N ASP B 236 -12.96 6.49 18.72
CA ASP B 236 -13.98 6.87 17.74
C ASP B 236 -14.27 8.36 18.09
N GLN B 237 -14.58 9.19 17.09
CA GLN B 237 -14.86 10.60 17.37
C GLN B 237 -16.24 11.06 16.82
N PRO B 238 -17.31 10.53 17.35
CA PRO B 238 -18.62 10.98 16.88
C PRO B 238 -18.87 12.40 17.28
N GLY B 239 -19.76 13.06 16.53
CA GLY B 239 -20.15 14.43 16.85
C GLY B 239 -21.65 14.57 16.65
N LEU B 240 -22.13 15.80 16.77
CA LEU B 240 -23.55 16.11 16.56
C LEU B 240 -23.81 15.89 15.04
N ILE B 241 -22.87 16.34 14.20
CA ILE B 241 -22.94 16.13 12.75
C ILE B 241 -21.53 15.82 12.26
N GLY B 242 -21.43 14.94 11.25
CA GLY B 242 -20.09 14.66 10.75
C GLY B 242 -20.17 13.61 9.66
N PRO B 243 -19.11 13.48 8.84
CA PRO B 243 -19.11 12.52 7.73
C PRO B 243 -18.81 11.08 8.08
N ASN B 244 -18.38 10.79 9.30
CA ASN B 244 -18.02 9.44 9.73
C ASN B 244 -17.12 8.70 8.75
N TRP B 245 -15.90 9.23 8.59
CA TRP B 245 -14.85 8.56 7.80
C TRP B 245 -15.25 8.37 6.36
N SER B 246 -15.26 9.48 5.65
CA SER B 246 -15.68 9.48 4.26
C SER B 246 -15.08 10.72 3.60
N LYS B 247 -15.50 10.99 2.36
CA LYS B 247 -14.92 12.11 1.62
C LYS B 247 -15.96 13.04 1.02
N GLY B 248 -15.63 14.33 0.97
CA GLY B 248 -16.44 15.24 0.18
C GLY B 248 -17.70 15.84 0.70
N TRP B 249 -17.85 15.88 2.02
CA TRP B 249 -19.07 16.54 2.53
C TRP B 249 -18.97 18.06 2.44
N ILE B 250 -20.14 18.70 2.36
CA ILE B 250 -20.22 20.16 2.45
C ILE B 250 -21.26 20.41 3.57
N ILE B 251 -20.82 21.01 4.67
CA ILE B 251 -21.69 21.33 5.83
C ILE B 251 -21.70 22.86 5.84
N GLU B 252 -22.84 23.45 5.47
CA GLU B 252 -22.89 24.90 5.27
C GLU B 252 -24.17 25.54 5.70
N ASP B 253 -24.06 26.80 6.10
CA ASP B 253 -25.22 27.62 6.45
C ASP B 253 -26.08 27.03 7.57
N ASN B 254 -25.44 26.34 8.52
CA ASN B 254 -26.19 25.74 9.63
C ASN B 254 -25.91 26.53 10.92
N ILE B 255 -26.86 26.47 11.86
CA ILE B 255 -26.67 27.04 13.21
C ILE B 255 -26.63 25.80 14.09
N ILE B 256 -25.50 25.52 14.76
CA ILE B 256 -25.31 24.30 15.53
C ILE B 256 -24.94 24.63 16.94
N HIS B 257 -25.63 24.05 17.92
CA HIS B 257 -25.28 24.35 19.29
C HIS B 257 -25.68 23.25 20.26
N ASP B 258 -25.13 23.34 21.46
CA ASP B 258 -25.44 22.40 22.54
C ASP B 258 -25.11 20.96 22.28
N ALA B 259 -23.91 20.76 21.75
CA ALA B 259 -23.34 19.41 21.64
C ALA B 259 -22.61 19.26 22.97
N LYS B 260 -22.80 18.11 23.63
CA LYS B 260 -22.18 17.88 24.94
C LYS B 260 -20.68 18.05 24.85
N CYS B 261 -20.08 17.33 23.90
CA CYS B 261 -18.63 17.44 23.66
C CYS B 261 -18.39 18.14 22.33
N SER B 262 -18.22 17.38 21.23
CA SER B 262 -17.92 18.08 19.98
C SER B 262 -19.11 18.19 19.06
N ALA B 263 -19.24 19.32 18.38
CA ALA B 263 -20.36 19.54 17.46
C ALA B 263 -20.10 18.94 16.08
N ILE B 264 -19.24 19.53 15.28
CA ILE B 264 -18.93 18.93 13.96
C ILE B 264 -17.69 18.10 14.11
N SER B 265 -17.79 16.82 13.73
CA SER B 265 -16.61 15.96 13.76
C SER B 265 -16.20 15.55 12.36
N ILE B 266 -14.96 15.84 12.02
CA ILE B 266 -14.36 15.29 10.79
C ILE B 266 -13.19 14.38 11.28
N GLY B 267 -13.51 13.57 12.30
CA GLY B 267 -12.50 12.71 12.91
C GLY B 267 -12.44 11.26 12.44
N LYS B 268 -11.94 10.40 13.32
CA LYS B 268 -11.74 9.00 12.93
C LYS B 268 -12.82 8.11 13.52
N GLU B 269 -12.77 6.83 13.16
CA GLU B 269 -13.77 5.88 13.63
C GLU B 269 -13.11 4.86 14.56
N ALA B 270 -13.89 3.97 15.13
CA ALA B 270 -13.37 3.10 16.15
C ALA B 270 -12.39 2.00 15.82
N THR B 271 -12.41 1.51 14.58
CA THR B 271 -11.58 0.34 14.32
C THR B 271 -10.09 0.58 14.34
N THR B 272 -9.69 1.82 14.18
CA THR B 272 -8.27 2.14 14.17
C THR B 272 -7.75 2.47 15.56
N GLY B 273 -8.59 2.38 16.58
CA GLY B 273 -8.12 2.63 17.94
C GLY B 273 -9.27 3.16 18.77
N ASN B 274 -9.51 2.62 19.97
CA ASN B 274 -10.63 3.12 20.78
C ASN B 274 -10.34 3.14 22.28
N ASN B 275 -9.68 4.22 22.69
CA ASN B 275 -9.33 4.46 24.11
C ASN B 275 -8.52 3.30 24.70
N TYR B 276 -7.61 2.74 23.91
CA TYR B 276 -6.81 1.65 24.44
C TYR B 276 -6.03 2.02 25.70
N ARG B 277 -5.49 3.25 25.78
CA ARG B 277 -4.75 3.62 26.98
C ARG B 277 -5.69 3.56 28.19
N SER B 278 -6.90 4.10 28.07
CA SER B 278 -7.81 4.12 29.22
C SER B 278 -8.37 2.75 29.57
N ILE B 279 -8.53 1.90 28.57
CA ILE B 279 -9.11 0.57 28.84
C ILE B 279 -8.08 -0.50 29.18
N ARG B 280 -6.99 -0.56 28.42
CA ARG B 280 -5.95 -1.58 28.62
C ARG B 280 -4.88 -1.17 29.62
N LYS B 281 -4.60 0.13 29.69
CA LYS B 281 -3.68 0.72 30.65
C LYS B 281 -2.23 0.30 30.58
N ASP B 282 -1.84 -0.33 29.47
CA ASP B 282 -0.45 -0.80 29.30
C ASP B 282 0.53 0.13 28.63
N LYS B 283 0.00 1.06 27.83
CA LYS B 283 0.80 2.02 27.06
C LYS B 283 0.05 3.33 27.06
N PRO B 284 0.78 4.44 27.00
CA PRO B 284 0.14 5.76 26.99
C PRO B 284 -0.60 6.08 25.68
N GLY B 285 -1.53 7.03 25.77
CA GLY B 285 -2.27 7.48 24.62
C GLY B 285 -1.29 7.93 23.54
N TYR B 286 -0.16 8.51 23.93
CA TYR B 286 0.84 8.92 22.93
C TYR B 286 1.23 7.75 22.01
N GLN B 287 1.51 6.60 22.61
CA GLN B 287 1.94 5.43 21.87
C GLN B 287 0.81 4.89 21.03
N TYR B 288 -0.40 4.84 21.59
CA TYR B 288 -1.54 4.35 20.82
C TYR B 288 -1.94 5.31 19.69
N GLN B 289 -1.66 6.61 19.87
CA GLN B 289 -2.03 7.55 18.81
C GLN B 289 -1.17 7.38 17.56
N LEU B 290 0.15 7.26 17.76
CA LEU B 290 1.02 7.14 16.58
C LEU B 290 0.71 5.78 15.92
N GLU B 291 0.26 4.76 16.69
CA GLU B 291 -0.15 3.49 16.05
C GLU B 291 -1.43 3.68 15.25
N ALA B 292 -2.36 4.49 15.75
CA ALA B 292 -3.64 4.69 15.01
C ALA B 292 -3.40 5.27 13.60
N VAL B 293 -2.39 6.10 13.45
CA VAL B 293 -2.04 6.68 12.15
C VAL B 293 -1.70 5.54 11.18
N PHE B 294 -0.87 4.57 11.59
CA PHE B 294 -0.55 3.45 10.68
C PHE B 294 -1.75 2.52 10.52
N ASN B 295 -2.55 2.32 11.57
CA ASN B 295 -3.76 1.49 11.44
C ASN B 295 -4.67 2.11 10.36
N ALA B 296 -4.79 3.44 10.36
CA ALA B 296 -5.62 4.10 9.37
C ALA B 296 -5.06 4.01 7.97
N LYS B 297 -3.74 4.13 7.83
CA LYS B 297 -3.14 4.02 6.50
C LYS B 297 -3.51 2.65 5.91
N ARG B 298 -3.57 1.62 6.76
CA ARG B 298 -3.93 0.31 6.26
C ARG B 298 -5.40 0.19 5.94
N ASN B 299 -6.23 1.08 6.52
CA ASN B 299 -7.72 1.17 6.46
C ASN B 299 -8.21 2.30 5.51
N GLY B 300 -7.44 2.46 4.44
CA GLY B 300 -7.68 3.40 3.34
C GLY B 300 -7.45 4.89 3.50
N TRP B 301 -6.83 5.30 4.60
CA TRP B 301 -6.68 6.75 4.85
C TRP B 301 -5.77 7.38 3.80
N SER B 302 -6.40 8.11 2.89
CA SER B 302 -5.69 8.71 1.76
C SER B 302 -6.58 9.75 1.15
N LYS B 303 -6.00 10.61 0.32
CA LYS B 303 -6.81 11.64 -0.34
C LYS B 303 -7.92 11.03 -1.19
N GLU B 304 -7.68 9.86 -1.77
CA GLU B 304 -8.71 9.26 -2.58
C GLU B 304 -9.96 8.87 -1.84
N LYS B 305 -9.87 8.63 -0.53
CA LYS B 305 -11.03 8.12 0.19
C LYS B 305 -11.52 8.87 1.41
N ILE B 306 -10.66 9.69 1.99
CA ILE B 306 -11.04 10.37 3.23
C ILE B 306 -10.73 11.86 3.20
N GLY B 307 -11.64 12.65 3.71
CA GLY B 307 -11.38 14.08 3.82
C GLY B 307 -11.97 14.95 2.75
N SER B 308 -11.26 16.02 2.43
CA SER B 308 -11.71 16.99 1.44
C SER B 308 -13.14 17.47 1.72
N HIS B 309 -13.42 17.71 3.00
CA HIS B 309 -14.73 18.22 3.41
C HIS B 309 -14.68 19.74 3.42
N ILE B 310 -15.82 20.37 3.30
CA ILE B 310 -15.92 21.83 3.36
C ILE B 310 -16.90 22.17 4.48
N ILE B 311 -16.45 22.99 5.43
CA ILE B 311 -17.31 23.41 6.56
C ILE B 311 -17.34 24.94 6.42
N ARG B 312 -18.46 25.50 5.99
CA ARG B 312 -18.50 26.94 5.73
C ARG B 312 -19.81 27.62 6.09
N ASN B 313 -19.69 28.88 6.49
CA ASN B 313 -20.85 29.73 6.75
C ASN B 313 -21.75 29.17 7.83
N ASN B 314 -21.17 28.51 8.84
CA ASN B 314 -21.99 28.02 9.97
C ASN B 314 -21.72 28.87 11.21
N THR B 315 -22.67 28.81 12.13
CA THR B 315 -22.52 29.44 13.45
C THR B 315 -22.59 28.25 14.44
N ILE B 316 -21.56 28.09 15.27
CA ILE B 316 -21.44 26.93 16.17
C ILE B 316 -21.07 27.43 17.54
N TYR B 317 -21.88 27.08 18.55
CA TYR B 317 -21.63 27.61 19.89
C TYR B 317 -22.20 26.74 20.98
N ASP B 318 -21.80 27.07 22.21
CA ASP B 318 -22.31 26.36 23.40
C ASP B 318 -22.10 24.84 23.32
N CYS B 319 -20.84 24.46 23.17
CA CYS B 319 -20.43 23.04 23.12
C CYS B 319 -19.39 22.86 24.19
N GLY B 320 -19.31 21.65 24.74
CA GLY B 320 -18.39 21.40 25.83
C GLY B 320 -16.98 21.01 25.50
N GLN B 321 -16.74 20.48 24.30
CA GLN B 321 -15.39 20.10 23.94
C GLN B 321 -14.87 20.92 22.74
N ASN B 322 -15.64 20.95 21.65
CA ASN B 322 -15.22 21.69 20.44
C ASN B 322 -16.37 22.06 19.55
N ALA B 323 -16.21 23.13 18.77
CA ALA B 323 -17.17 23.38 17.67
C ALA B 323 -16.78 22.43 16.51
N ILE B 324 -15.49 22.21 16.25
CA ILE B 324 -15.05 21.30 15.17
C ILE B 324 -13.91 20.49 15.73
N VAL B 325 -13.97 19.15 15.55
CA VAL B 325 -12.94 18.26 16.07
C VAL B 325 -12.59 17.24 15.00
N GLY B 326 -11.40 16.65 15.13
CA GLY B 326 -11.10 15.49 14.28
C GLY B 326 -9.68 15.12 14.06
N HIS B 327 -9.39 13.84 14.21
CA HIS B 327 -8.06 13.28 13.92
C HIS B 327 -8.19 12.45 12.64
N LEU B 328 -7.29 12.69 11.67
CA LEU B 328 -7.22 11.95 10.38
C LEU B 328 -8.34 12.22 9.38
N GLY B 329 -9.59 12.26 9.83
CA GLY B 329 -10.69 12.35 8.90
C GLY B 329 -10.89 13.68 8.22
N GLY B 330 -10.08 14.67 8.60
CA GLY B 330 -10.25 16.00 8.04
C GLY B 330 -9.18 16.40 7.04
N VAL B 331 -8.27 15.49 6.72
CA VAL B 331 -7.23 15.86 5.75
C VAL B 331 -7.82 16.51 4.50
N PHE B 332 -7.11 17.53 4.02
CA PHE B 332 -7.43 18.28 2.79
C PHE B 332 -8.71 19.07 2.83
N SER B 333 -9.26 19.24 4.04
CA SER B 333 -10.51 19.99 4.16
C SER B 333 -10.35 21.50 4.20
N GLU B 334 -11.46 22.20 4.05
CA GLU B 334 -11.49 23.67 4.08
C GLU B 334 -12.54 24.08 5.11
N ILE B 335 -12.17 25.00 6.00
CA ILE B 335 -13.04 25.48 7.09
C ILE B 335 -13.04 26.99 7.01
N TYR B 336 -14.14 27.60 6.58
CA TYR B 336 -14.13 29.05 6.40
C TYR B 336 -15.45 29.74 6.61
N ASN B 337 -15.34 31.02 6.95
CA ASN B 337 -16.51 31.86 7.18
C ASN B 337 -17.46 31.32 8.26
N ASN B 338 -16.90 30.69 9.28
CA ASN B 338 -17.73 30.22 10.37
C ASN B 338 -17.59 31.17 11.56
N HIS B 339 -18.65 31.21 12.36
CA HIS B 339 -18.66 32.01 13.59
C HIS B 339 -18.74 30.98 14.74
N ILE B 340 -17.66 30.87 15.50
CA ILE B 340 -17.52 29.88 16.59
C ILE B 340 -17.35 30.64 17.90
N TYR B 341 -18.18 30.34 18.89
CA TYR B 341 -18.03 31.00 20.17
C TYR B 341 -18.60 30.18 21.31
N ASN B 342 -18.30 30.58 22.53
CA ASN B 342 -18.80 29.92 23.75
C ASN B 342 -18.50 28.43 23.74
N ILE B 343 -17.22 28.07 23.56
CA ILE B 343 -16.87 26.68 23.54
C ILE B 343 -16.13 26.36 24.83
N ALA B 344 -16.70 25.41 25.59
CA ALA B 344 -16.14 24.88 26.85
C ALA B 344 -16.11 25.91 27.98
N LEU B 345 -17.06 26.83 27.98
CA LEU B 345 -17.06 27.84 29.03
C LEU B 345 -17.63 27.34 30.36
N LYS B 346 -18.55 26.38 30.34
CA LYS B 346 -19.11 25.89 31.61
C LYS B 346 -18.07 25.14 32.44
N ARG B 347 -17.06 24.55 31.78
CA ARG B 347 -15.99 23.85 32.46
C ARG B 347 -16.51 22.74 33.41
N GLU B 348 -17.51 22.00 32.95
CA GLU B 348 -18.03 20.90 33.77
C GLU B 348 -17.02 19.76 33.80
N PHE B 349 -16.20 19.69 32.74
CA PHE B 349 -15.16 18.66 32.65
C PHE B 349 -14.02 19.30 31.87
N TYR B 350 -12.82 18.73 32.02
CA TYR B 350 -11.65 19.30 31.35
C TYR B 350 -10.70 18.19 30.95
N GLY B 351 -9.95 18.45 29.87
CA GLY B 351 -8.97 17.49 29.42
C GLY B 351 -8.27 18.12 28.23
N HIS B 352 -7.29 17.38 27.70
CA HIS B 352 -6.49 17.92 26.60
C HIS B 352 -7.04 17.74 25.19
N GLU B 353 -8.33 17.98 25.02
CA GLU B 353 -8.97 17.87 23.71
C GLU B 353 -9.88 19.06 23.44
N ILE B 354 -9.84 20.06 24.33
CA ILE B 354 -10.78 21.20 24.24
C ILE B 354 -10.22 22.38 23.45
N ALA B 355 -11.04 22.89 22.51
CA ALA B 355 -10.74 24.09 21.71
C ALA B 355 -11.88 24.38 20.76
N GLY B 356 -12.02 25.65 20.35
CA GLY B 356 -13.05 25.96 19.35
C GLY B 356 -12.92 25.00 18.16
N ILE B 357 -11.71 24.91 17.60
CA ILE B 357 -11.43 23.95 16.54
C ILE B 357 -10.19 23.17 17.00
N LYS B 358 -10.28 21.85 17.05
CA LYS B 358 -9.09 21.04 17.33
C LYS B 358 -8.99 20.00 16.22
N LEU B 359 -7.84 19.96 15.55
CA LEU B 359 -7.61 18.97 14.50
C LEU B 359 -6.23 18.35 14.64
N HIS B 360 -6.21 17.02 14.54
CA HIS B 360 -4.96 16.28 14.55
C HIS B 360 -4.77 15.80 13.09
N ALA B 361 -3.54 15.91 12.59
CA ALA B 361 -3.23 15.54 11.19
C ALA B 361 -4.07 16.34 10.23
N ALA B 362 -4.06 17.67 10.41
CA ALA B 362 -4.78 18.60 9.52
C ALA B 362 -3.96 18.85 8.24
N ILE B 363 -3.66 17.76 7.53
CA ILE B 363 -2.79 17.86 6.33
C ILE B 363 -3.43 18.71 5.25
N ASP B 364 -2.71 19.75 4.81
CA ASP B 364 -3.21 20.68 3.78
C ASP B 364 -4.59 21.29 4.10
N VAL B 365 -4.97 21.31 5.38
CA VAL B 365 -6.27 21.91 5.73
C VAL B 365 -6.18 23.45 5.66
N GLN B 366 -7.20 24.09 5.10
CA GLN B 366 -7.23 25.57 4.97
C GLN B 366 -8.28 26.06 5.99
N ILE B 367 -7.85 26.87 6.96
CA ILE B 367 -8.76 27.38 8.01
C ILE B 367 -8.70 28.91 7.83
N HIS B 368 -9.74 29.50 7.28
CA HIS B 368 -9.65 30.93 6.98
C HIS B 368 -10.95 31.69 7.12
N HIS B 369 -10.84 33.00 7.36
CA HIS B 369 -12.01 33.85 7.48
C HIS B 369 -13.02 33.37 8.53
N ASN B 370 -12.53 32.84 9.65
CA ASN B 370 -13.42 32.46 10.75
C ASN B 370 -13.32 33.48 11.90
N ARG B 371 -14.43 33.63 12.62
CA ARG B 371 -14.56 34.52 13.79
C ARG B 371 -14.67 33.58 14.99
N ILE B 372 -13.64 33.55 15.82
CA ILE B 372 -13.55 32.61 16.93
C ILE B 372 -13.33 33.39 18.21
N HIS B 373 -14.30 33.34 19.12
CA HIS B 373 -14.18 34.12 20.34
C HIS B 373 -14.88 33.48 21.50
N ASP B 374 -14.55 33.95 22.69
CA ASP B 374 -15.16 33.41 23.90
C ASP B 374 -15.00 31.89 24.00
N CYS B 375 -13.76 31.46 23.81
CA CYS B 375 -13.39 30.05 23.94
C CYS B 375 -12.22 30.00 24.90
N SER B 376 -12.05 28.87 25.59
CA SER B 376 -10.86 28.73 26.45
C SER B 376 -9.60 28.59 25.55
N LEU B 377 -9.75 28.03 24.36
CA LEU B 377 -8.63 27.97 23.39
C LEU B 377 -9.31 28.06 22.03
N GLY B 378 -8.87 28.96 21.15
CA GLY B 378 -9.56 29.12 19.87
C GLY B 378 -9.30 27.99 18.87
N LEU B 379 -8.03 27.69 18.66
CA LEU B 379 -7.61 26.71 17.63
C LEU B 379 -6.45 25.90 18.14
N TRP B 380 -6.55 24.59 18.00
CA TRP B 380 -5.48 23.69 18.41
C TRP B 380 -5.17 22.74 17.25
N LEU B 381 -3.96 22.84 16.70
CA LEU B 381 -3.51 21.91 15.63
C LEU B 381 -2.55 21.03 16.39
N ASP B 382 -2.81 19.72 16.43
CA ASP B 382 -2.03 18.84 17.31
C ASP B 382 -1.62 17.60 16.50
N TRP B 383 -0.32 17.50 16.23
CA TRP B 383 0.31 16.49 15.36
C TRP B 383 0.06 16.73 13.87
N GLU B 384 1.10 16.55 13.07
CA GLU B 384 0.91 16.49 11.63
C GLU B 384 0.20 17.64 10.95
N ALA B 385 0.51 18.84 11.44
CA ALA B 385 0.00 20.09 10.84
C ALA B 385 1.00 20.34 9.69
N GLN B 386 0.82 19.57 8.62
CA GLN B 386 1.71 19.68 7.46
C GLN B 386 0.92 20.25 6.32
N GLY B 387 1.32 21.43 5.86
CA GLY B 387 0.61 22.13 4.79
C GLY B 387 -0.58 22.93 5.32
N THR B 388 -0.87 22.84 6.60
CA THR B 388 -2.02 23.55 7.15
C THR B 388 -1.83 25.06 7.00
N ARG B 389 -2.88 25.78 6.62
CA ARG B 389 -2.82 27.23 6.48
C ARG B 389 -3.94 27.84 7.31
N VAL B 390 -3.55 28.66 8.28
CA VAL B 390 -4.49 29.35 9.16
C VAL B 390 -4.39 30.80 8.69
N SER B 391 -5.43 31.31 8.01
CA SER B 391 -5.28 32.62 7.37
C SER B 391 -6.51 33.52 7.53
N LYS B 392 -6.28 34.80 7.79
CA LYS B 392 -7.37 35.79 7.82
C LYS B 392 -8.48 35.46 8.79
N ASN B 393 -8.11 34.89 9.95
CA ASN B 393 -9.11 34.63 11.01
C ASN B 393 -9.07 35.75 12.06
N LEU B 394 -10.19 35.87 12.77
CA LEU B 394 -10.37 36.88 13.82
C LEU B 394 -10.56 36.16 15.14
N PHE B 395 -9.58 36.29 16.03
CA PHE B 395 -9.59 35.65 17.35
C PHE B 395 -9.63 36.73 18.41
N TYR B 396 -10.61 36.66 19.30
CA TYR B 396 -10.68 37.62 20.41
C TYR B 396 -11.44 37.04 21.57
N ASN B 397 -11.21 37.63 22.75
CA ASN B 397 -11.91 37.20 23.97
C ASN B 397 -11.71 35.71 24.26
N ASN B 398 -10.53 35.18 23.93
CA ASN B 398 -10.24 33.77 24.24
C ASN B 398 -9.16 33.73 25.31
N ASN B 399 -9.17 32.69 26.14
CA ASN B 399 -8.09 32.60 27.13
C ASN B 399 -6.76 32.43 26.42
N ARG B 400 -6.78 31.68 25.32
CA ARG B 400 -5.64 31.50 24.43
C ARG B 400 -6.19 31.44 23.01
N ASP B 401 -5.45 32.03 22.05
CA ASP B 401 -5.91 31.96 20.68
C ASP B 401 -5.52 30.70 19.88
N VAL B 402 -4.22 30.44 19.70
CA VAL B 402 -3.78 29.33 18.81
C VAL B 402 -2.72 28.49 19.49
N PHE B 403 -2.79 27.17 19.32
CA PHE B 403 -1.82 26.22 19.86
C PHE B 403 -1.44 25.29 18.67
N VAL B 404 -0.16 25.24 18.31
CA VAL B 404 0.31 24.31 17.27
C VAL B 404 1.28 23.40 18.02
N GLU B 405 0.91 22.12 18.15
CA GLU B 405 1.64 21.15 18.96
C GLU B 405 2.22 19.97 18.20
N VAL B 406 3.45 19.62 18.58
CA VAL B 406 4.21 18.48 18.02
C VAL B 406 4.08 18.31 16.54
N SER B 407 4.18 19.45 15.86
CA SER B 407 4.19 19.46 14.40
C SER B 407 5.52 19.93 13.83
N HIS B 408 5.74 19.57 12.57
CA HIS B 408 7.01 19.87 11.89
C HIS B 408 6.84 20.75 10.68
N GLY B 409 5.58 21.06 10.34
CA GLY B 409 5.32 21.94 9.21
C GLY B 409 5.58 21.24 7.88
N PRO B 410 5.68 22.01 6.80
CA PRO B 410 5.52 23.48 6.77
C PRO B 410 4.07 23.89 7.04
N TYR B 411 3.87 24.73 8.06
CA TYR B 411 2.51 25.23 8.37
C TYR B 411 2.57 26.75 8.38
N LEU B 412 1.45 27.35 7.98
CA LEU B 412 1.39 28.79 7.78
C LEU B 412 0.30 29.44 8.57
N VAL B 413 0.66 30.53 9.24
CA VAL B 413 -0.30 31.32 10.03
C VAL B 413 -0.12 32.73 9.48
N ASP B 414 -1.09 33.21 8.70
CA ASP B 414 -0.89 34.50 8.04
C ASP B 414 -2.13 35.39 8.05
N HIS B 415 -1.86 36.70 8.15
CA HIS B 415 -2.93 37.71 8.08
C HIS B 415 -4.06 37.51 9.08
N ASN B 416 -3.73 37.00 10.27
CA ASN B 416 -4.75 36.81 11.29
C ASN B 416 -4.67 37.95 12.34
N ILE B 417 -5.75 38.07 13.10
CA ILE B 417 -5.81 38.97 14.24
C ILE B 417 -5.86 38.03 15.46
N LEU B 418 -4.77 37.98 16.23
CA LEU B 418 -4.71 37.14 17.44
C LEU B 418 -4.65 38.16 18.57
N SER B 419 -5.80 38.49 19.11
CA SER B 419 -5.84 39.56 20.11
C SER B 419 -5.86 39.18 21.56
N SER B 420 -5.86 37.90 21.87
CA SER B 420 -5.92 37.56 23.28
C SER B 420 -4.54 37.73 23.97
N GLU B 421 -4.53 37.89 25.30
CA GLU B 421 -3.26 38.11 26.01
C GLU B 421 -2.28 36.94 25.96
N TYR B 422 -2.80 35.74 25.67
CA TYR B 422 -1.96 34.55 25.54
C TYR B 422 -2.33 34.16 24.11
N ALA B 423 -1.48 34.57 23.16
CA ALA B 423 -1.81 34.38 21.77
C ALA B 423 -1.44 33.05 21.14
N ILE B 424 -0.24 32.59 21.44
CA ILE B 424 0.27 31.39 20.80
C ILE B 424 0.98 30.42 21.72
N ASP B 425 0.59 29.13 21.67
CA ASP B 425 1.36 28.07 22.32
C ASP B 425 2.02 27.41 21.09
N ASN B 426 3.35 27.44 21.07
CA ASN B 426 4.11 26.89 19.94
C ASN B 426 5.00 25.76 20.45
N MET B 427 4.55 24.53 20.25
CA MET B 427 5.35 23.37 20.69
C MET B 427 5.66 22.61 19.42
N SER B 428 6.06 23.35 18.38
CA SER B 428 6.33 22.78 17.06
C SER B 428 7.53 23.40 16.45
N GLN B 429 7.80 22.97 15.23
CA GLN B 429 8.88 23.59 14.38
C GLN B 429 8.33 23.63 12.97
N GLY B 430 8.98 24.41 12.11
CA GLY B 430 8.52 24.48 10.71
C GLY B 430 7.38 25.44 10.43
N GLY B 431 7.17 26.42 11.27
CA GLY B 431 6.08 27.34 11.03
C GLY B 431 6.47 28.60 10.33
N ALA B 432 5.48 29.22 9.73
CA ALA B 432 5.70 30.54 9.11
C ALA B 432 4.57 31.43 9.61
N TYR B 433 4.91 32.53 10.30
CA TYR B 433 3.92 33.48 10.86
C TYR B 433 4.14 34.76 10.05
N ILE B 434 3.18 35.08 9.19
CA ILE B 434 3.35 36.17 8.23
C ILE B 434 2.21 37.18 8.28
N ASN B 435 2.54 38.46 8.49
CA ASN B 435 1.54 39.52 8.43
C ASN B 435 0.39 39.42 9.43
N ASN B 436 0.66 38.88 10.61
CA ASN B 436 -0.38 38.81 11.64
C ASN B 436 -0.33 40.03 12.57
N LEU B 437 -1.41 40.22 13.35
CA LEU B 437 -1.44 41.19 14.46
C LEU B 437 -1.49 40.23 15.64
N ILE B 438 -0.45 40.28 16.46
CA ILE B 438 -0.31 39.37 17.61
C ILE B 438 -0.19 40.22 18.87
N ALA B 439 -1.24 40.19 19.69
CA ALA B 439 -1.30 41.05 20.89
C ALA B 439 -1.19 40.32 22.20
N GLY B 440 -0.53 39.18 22.17
CA GLY B 440 -0.41 38.40 23.38
C GLY B 440 0.88 37.61 23.33
N LYS B 441 1.15 36.92 24.42
CA LYS B 441 2.39 36.19 24.49
C LYS B 441 2.41 34.90 23.69
N MET B 442 3.64 34.45 23.47
CA MET B 442 3.88 33.15 22.87
C MET B 442 4.68 32.33 23.86
N ASN B 443 4.22 31.12 24.12
CA ASN B 443 4.93 30.16 24.94
C ASN B 443 5.51 29.16 23.91
N GLN B 444 6.83 29.15 23.74
CA GLN B 444 7.48 28.25 22.77
C GLN B 444 8.36 27.27 23.52
N ARG B 445 8.15 25.98 23.23
CA ARG B 445 8.84 24.92 23.93
C ARG B 445 9.18 23.76 23.02
N LYS B 446 10.34 23.17 23.26
CA LYS B 446 10.77 21.98 22.52
C LYS B 446 9.98 20.79 23.09
N VAL B 447 9.93 19.70 22.32
CA VAL B 447 9.28 18.46 22.78
C VAL B 447 10.24 17.33 22.43
N LEU B 448 11.03 16.93 23.41
CA LEU B 448 12.07 15.94 23.17
C LEU B 448 11.74 14.53 23.61
N ASN B 449 10.55 14.30 24.11
CA ASN B 449 10.21 12.94 24.56
C ASN B 449 9.03 12.37 23.82
N ARG B 450 8.62 13.05 22.74
CA ARG B 450 7.54 12.54 21.89
C ARG B 450 7.97 12.82 20.45
N SER B 451 7.98 11.77 19.64
CA SER B 451 8.28 11.89 18.21
C SER B 451 6.93 11.67 17.49
N THR B 452 6.69 12.42 16.42
CA THR B 452 5.40 12.34 15.72
C THR B 452 5.66 12.37 14.21
N GLN B 453 4.73 11.80 13.43
CA GLN B 453 4.95 11.65 11.99
C GLN B 453 5.02 12.89 11.15
N TYR B 454 5.73 12.74 10.02
CA TYR B 454 5.64 13.75 8.97
C TYR B 454 5.42 12.94 7.69
N HIS B 455 5.03 13.64 6.63
CA HIS B 455 4.53 13.02 5.41
C HIS B 455 5.16 13.45 4.14
N LEU B 456 4.91 12.68 3.08
CA LEU B 456 5.31 13.21 1.77
C LEU B 456 4.37 14.43 1.52
N PRO B 457 4.78 15.39 0.70
CA PRO B 457 3.90 16.56 0.47
C PRO B 457 2.53 16.22 -0.13
N HIS B 458 1.49 16.91 0.35
CA HIS B 458 0.14 16.74 -0.23
C HIS B 458 -0.33 15.32 -0.24
N SER B 459 -0.04 14.58 0.82
CA SER B 459 -0.34 13.18 0.85
C SER B 459 -0.44 12.68 2.31
N THR B 460 -1.11 11.55 2.51
CA THR B 460 -1.11 10.94 3.82
C THR B 460 0.08 9.95 3.95
N GLU B 461 0.79 9.68 2.86
CA GLU B 461 1.96 8.77 2.97
C GLU B 461 2.93 9.29 4.03
N VAL B 462 3.38 8.36 4.85
CA VAL B 462 4.32 8.71 5.93
C VAL B 462 5.72 8.74 5.41
N ALA B 463 6.42 9.83 5.74
CA ALA B 463 7.81 9.99 5.33
C ALA B 463 8.80 9.72 6.45
N GLY B 464 8.34 9.91 7.69
CA GLY B 464 9.23 9.71 8.82
C GLY B 464 8.55 10.21 10.06
N PHE B 465 9.33 10.43 11.13
CA PHE B 465 8.77 10.97 12.39
C PHE B 465 9.91 11.71 13.06
N ALA B 466 9.55 12.70 13.88
CA ALA B 466 10.59 13.47 14.53
C ALA B 466 10.13 14.06 15.87
N PHE B 467 11.13 14.36 16.68
CA PHE B 467 10.94 15.14 17.93
C PHE B 467 10.91 16.60 17.48
N VAL B 468 10.46 17.49 18.37
CA VAL B 468 10.46 18.94 18.12
C VAL B 468 11.69 19.54 18.82
N TYR B 469 12.65 19.95 18.00
CA TYR B 469 13.90 20.50 18.51
C TYR B 469 13.77 21.98 18.76
N GLY B 470 12.70 22.60 18.29
CA GLY B 470 12.50 24.05 18.53
C GLY B 470 13.12 24.92 17.44
N GLY B 471 12.48 26.04 17.13
CA GLY B 471 13.03 26.88 16.07
C GLY B 471 12.57 26.39 14.69
N ASP B 472 13.35 26.73 13.67
CA ASP B 472 12.98 26.47 12.28
C ASP B 472 11.60 27.09 12.03
N ASP B 473 11.45 28.33 12.50
CA ASP B 473 10.25 29.13 12.32
C ASP B 473 10.59 30.42 11.55
N ARG B 474 9.63 30.91 10.80
CA ARG B 474 9.74 32.20 10.06
C ARG B 474 8.75 33.18 10.65
N PHE B 475 9.19 34.43 10.87
CA PHE B 475 8.30 35.50 11.32
C PHE B 475 8.58 36.74 10.46
N TYR B 476 7.61 37.13 9.64
CA TYR B 476 7.78 38.32 8.80
C TYR B 476 6.54 39.17 8.82
N ASN B 477 6.77 40.49 8.88
CA ASN B 477 5.67 41.45 8.74
C ASN B 477 4.58 41.42 9.81
N ASN B 478 4.91 40.92 11.00
CA ASN B 478 3.90 40.88 12.06
C ASN B 478 3.96 42.12 12.93
N ILE B 479 2.81 42.50 13.50
CA ILE B 479 2.78 43.62 14.47
C ILE B 479 2.55 42.91 15.83
N PHE B 480 3.53 43.05 16.73
CA PHE B 480 3.45 42.44 18.07
C PHE B 480 3.11 43.55 19.06
N ILE B 481 2.19 43.30 19.97
CA ILE B 481 1.82 44.31 20.97
C ILE B 481 1.84 43.64 22.35
N GLY B 482 2.71 44.13 23.23
CA GLY B 482 2.80 43.62 24.59
C GLY B 482 1.85 44.38 25.54
N LYS B 483 2.06 44.23 26.84
CA LYS B 483 1.18 44.86 27.84
C LYS B 483 1.96 44.85 29.14
N GLU B 484 1.69 45.82 30.01
CA GLU B 484 2.39 45.90 31.29
C GLU B 484 2.29 44.58 32.05
N GLY B 485 3.44 44.04 32.44
CA GLY B 485 3.50 42.79 33.18
C GLY B 485 3.44 41.51 32.38
N LEU B 486 3.17 41.62 31.08
CA LEU B 486 3.05 40.44 30.22
C LEU B 486 4.37 40.13 29.58
N GLU B 487 4.93 38.97 29.89
CA GLU B 487 6.21 38.63 29.32
C GLU B 487 6.04 37.73 28.09
N ASN B 488 7.15 37.56 27.39
CA ASN B 488 7.20 36.67 26.25
C ASN B 488 6.36 37.02 25.05
N VAL B 489 6.17 38.32 24.82
CA VAL B 489 5.47 38.76 23.60
C VAL B 489 6.56 39.12 22.60
N GLY B 490 6.46 38.62 21.37
CA GLY B 490 7.47 38.94 20.36
C GLY B 490 8.23 37.73 19.80
N THR B 491 9.52 37.92 19.57
CA THR B 491 10.36 36.86 19.00
C THR B 491 11.70 36.67 19.69
N SER B 492 11.86 37.25 20.87
CA SER B 492 13.11 37.11 21.62
C SER B 492 13.34 35.67 22.05
N HIS B 493 12.26 34.87 22.02
CA HIS B 493 12.32 33.46 22.37
C HIS B 493 13.41 32.71 21.63
N TYR B 494 13.68 33.18 20.41
CA TYR B 494 14.64 32.51 19.51
C TYR B 494 16.06 33.04 19.60
N ASN B 495 16.36 33.80 20.64
CA ASN B 495 17.69 34.40 20.73
C ASN B 495 18.92 33.52 20.59
N ASN B 496 18.81 32.24 20.88
CA ASN B 496 20.01 31.37 20.71
C ASN B 496 20.04 30.63 19.38
N CYS B 497 19.08 30.92 18.52
CA CYS B 497 18.99 30.22 17.24
C CYS B 497 19.95 30.72 16.19
N THR B 498 20.24 29.85 15.22
CA THR B 498 21.05 30.25 14.06
C THR B 498 20.12 31.09 13.13
N THR B 499 20.69 31.76 12.12
CA THR B 499 19.89 32.64 11.26
C THR B 499 19.72 32.22 9.82
N SER B 500 20.24 31.04 9.49
CA SER B 500 20.05 30.47 8.16
C SER B 500 20.36 29.00 8.22
N LEU B 501 19.85 28.25 7.24
CA LEU B 501 20.16 26.83 7.21
C LEU B 501 21.67 26.67 6.93
N GLU B 502 22.24 27.57 6.13
CA GLU B 502 23.67 27.51 5.85
C GLU B 502 24.49 27.63 7.15
N GLU B 503 24.08 28.54 8.03
CA GLU B 503 24.81 28.68 9.31
C GLU B 503 24.66 27.43 10.20
N TYR B 504 23.44 26.90 10.25
CA TYR B 504 23.17 25.69 11.01
C TYR B 504 24.06 24.54 10.51
N ILE B 505 24.07 24.34 9.18
CA ILE B 505 24.87 23.26 8.60
C ILE B 505 26.36 23.44 8.88
N GLU B 506 26.83 24.67 8.76
CA GLU B 506 28.27 24.93 9.00
C GLU B 506 28.63 24.62 10.46
N LYS B 507 27.76 25.05 11.39
CA LYS B 507 28.05 24.83 12.81
C LYS B 507 27.98 23.35 13.18
N VAL B 508 26.97 22.64 12.70
CA VAL B 508 26.90 21.23 13.00
C VAL B 508 28.09 20.47 12.45
N ASN B 509 28.54 20.87 11.28
CA ASN B 509 29.56 20.08 10.67
C ASN B 509 31.01 20.48 11.02
N GLU B 510 31.13 21.30 12.06
CA GLU B 510 32.47 21.74 12.56
C GLU B 510 33.22 20.54 13.16
N VAL B 511 32.50 19.65 13.85
CA VAL B 511 33.06 18.47 14.51
C VAL B 511 32.37 17.24 13.93
N PRO B 512 33.12 16.26 13.43
CA PRO B 512 32.49 15.07 12.85
C PRO B 512 31.62 14.32 13.85
N GLY B 513 30.55 13.70 13.35
CA GLY B 513 29.67 12.96 14.24
C GLY B 513 28.31 12.79 13.60
N ASP B 514 27.30 12.38 14.38
CA ASP B 514 25.96 12.23 13.83
C ASP B 514 24.95 12.99 14.68
N LEU B 515 23.93 12.30 15.16
CA LEU B 515 22.85 12.94 15.88
C LEU B 515 23.31 13.89 17.00
N GLY B 516 24.30 13.49 17.82
CA GLY B 516 24.69 14.41 18.89
C GLY B 516 25.21 15.76 18.41
N GLU B 517 25.85 15.78 17.25
CA GLU B 517 26.38 17.04 16.73
C GLU B 517 25.24 17.92 16.23
N PHE B 518 24.19 17.31 15.66
CA PHE B 518 23.07 18.12 15.23
C PHE B 518 22.32 18.65 16.46
N GLU B 519 22.20 17.83 17.50
CA GLU B 519 21.44 18.24 18.68
C GLU B 519 22.05 19.43 19.42
N ARG B 520 23.35 19.60 19.28
CA ARG B 520 23.97 20.69 20.02
C ARG B 520 23.86 22.05 19.38
N VAL B 521 23.33 22.13 18.16
CA VAL B 521 23.18 23.41 17.46
C VAL B 521 21.68 23.74 17.36
N GLU B 522 21.35 24.98 17.65
CA GLU B 522 19.95 25.38 17.55
C GLU B 522 19.53 25.60 16.10
N GLN B 523 18.31 25.17 15.78
CA GLN B 523 17.79 25.31 14.43
C GLN B 523 17.68 26.77 14.03
N PRO B 524 17.67 27.04 12.72
CA PRO B 524 17.59 28.42 12.24
C PRO B 524 16.22 29.05 12.38
N VAL B 525 16.19 30.38 12.49
CA VAL B 525 14.94 31.13 12.41
C VAL B 525 15.13 32.21 11.37
N TYR B 526 14.02 32.59 10.75
CA TYR B 526 14.03 33.53 9.62
C TYR B 526 13.06 34.63 10.02
N ILE B 527 13.63 35.71 10.54
CA ILE B 527 12.81 36.75 11.17
C ILE B 527 13.19 38.13 10.69
N ASN B 528 12.23 38.86 10.12
CA ASN B 528 12.53 40.20 9.65
C ASN B 528 11.28 41.01 9.42
N LYS B 529 11.44 42.34 9.46
CA LYS B 529 10.34 43.27 9.18
C LYS B 529 9.11 43.16 10.06
N ASN B 530 9.34 42.93 11.36
CA ASN B 530 8.27 42.91 12.35
C ASN B 530 8.33 44.21 13.18
N ALA B 531 7.20 44.55 13.78
CA ALA B 531 7.10 45.72 14.67
C ALA B 531 6.76 45.19 16.07
N TYR B 532 7.26 45.90 17.09
CA TYR B 532 7.12 45.49 18.48
C TYR B 532 6.75 46.70 19.32
N PHE B 533 5.53 46.70 19.82
CA PHE B 533 5.05 47.84 20.62
C PHE B 533 4.66 47.43 22.01
N ASN B 534 4.66 48.43 22.90
CA ASN B 534 4.15 48.28 24.26
C ASN B 534 4.75 47.17 25.11
N GLY B 535 6.02 46.85 24.87
CA GLY B 535 6.67 45.84 25.67
C GLY B 535 7.04 44.56 24.96
N ALA B 536 6.54 44.39 23.74
CA ALA B 536 6.95 43.21 22.98
C ALA B 536 8.46 43.32 22.72
N GLU B 537 9.14 42.19 22.63
CA GLU B 537 10.59 42.17 22.44
C GLU B 537 11.00 41.35 21.22
N PRO B 538 11.97 41.84 20.44
CA PRO B 538 12.44 41.15 19.24
C PRO B 538 13.60 40.19 19.43
N PHE B 539 13.73 39.30 18.46
CA PHE B 539 14.88 38.43 18.30
C PHE B 539 16.06 39.41 18.13
N GLU B 540 17.10 39.20 18.91
CA GLU B 540 18.24 40.11 18.90
C GLU B 540 18.89 40.26 17.54
N LYS B 541 18.90 39.19 16.75
CA LYS B 541 19.57 39.24 15.46
C LYS B 541 18.69 39.65 14.29
N GLU B 542 17.47 40.11 14.55
CA GLU B 542 16.58 40.56 13.48
C GLU B 542 17.21 41.80 12.85
N LYS B 543 17.31 41.83 11.52
CA LYS B 543 17.97 42.97 10.88
C LYS B 543 17.17 44.26 10.74
N ASP B 544 15.92 44.15 10.31
CA ASP B 544 15.11 45.34 10.05
C ASP B 544 13.82 45.23 10.84
N ASN B 545 13.70 46.01 11.90
CA ASN B 545 12.46 46.01 12.69
C ASN B 545 12.14 47.38 13.25
N LEU B 546 10.98 47.51 13.85
CA LEU B 546 10.55 48.75 14.49
C LEU B 546 10.19 48.37 15.92
N VAL B 547 10.89 48.96 16.89
CA VAL B 547 10.64 48.65 18.29
C VAL B 547 10.34 49.93 19.01
N LYS B 548 9.14 50.03 19.61
CA LYS B 548 8.77 51.23 20.37
C LYS B 548 8.11 50.73 21.64
N LYS B 549 8.93 50.46 22.66
CA LYS B 549 8.43 49.93 23.92
C LYS B 549 7.45 50.85 24.61
N ASP B 550 7.61 52.15 24.40
CA ASP B 550 6.71 53.09 25.07
C ASP B 550 5.53 53.52 24.25
N PHE B 551 5.29 52.88 23.12
CA PHE B 551 4.12 53.22 22.32
C PHE B 551 3.01 52.24 22.62
N ASP B 552 1.83 52.76 22.98
CA ASP B 552 0.69 51.92 23.35
C ASP B 552 -0.37 52.02 22.28
N PRO B 553 -0.56 50.95 21.49
CA PRO B 553 -1.57 50.96 20.41
C PRO B 553 -3.02 51.00 20.85
N LYS B 554 -3.28 50.75 22.14
CA LYS B 554 -4.64 50.78 22.69
C LYS B 554 -5.59 49.94 21.84
N LEU B 555 -5.13 48.72 21.55
CA LEU B 555 -5.97 47.83 20.75
C LEU B 555 -7.29 47.48 21.42
N ALA B 556 -8.36 47.51 20.63
CA ALA B 556 -9.64 47.06 21.11
C ALA B 556 -10.39 46.39 19.96
N ILE B 557 -11.07 45.29 20.29
CA ILE B 557 -11.91 44.60 19.33
C ILE B 557 -13.32 44.91 19.86
N ILE B 558 -14.14 45.53 19.02
CA ILE B 558 -15.48 45.94 19.41
C ILE B 558 -16.51 45.09 18.70
N ASP B 559 -17.14 44.19 19.46
CA ASP B 559 -18.14 43.27 18.93
C ASP B 559 -19.52 43.90 19.10
N GLU B 560 -20.15 44.24 17.97
CA GLU B 560 -21.48 44.85 17.98
C GLU B 560 -22.56 43.87 17.56
N GLY B 561 -22.27 42.58 17.68
CA GLY B 561 -23.24 41.59 17.29
C GLY B 561 -22.90 41.03 15.92
N ASP B 562 -23.56 41.50 14.88
CA ASP B 562 -23.27 40.99 13.55
C ASP B 562 -22.01 41.55 12.93
N GLU B 563 -21.59 42.71 13.44
CA GLU B 563 -20.39 43.40 12.95
C GLU B 563 -19.38 43.50 14.04
N VAL B 564 -18.09 43.46 13.68
CA VAL B 564 -17.00 43.60 14.63
C VAL B 564 -16.00 44.60 14.04
N TYR B 565 -15.46 45.45 14.90
CA TYR B 565 -14.51 46.47 14.48
C TYR B 565 -13.19 46.37 15.25
N LEU B 566 -12.12 46.78 14.56
CA LEU B 566 -10.80 46.80 15.15
C LEU B 566 -10.42 48.28 15.36
N SER B 567 -10.05 48.63 16.60
CA SER B 567 -9.60 50.00 16.94
C SER B 567 -8.14 49.84 17.29
N LEU B 568 -7.28 50.62 16.63
CA LEU B 568 -5.84 50.49 16.85
C LEU B 568 -5.11 51.79 16.54
N GLN B 569 -4.17 52.18 17.40
CA GLN B 569 -3.37 53.37 17.14
C GLN B 569 -2.00 52.88 16.68
N LEU B 570 -1.42 53.54 15.67
CA LEU B 570 -0.09 53.15 15.20
C LEU B 570 0.82 54.38 15.18
N PRO B 571 2.11 54.18 15.40
CA PRO B 571 3.06 55.29 15.44
C PRO B 571 3.39 55.88 14.09
N ASP B 572 3.97 57.08 14.10
CA ASP B 572 4.33 57.70 12.84
C ASP B 572 5.28 56.84 12.02
N GLU B 573 6.18 56.14 12.68
CA GLU B 573 7.16 55.31 11.99
C GLU B 573 6.57 54.07 11.39
N PHE B 574 5.29 53.81 11.66
CA PHE B 574 4.67 52.58 11.18
C PHE B 574 4.92 52.29 9.72
N GLU B 575 4.73 53.26 8.86
CA GLU B 575 4.92 52.89 7.47
C GLU B 575 6.35 52.97 6.94
N ASN B 576 7.29 53.18 7.84
CA ASN B 576 8.68 53.16 7.43
C ASN B 576 9.10 51.73 7.12
N ILE B 577 8.42 50.73 7.69
CA ILE B 577 8.78 49.34 7.39
C ILE B 577 7.92 48.87 6.25
N VAL B 578 8.60 48.45 5.18
CA VAL B 578 7.92 47.99 3.98
C VAL B 578 8.06 46.48 3.93
N GLY B 579 6.93 45.79 3.98
CA GLY B 579 6.99 44.34 3.94
C GLY B 579 7.04 43.77 2.55
N ASP B 580 7.62 42.59 2.45
CA ASP B 580 7.66 41.90 1.16
C ASP B 580 6.45 40.97 1.09
N ILE B 581 6.04 40.65 -0.14
CA ILE B 581 4.98 39.66 -0.37
C ILE B 581 5.71 38.32 -0.30
N HIS B 582 5.26 37.47 0.63
CA HIS B 582 5.91 36.18 0.78
C HIS B 582 5.29 35.12 -0.11
N SER B 583 6.10 34.12 -0.41
CA SER B 583 5.70 33.06 -1.33
C SER B 583 6.59 31.87 -1.18
N THR B 584 6.29 30.81 -1.94
CA THR B 584 7.18 29.66 -1.93
C THR B 584 8.64 30.07 -2.17
N LYS B 585 8.85 31.07 -3.02
CA LYS B 585 10.21 31.52 -3.33
C LYS B 585 10.93 32.19 -2.18
N THR B 586 10.19 32.94 -1.36
CA THR B 586 10.81 33.70 -0.28
C THR B 586 10.93 32.97 1.04
N LEU B 587 10.19 31.88 1.19
CA LEU B 587 10.17 31.15 2.46
C LEU B 587 11.07 29.93 2.39
N GLU B 588 12.07 29.91 3.26
CA GLU B 588 13.03 28.80 3.25
C GLU B 588 12.33 27.51 3.66
N ARG B 589 12.70 26.42 2.99
CA ARG B 589 12.12 25.10 3.29
C ARG B 589 12.34 24.72 4.77
N VAL B 590 11.47 23.86 5.28
CA VAL B 590 11.63 23.41 6.66
C VAL B 590 12.71 22.32 6.64
N ARG B 591 13.45 22.23 7.72
CA ARG B 591 14.59 21.35 7.70
C ARG B 591 14.29 19.84 7.76
N ILE B 592 13.65 19.39 8.82
CA ILE B 592 13.40 17.95 8.93
C ILE B 592 12.48 17.41 7.84
N VAL B 593 11.37 18.06 7.59
CA VAL B 593 10.46 17.54 6.59
C VAL B 593 11.00 17.79 5.16
N ASP B 594 11.89 18.77 5.03
CA ASP B 594 12.54 19.08 3.74
C ASP B 594 11.49 19.36 2.66
N ALA B 595 10.52 20.19 3.05
CA ALA B 595 9.42 20.54 2.17
C ALA B 595 9.25 22.04 2.10
N GLU B 596 8.64 22.49 1.00
CA GLU B 596 8.39 23.90 0.76
C GLU B 596 6.98 24.31 1.20
N TYR B 597 6.77 25.62 1.29
CA TYR B 597 5.45 26.17 1.57
C TYR B 597 4.81 26.35 0.20
N GLU B 598 3.92 25.43 -0.14
CA GLU B 598 3.26 25.37 -1.47
C GLU B 598 1.75 25.41 -1.31
N SER B 599 1.06 25.55 -2.44
CA SER B 599 -0.40 25.44 -2.45
C SER B 599 -0.71 23.94 -2.42
N PRO B 600 -1.95 23.57 -2.04
CA PRO B 600 -2.34 22.15 -1.97
C PRO B 600 -2.14 21.38 -3.27
N ASP B 601 -2.13 22.09 -4.40
CA ASP B 601 -1.91 21.41 -5.68
C ASP B 601 -0.42 21.29 -6.03
N GLY B 602 0.46 21.64 -5.11
CA GLY B 602 1.90 21.53 -5.34
C GLY B 602 2.52 22.72 -6.08
N LYS B 603 1.71 23.70 -6.45
CA LYS B 603 2.23 24.85 -7.19
C LYS B 603 2.62 25.96 -6.25
N GLU B 604 3.17 27.02 -6.80
CA GLU B 604 3.59 28.14 -5.98
C GLU B 604 2.46 28.72 -5.14
N LEU B 605 2.78 29.09 -3.92
CA LEU B 605 1.85 29.76 -3.03
C LEU B 605 2.36 31.23 -2.95
N VAL B 606 1.45 32.19 -3.16
CA VAL B 606 1.82 33.60 -3.05
C VAL B 606 0.83 34.22 -2.07
N LEU B 607 1.35 34.87 -1.04
CA LEU B 607 0.48 35.45 -0.01
C LEU B 607 0.23 36.92 -0.42
N ASP B 608 -0.57 37.08 -1.48
CA ASP B 608 -0.81 38.42 -2.01
C ASP B 608 -2.15 39.02 -1.79
N THR B 609 -2.89 38.51 -0.81
CA THR B 609 -4.15 39.15 -0.43
C THR B 609 -4.17 39.26 1.09
N ASP B 610 -4.72 40.37 1.58
CA ASP B 610 -4.73 40.60 3.02
C ASP B 610 -5.99 40.12 3.71
N TYR B 611 -6.11 40.44 4.99
CA TYR B 611 -7.25 40.00 5.79
C TYR B 611 -8.62 40.38 5.22
N LEU B 612 -8.67 41.56 4.58
CA LEU B 612 -9.91 42.06 3.97
C LEU B 612 -10.04 41.58 2.51
N ASP B 613 -9.17 40.66 2.10
CA ASP B 613 -9.13 40.11 0.73
C ASP B 613 -8.70 41.15 -0.31
N ALA B 614 -8.04 42.20 0.15
CA ALA B 614 -7.52 43.19 -0.80
C ALA B 614 -6.22 42.70 -1.41
N LYS B 615 -6.02 42.96 -2.70
CA LYS B 615 -4.75 42.58 -3.33
C LYS B 615 -3.67 43.41 -2.68
N LYS B 616 -2.55 42.78 -2.35
CA LYS B 616 -1.46 43.48 -1.68
C LYS B 616 -0.44 43.96 -2.67
N PRO B 617 0.01 45.21 -2.46
CA PRO B 617 1.03 45.74 -3.36
C PRO B 617 2.41 45.18 -2.98
N GLU B 618 3.34 45.27 -3.93
CA GLU B 618 4.70 44.84 -3.72
C GLU B 618 5.34 45.53 -2.49
N ASN B 619 4.99 46.81 -2.32
CA ASN B 619 5.51 47.66 -1.26
C ASN B 619 4.45 47.96 -0.23
N SER B 620 4.03 46.96 0.53
CA SER B 620 2.96 47.17 1.51
C SER B 620 3.44 47.46 2.93
N SER B 621 2.54 48.04 3.73
CA SER B 621 2.83 48.20 5.14
C SER B 621 2.56 46.81 5.79
N ILE B 622 3.02 46.62 7.01
CA ILE B 622 2.91 45.29 7.67
C ILE B 622 1.65 45.03 8.46
N GLY B 623 1.56 43.86 9.06
CA GLY B 623 0.32 43.56 9.74
C GLY B 623 -0.67 42.91 8.80
N PRO B 624 -1.87 42.64 9.30
CA PRO B 624 -2.87 41.94 8.49
C PRO B 624 -3.70 42.65 7.48
N ILE B 625 -3.74 43.99 7.57
CA ILE B 625 -4.59 44.80 6.72
C ILE B 625 -3.73 45.89 6.12
N ALA B 626 -3.65 45.91 4.81
CA ALA B 626 -2.77 46.86 4.12
C ALA B 626 -3.14 48.30 4.41
N LEU B 627 -4.44 48.53 4.60
CA LEU B 627 -4.91 49.89 4.85
C LEU B 627 -4.61 50.45 6.22
N LEU B 628 -3.99 49.68 7.12
CA LEU B 628 -3.60 50.28 8.41
C LEU B 628 -2.64 51.42 8.14
N LYS B 629 -2.72 52.45 8.98
CA LYS B 629 -1.91 53.67 8.78
C LYS B 629 -1.49 54.24 10.12
N LYS B 630 -0.50 55.15 10.11
CA LYS B 630 -0.14 55.82 11.35
C LYS B 630 -1.40 56.52 11.88
N GLY B 631 -1.45 56.71 13.19
CA GLY B 631 -2.59 57.38 13.76
C GLY B 631 -3.71 56.44 14.14
N ASN B 632 -4.92 56.98 14.12
CA ASN B 632 -6.11 56.22 14.49
C ASN B 632 -6.60 55.30 13.38
N ASN B 633 -6.93 54.07 13.75
CA ASN B 633 -7.48 53.11 12.78
C ASN B 633 -8.75 52.54 13.40
N TYR B 634 -9.82 52.52 12.62
CA TYR B 634 -11.10 51.96 13.09
C TYR B 634 -11.59 51.28 11.85
N ILE B 635 -11.47 49.95 11.84
CA ILE B 635 -11.77 49.19 10.64
C ILE B 635 -12.74 48.05 10.90
N LYS B 636 -13.73 47.90 10.02
CA LYS B 636 -14.68 46.79 10.17
C LYS B 636 -13.95 45.49 9.77
N VAL B 637 -13.90 44.55 10.73
CA VAL B 637 -13.22 43.29 10.46
C VAL B 637 -14.15 42.08 10.39
N TRP B 638 -15.45 42.30 10.52
CA TRP B 638 -16.44 41.25 10.33
C TRP B 638 -17.78 41.89 10.00
N MET C 1 18.36 -26.37 -18.74
CA MET C 1 19.71 -26.50 -19.38
C MET C 1 20.80 -26.46 -18.31
N GLU C 2 21.80 -27.33 -18.48
CA GLU C 2 22.95 -27.38 -17.59
C GLU C 2 24.11 -26.83 -18.40
N TYR C 3 24.52 -25.59 -18.09
CA TYR C 3 25.64 -24.95 -18.78
C TYR C 3 26.92 -25.29 -18.04
N HIS C 4 28.01 -25.36 -18.80
CA HIS C 4 29.33 -25.62 -18.22
C HIS C 4 30.26 -24.50 -18.61
N VAL C 5 31.12 -24.15 -17.65
CA VAL C 5 32.13 -23.12 -17.82
C VAL C 5 33.46 -23.78 -17.46
N ALA C 6 34.47 -23.63 -18.34
CA ALA C 6 35.76 -24.26 -18.05
C ALA C 6 36.89 -23.47 -18.69
N LYS C 7 38.09 -23.62 -18.14
CA LYS C 7 39.22 -22.87 -18.65
C LYS C 7 39.64 -23.29 -20.07
N THR C 8 39.09 -24.40 -20.54
CA THR C 8 39.36 -24.85 -21.92
C THR C 8 38.24 -24.37 -22.85
N GLY C 9 37.29 -23.63 -22.27
CA GLY C 9 36.13 -23.17 -23.03
C GLY C 9 36.29 -21.97 -23.92
N SER C 10 35.13 -21.56 -24.46
CA SER C 10 35.03 -20.41 -25.36
C SER C 10 33.66 -19.78 -25.16
N ASP C 11 33.61 -18.46 -25.07
CA ASP C 11 32.32 -17.81 -24.91
C ASP C 11 31.54 -17.79 -26.22
N GLU C 12 32.16 -18.30 -27.28
CA GLU C 12 31.45 -18.39 -28.56
C GLU C 12 30.91 -19.81 -28.73
N GLY C 13 31.13 -20.64 -27.73
CA GLY C 13 30.67 -22.02 -27.74
C GLY C 13 29.21 -22.19 -27.35
N LYS C 14 28.75 -23.44 -27.29
CA LYS C 14 27.35 -23.75 -26.93
C LYS C 14 27.12 -23.72 -25.41
N GLY C 15 28.19 -23.88 -24.64
CA GLY C 15 28.02 -23.89 -23.20
C GLY C 15 27.68 -25.27 -22.64
N THR C 16 27.89 -26.31 -23.45
CA THR C 16 27.63 -27.68 -23.02
C THR C 16 28.88 -28.27 -22.33
N LEU C 17 28.74 -29.46 -21.76
CA LEU C 17 29.87 -30.08 -21.10
C LEU C 17 31.04 -30.27 -22.09
N LYS C 18 30.73 -30.65 -23.33
CA LYS C 18 31.80 -30.84 -24.31
C LYS C 18 32.27 -29.58 -25.03
N ASP C 19 31.46 -28.52 -25.01
CA ASP C 19 31.79 -27.26 -25.67
C ASP C 19 31.45 -26.17 -24.63
N PRO C 20 32.19 -26.15 -23.52
CA PRO C 20 31.87 -25.15 -22.49
C PRO C 20 32.21 -23.70 -22.77
N PHE C 21 31.58 -22.80 -21.99
CA PHE C 21 31.90 -21.40 -22.07
C PHE C 21 33.24 -21.20 -21.32
N LEU C 22 33.83 -20.01 -21.48
CA LEU C 22 35.11 -19.71 -20.84
C LEU C 22 34.93 -18.87 -19.57
N THR C 23 33.96 -17.96 -19.56
CA THR C 23 33.77 -17.12 -18.37
C THR C 23 32.44 -17.41 -17.69
N ILE C 24 32.43 -17.18 -16.38
CA ILE C 24 31.19 -17.43 -15.66
C ILE C 24 30.16 -16.36 -16.06
N ASN C 25 30.60 -15.14 -16.32
CA ASN C 25 29.63 -14.12 -16.69
C ASN C 25 28.94 -14.40 -18.03
N LYS C 26 29.59 -15.12 -18.93
CA LYS C 26 28.90 -15.45 -20.16
C LYS C 26 27.73 -16.38 -19.80
N ALA C 27 27.98 -17.37 -18.95
CA ALA C 27 26.87 -18.24 -18.55
C ALA C 27 25.79 -17.41 -17.84
N ALA C 28 26.20 -16.45 -17.00
CA ALA C 28 25.24 -15.62 -16.28
C ALA C 28 24.42 -14.75 -17.21
N SER C 29 24.90 -14.55 -18.44
CA SER C 29 24.19 -13.66 -19.37
C SER C 29 23.14 -14.45 -20.17
N VAL C 30 23.17 -15.79 -20.08
CA VAL C 30 22.20 -16.60 -20.84
C VAL C 30 21.34 -17.57 -20.03
N ALA C 31 21.75 -17.90 -18.81
CA ALA C 31 20.98 -18.84 -17.99
C ALA C 31 19.62 -18.27 -17.61
N MET C 32 18.59 -19.12 -17.66
CA MET C 32 17.25 -18.71 -17.31
C MET C 32 16.70 -19.61 -16.21
N ALA C 33 15.54 -19.25 -15.67
CA ALA C 33 14.95 -19.99 -14.56
C ALA C 33 14.98 -21.49 -14.78
N GLY C 34 15.47 -22.20 -13.76
CA GLY C 34 15.57 -23.65 -13.81
C GLY C 34 16.92 -24.15 -14.27
N ASP C 35 17.75 -23.27 -14.84
CA ASP C 35 19.06 -23.72 -15.36
C ASP C 35 20.11 -23.87 -14.26
N THR C 36 21.17 -24.58 -14.60
CA THR C 36 22.30 -24.76 -13.68
C THR C 36 23.55 -24.36 -14.45
N ILE C 37 24.50 -23.74 -13.76
CA ILE C 37 25.80 -23.35 -14.35
C ILE C 37 26.84 -24.10 -13.52
N ILE C 38 27.59 -25.02 -14.16
CA ILE C 38 28.62 -25.80 -13.48
C ILE C 38 29.97 -25.26 -13.91
N VAL C 39 30.75 -24.79 -12.93
CA VAL C 39 32.03 -24.19 -13.23
C VAL C 39 33.17 -25.14 -12.86
N HIS C 40 34.07 -25.37 -13.82
CA HIS C 40 35.17 -26.27 -13.63
C HIS C 40 36.41 -25.59 -13.07
N GLU C 41 37.35 -26.39 -12.58
CA GLU C 41 38.54 -25.85 -11.90
C GLU C 41 39.25 -24.69 -12.54
N GLY C 42 39.58 -23.72 -11.72
CA GLY C 42 40.30 -22.56 -12.23
C GLY C 42 40.07 -21.33 -11.37
N VAL C 43 40.80 -20.27 -11.69
CA VAL C 43 40.68 -19.00 -11.02
C VAL C 43 40.05 -18.07 -12.05
N TYR C 44 38.86 -17.59 -11.72
CA TYR C 44 38.09 -16.72 -12.60
C TYR C 44 38.12 -15.28 -12.07
N ARG C 45 38.86 -14.43 -12.77
CA ARG C 45 39.04 -13.03 -12.37
C ARG C 45 38.00 -12.18 -13.07
N GLU C 46 36.82 -12.13 -12.45
CA GLU C 46 35.70 -11.43 -13.07
C GLU C 46 34.62 -11.20 -12.02
N TRP C 47 33.75 -10.25 -12.33
CA TRP C 47 32.60 -9.94 -11.48
C TRP C 47 31.42 -10.56 -12.21
N VAL C 48 30.83 -11.59 -11.59
CA VAL C 48 29.70 -12.32 -12.21
C VAL C 48 28.43 -11.53 -11.90
N LYS C 49 27.63 -11.29 -12.94
CA LYS C 49 26.44 -10.45 -12.85
C LYS C 49 25.21 -11.23 -13.37
N PRO C 50 24.53 -11.96 -12.48
CA PRO C 50 23.34 -12.73 -12.91
C PRO C 50 22.37 -11.82 -13.64
N LYS C 51 22.03 -12.19 -14.87
CA LYS C 51 21.17 -11.34 -15.70
C LYS C 51 19.69 -11.60 -15.57
N TYR C 52 19.30 -12.86 -15.56
CA TYR C 52 17.91 -13.25 -15.46
C TYR C 52 17.62 -13.84 -14.10
N LYS C 53 16.38 -13.77 -13.69
CA LYS C 53 16.02 -14.27 -12.37
C LYS C 53 15.46 -15.68 -12.31
N GLY C 54 15.63 -16.30 -11.15
CA GLY C 54 14.93 -17.54 -10.88
C GLY C 54 13.47 -17.11 -10.61
N LEU C 55 12.54 -18.03 -10.79
CA LEU C 55 11.11 -17.72 -10.68
C LEU C 55 10.37 -18.33 -9.49
N SER C 56 11.05 -19.22 -8.78
CA SER C 56 10.49 -19.82 -7.59
C SER C 56 11.61 -20.61 -6.94
N ASP C 57 11.35 -21.09 -5.74
CA ASP C 57 12.35 -21.89 -5.05
C ASP C 57 12.64 -23.13 -5.87
N LYS C 58 11.64 -23.64 -6.59
CA LYS C 58 11.85 -24.81 -7.46
C LYS C 58 12.65 -24.43 -8.73
N ARG C 59 12.23 -23.32 -9.37
CA ARG C 59 12.86 -22.85 -10.61
C ARG C 59 13.92 -21.79 -10.34
N ARG C 60 14.95 -22.21 -9.62
CA ARG C 60 16.07 -21.31 -9.31
C ARG C 60 17.05 -21.35 -10.44
N ILE C 61 18.05 -20.49 -10.36
CA ILE C 61 19.18 -20.55 -11.29
C ILE C 61 20.35 -20.86 -10.35
N THR C 62 20.98 -22.01 -10.57
CA THR C 62 22.04 -22.47 -9.68
C THR C 62 23.42 -22.36 -10.28
N TYR C 63 24.33 -21.73 -9.55
CA TYR C 63 25.73 -21.58 -9.97
C TYR C 63 26.52 -22.42 -8.99
N LYS C 64 27.27 -23.41 -9.46
CA LYS C 64 28.04 -24.22 -8.54
C LYS C 64 29.36 -24.68 -9.09
N ALA C 65 30.29 -24.94 -8.18
CA ALA C 65 31.57 -25.50 -8.63
C ALA C 65 31.33 -26.98 -8.93
N ALA C 66 32.00 -27.46 -9.98
CA ALA C 66 31.92 -28.87 -10.35
C ALA C 66 32.39 -29.74 -9.17
N GLU C 67 31.76 -30.89 -8.99
CA GLU C 67 32.10 -31.77 -7.88
C GLU C 67 33.59 -32.10 -7.84
N GLY C 68 34.18 -31.89 -6.68
CA GLY C 68 35.59 -32.19 -6.51
C GLY C 68 36.58 -31.25 -7.18
N GLU C 69 36.10 -30.13 -7.70
CA GLU C 69 37.00 -29.19 -8.35
C GLU C 69 37.12 -27.88 -7.58
N LYS C 70 38.33 -27.31 -7.59
CA LYS C 70 38.58 -26.06 -6.86
C LYS C 70 38.34 -24.88 -7.79
N VAL C 71 37.34 -24.07 -7.48
CA VAL C 71 36.95 -22.93 -8.30
C VAL C 71 37.03 -21.68 -7.45
N VAL C 72 37.76 -20.70 -7.94
CA VAL C 72 37.96 -19.45 -7.23
C VAL C 72 37.49 -18.28 -8.10
N ILE C 73 36.72 -17.37 -7.51
CA ILE C 73 36.32 -16.13 -8.20
C ILE C 73 37.05 -15.01 -7.46
N LYS C 74 37.84 -14.19 -8.17
CA LYS C 74 38.57 -13.13 -7.53
C LYS C 74 38.34 -11.78 -8.16
N GLY C 75 38.33 -10.73 -7.32
CA GLY C 75 38.19 -9.37 -7.82
C GLY C 75 39.54 -8.69 -8.13
N SER C 76 40.63 -9.39 -7.87
CA SER C 76 41.98 -8.86 -8.08
C SER C 76 42.61 -9.30 -9.40
N GLU C 77 43.81 -8.77 -9.65
CA GLU C 77 44.63 -9.20 -10.78
C GLU C 77 46.04 -9.34 -10.24
N ARG C 78 46.77 -10.29 -10.82
CA ARG C 78 48.19 -10.45 -10.44
C ARG C 78 48.99 -9.37 -11.19
N ILE C 79 49.91 -8.71 -10.49
CA ILE C 79 50.72 -7.66 -11.11
C ILE C 79 52.19 -8.13 -11.14
N GLN C 80 52.75 -8.16 -12.35
CA GLN C 80 54.14 -8.60 -12.55
C GLN C 80 54.93 -7.57 -13.33
N SER C 81 54.60 -6.31 -13.12
CA SER C 81 55.28 -5.19 -13.79
C SER C 81 55.84 -4.21 -12.77
N TRP C 82 56.20 -4.71 -11.59
CA TRP C 82 56.76 -3.86 -10.56
C TRP C 82 58.20 -3.48 -10.87
N GLN C 83 58.58 -2.28 -10.44
CA GLN C 83 59.96 -1.79 -10.62
C GLN C 83 60.42 -1.30 -9.26
N ARG C 84 61.65 -1.63 -8.91
CA ARG C 84 62.19 -1.21 -7.63
C ARG C 84 62.44 0.30 -7.64
N VAL C 85 62.01 0.98 -6.59
CA VAL C 85 62.19 2.43 -6.44
C VAL C 85 63.45 2.67 -5.63
N GLU C 86 63.45 2.17 -4.40
CA GLU C 86 64.57 2.30 -3.48
C GLU C 86 64.34 1.38 -2.28
N GLY C 87 65.40 0.74 -1.81
CA GLY C 87 65.26 -0.16 -0.67
C GLY C 87 64.31 -1.29 -0.99
N ASN C 88 63.28 -1.46 -0.15
CA ASN C 88 62.32 -2.53 -0.37
C ASN C 88 61.01 -2.04 -0.96
N VAL C 89 61.00 -0.81 -1.46
CA VAL C 89 59.78 -0.23 -2.04
C VAL C 89 59.78 -0.39 -3.53
N TRP C 90 58.67 -0.92 -4.06
CA TRP C 90 58.48 -1.15 -5.50
C TRP C 90 57.26 -0.40 -6.01
N ARG C 91 57.17 -0.23 -7.32
CA ARG C 91 56.11 0.57 -7.90
C ARG C 91 55.59 -0.04 -9.17
N CYS C 92 54.28 0.05 -9.39
CA CYS C 92 53.74 -0.39 -10.67
C CYS C 92 52.82 0.76 -11.15
N GLN C 93 52.51 0.76 -12.45
CA GLN C 93 51.66 1.81 -13.00
C GLN C 93 50.74 1.21 -14.01
N LEU C 94 49.47 1.60 -13.91
CA LEU C 94 48.42 1.09 -14.76
C LEU C 94 47.60 2.20 -15.39
N PRO C 95 47.05 1.95 -16.59
CA PRO C 95 46.23 2.96 -17.24
C PRO C 95 44.90 2.98 -16.44
N ASN C 96 44.30 4.15 -16.28
CA ASN C 96 43.04 4.20 -15.53
C ASN C 96 41.98 3.32 -16.16
N SER C 97 42.09 3.09 -17.47
CA SER C 97 41.14 2.23 -18.18
C SER C 97 41.13 0.81 -17.65
N PHE C 98 42.22 0.42 -16.96
CA PHE C 98 42.34 -0.92 -16.37
C PHE C 98 41.21 -1.13 -15.35
N PHE C 99 40.78 -0.03 -14.72
CA PHE C 99 39.74 -0.11 -13.69
C PHE C 99 38.35 0.27 -14.17
N GLY C 100 38.25 0.92 -15.34
CA GLY C 100 36.93 1.31 -15.82
C GLY C 100 36.32 2.39 -14.93
N GLU C 101 35.01 2.33 -14.72
CA GLU C 101 34.39 3.36 -13.91
C GLU C 101 34.59 3.24 -12.40
N PHE C 102 35.14 2.14 -11.93
CA PHE C 102 35.35 1.98 -10.51
C PHE C 102 36.83 1.74 -10.23
N ASN C 103 37.49 2.75 -9.68
CA ASN C 103 38.93 2.63 -9.42
C ASN C 103 39.14 2.59 -7.90
N PRO C 104 39.47 1.42 -7.34
CA PRO C 104 39.68 1.28 -5.89
C PRO C 104 40.71 2.21 -5.27
N TYR C 105 41.63 2.72 -6.09
CA TYR C 105 42.70 3.59 -5.59
C TYR C 105 42.30 5.06 -5.54
N LYS C 106 41.16 5.35 -6.18
CA LYS C 106 40.56 6.68 -6.14
C LYS C 106 39.39 6.66 -5.13
N GLU C 107 38.59 5.60 -5.16
CA GLU C 107 37.45 5.50 -4.24
C GLU C 107 37.88 5.41 -2.77
N GLU C 108 37.26 6.21 -1.91
CA GLU C 108 37.61 6.20 -0.49
C GLU C 108 36.64 5.35 0.31
N VAL C 109 37.11 4.95 1.50
CA VAL C 109 36.21 4.36 2.52
C VAL C 109 35.53 5.69 2.95
N PHE C 110 34.21 5.76 2.80
CA PHE C 110 33.49 7.02 3.00
C PHE C 110 32.03 6.78 3.37
N GLY C 111 31.51 7.71 4.17
CA GLY C 111 30.06 7.68 4.38
C GLY C 111 29.58 7.80 5.80
N ASP C 112 28.27 7.64 5.93
CA ASP C 112 27.62 7.81 7.23
C ASP C 112 28.18 6.84 8.30
N TRP C 113 28.37 7.40 9.50
CA TRP C 113 28.91 6.69 10.66
C TRP C 113 30.36 6.21 10.54
N LEU C 114 31.07 6.65 9.49
CA LEU C 114 32.53 6.34 9.40
C LEU C 114 33.17 7.38 10.35
N LEU C 115 33.98 6.94 11.30
CA LEU C 115 34.53 7.84 12.30
C LEU C 115 35.94 8.26 12.06
N THR C 116 36.70 7.41 11.38
CA THR C 116 38.09 7.77 11.14
C THR C 116 38.12 8.64 9.88
N VAL C 117 37.87 9.94 10.08
CA VAL C 117 37.80 10.91 8.99
C VAL C 117 39.07 11.74 8.73
N ASN C 118 40.07 11.64 9.60
CA ASN C 118 41.29 12.42 9.39
C ASN C 118 42.31 11.79 8.45
N GLU C 119 42.48 10.48 8.54
CA GLU C 119 43.41 9.76 7.67
C GLU C 119 42.55 9.02 6.66
N LYS C 120 42.52 9.51 5.41
CA LYS C 120 41.68 8.86 4.39
C LYS C 120 42.22 7.51 3.97
N LYS C 121 41.32 6.55 3.82
CA LYS C 121 41.71 5.22 3.36
C LYS C 121 40.95 4.97 2.07
N HIS C 122 41.47 4.08 1.23
CA HIS C 122 40.85 3.76 -0.05
C HIS C 122 40.47 2.28 -0.13
N LEU C 123 39.72 1.93 -1.18
CA LEU C 123 39.22 0.59 -1.31
C LEU C 123 40.19 -0.40 -1.93
N GLY C 124 41.36 0.11 -2.34
CA GLY C 124 42.37 -0.78 -2.93
C GLY C 124 43.02 -1.65 -1.88
N ASP C 125 43.89 -2.56 -2.32
CA ASP C 125 44.63 -3.42 -1.40
C ASP C 125 45.74 -4.08 -2.22
N VAL C 126 46.78 -4.52 -1.50
CA VAL C 126 47.92 -5.22 -2.14
C VAL C 126 48.09 -6.50 -1.33
N TYR C 127 48.36 -7.61 -2.01
CA TYR C 127 48.55 -8.91 -1.37
C TYR C 127 49.87 -9.55 -1.81
N LEU C 128 50.57 -10.12 -0.85
CA LEU C 128 51.82 -10.86 -1.12
C LEU C 128 51.52 -12.33 -0.74
N ASN C 129 51.48 -13.21 -1.73
CA ASN C 129 51.13 -14.62 -1.50
C ASN C 129 49.90 -14.76 -0.59
N GLY C 130 48.89 -13.95 -0.90
CA GLY C 130 47.63 -14.02 -0.16
C GLY C 130 47.46 -13.10 1.04
N MET C 131 48.55 -12.51 1.52
CA MET C 131 48.47 -11.66 2.70
C MET C 131 48.28 -10.20 2.34
N SER C 132 47.20 -9.59 2.85
CA SER C 132 46.92 -8.20 2.53
C SER C 132 47.86 -7.25 3.28
N PHE C 133 47.97 -6.04 2.77
CA PHE C 133 48.87 -5.02 3.31
C PHE C 133 48.11 -3.92 4.07
N TYR C 134 48.86 -3.00 4.68
CA TYR C 134 48.25 -1.85 5.36
C TYR C 134 48.48 -0.63 4.50
N GLU C 135 47.46 0.20 4.30
CA GLU C 135 47.65 1.40 3.51
C GLU C 135 48.34 2.48 4.36
N VAL C 136 49.23 3.24 3.73
CA VAL C 136 49.82 4.40 4.40
C VAL C 136 49.42 5.65 3.63
N THR C 137 49.39 6.77 4.34
CA THR C 137 48.93 8.06 3.84
C THR C 137 49.86 8.86 2.97
N ASN C 138 51.15 8.76 3.25
CA ASN C 138 52.14 9.52 2.53
C ASN C 138 53.21 8.64 1.94
N TYR C 139 53.72 9.07 0.80
CA TYR C 139 54.79 8.37 0.10
C TYR C 139 55.94 8.04 1.07
N GLU C 140 56.34 9.00 1.89
CA GLU C 140 57.45 8.79 2.83
C GLU C 140 57.27 7.64 3.80
N ASP C 141 56.02 7.32 4.12
CA ASP C 141 55.69 6.27 5.08
C ASP C 141 55.96 4.88 4.53
N LEU C 142 56.20 4.80 3.23
CA LEU C 142 56.47 3.51 2.59
C LEU C 142 57.81 2.90 2.94
N PHE C 143 58.80 3.76 3.16
CA PHE C 143 60.15 3.27 3.30
C PHE C 143 60.63 2.58 4.55
N ASN C 144 60.21 3.04 5.72
CA ASN C 144 60.65 2.40 6.94
C ASN C 144 59.48 2.14 7.88
N PRO C 145 58.46 1.39 7.42
CA PRO C 145 57.31 1.12 8.28
C PRO C 145 57.69 0.42 9.58
N GLN C 146 56.95 0.72 10.65
CA GLN C 146 57.25 0.15 11.94
C GLN C 146 56.38 -1.06 12.29
N LEU C 147 57.01 -2.11 12.79
CA LEU C 147 56.28 -3.28 13.20
C LEU C 147 55.49 -2.91 14.45
N ARG C 148 54.20 -3.22 14.45
CA ARG C 148 53.34 -2.95 15.60
C ARG C 148 52.87 -4.30 16.13
N THR C 149 52.79 -4.42 17.45
CA THR C 149 52.39 -5.66 18.09
C THR C 149 51.12 -5.52 18.94
N GLU C 150 50.69 -4.28 19.14
CA GLU C 150 49.48 -4.01 19.94
C GLU C 150 48.65 -2.96 19.22
N VAL C 151 47.35 -2.93 19.49
CA VAL C 151 46.48 -1.94 18.87
C VAL C 151 45.32 -1.67 19.83
N LEU C 152 44.76 -0.48 19.72
CA LEU C 152 43.65 -0.08 20.56
C LEU C 152 42.31 -0.53 19.96
N ASP C 153 41.55 -1.31 20.71
CA ASP C 153 40.22 -1.68 20.23
C ASP C 153 39.38 -0.44 20.51
N HIS C 154 38.83 0.17 19.47
CA HIS C 154 38.13 1.44 19.64
C HIS C 154 36.95 1.44 20.61
N TRP C 155 36.06 0.49 20.51
CA TRP C 155 34.90 0.53 21.40
C TRP C 155 35.21 0.31 22.88
N THR C 156 36.00 -0.73 23.15
CA THR C 156 36.30 -1.08 24.55
C THR C 156 37.45 -0.26 25.11
N GLN C 157 38.15 0.46 24.24
CA GLN C 157 39.31 1.26 24.63
C GLN C 157 40.36 0.42 25.39
N LYS C 158 40.49 -0.83 24.98
CA LYS C 158 41.47 -1.74 25.58
C LYS C 158 42.57 -1.96 24.54
N ILE C 159 43.82 -2.00 25.01
CA ILE C 159 44.93 -2.27 24.13
C ILE C 159 45.02 -3.78 24.05
N VAL C 160 45.02 -4.31 22.84
CA VAL C 160 45.05 -5.75 22.65
C VAL C 160 46.13 -6.14 21.65
N PRO C 161 46.50 -7.42 21.65
CA PRO C 161 47.55 -7.84 20.71
C PRO C 161 47.07 -7.78 19.26
N ILE C 162 48.01 -7.54 18.36
CA ILE C 162 47.69 -7.59 16.95
C ILE C 162 47.91 -9.05 16.60
N LYS C 163 46.89 -9.66 16.00
CA LYS C 163 46.94 -11.07 15.63
C LYS C 163 48.11 -11.44 14.70
N ASN C 164 48.34 -10.64 13.67
CA ASN C 164 49.42 -10.89 12.72
C ASN C 164 50.33 -9.68 12.75
N ALA C 165 51.31 -9.68 13.65
CA ALA C 165 52.20 -8.51 13.75
C ALA C 165 53.07 -8.31 12.55
N GLU C 166 53.58 -9.39 11.97
CA GLU C 166 54.46 -9.26 10.84
C GLU C 166 53.80 -8.50 9.68
N GLN C 167 52.50 -8.71 9.52
CA GLN C 167 51.77 -8.04 8.45
C GLN C 167 51.82 -6.51 8.56
N THR C 168 52.01 -5.98 9.78
CA THR C 168 52.03 -4.53 9.94
C THR C 168 53.20 -3.78 9.24
N LYS C 169 54.22 -4.53 8.83
CA LYS C 169 55.35 -3.95 8.11
C LYS C 169 55.18 -3.88 6.60
N TYR C 170 54.09 -4.47 6.09
CA TYR C 170 53.82 -4.51 4.66
C TYR C 170 52.81 -3.42 4.36
N VAL C 171 53.29 -2.40 3.67
CA VAL C 171 52.46 -1.21 3.41
C VAL C 171 52.36 -0.83 1.94
N TRP C 172 51.27 -0.13 1.59
CA TRP C 172 51.06 0.32 0.22
C TRP C 172 50.53 1.74 0.19
N TYR C 173 50.76 2.41 -0.94
CA TYR C 173 50.34 3.79 -1.16
C TYR C 173 50.07 3.97 -2.64
N ALA C 174 49.04 4.73 -2.99
CA ALA C 174 48.77 4.92 -4.41
C ALA C 174 48.38 6.33 -4.74
N GLU C 175 48.56 6.66 -6.02
CA GLU C 175 48.18 7.98 -6.54
C GLU C 175 47.44 7.73 -7.85
N VAL C 176 46.39 8.50 -8.08
CA VAL C 176 45.62 8.40 -9.31
C VAL C 176 45.53 9.80 -9.90
N ASP C 177 45.90 9.95 -11.16
CA ASP C 177 45.72 11.26 -11.80
C ASP C 177 44.74 11.08 -12.95
N ARG C 178 44.71 12.01 -13.90
CA ARG C 178 43.74 11.90 -14.99
C ARG C 178 43.97 10.72 -15.93
N GLU C 179 45.19 10.22 -15.97
CA GLU C 179 45.52 9.16 -16.91
C GLU C 179 45.96 7.80 -16.34
N LYS C 180 46.71 7.86 -15.24
CA LYS C 180 47.32 6.67 -14.65
C LYS C 180 47.10 6.49 -13.16
N THR C 181 47.18 5.23 -12.76
CA THR C 181 47.09 4.83 -11.35
C THR C 181 48.47 4.25 -11.05
N THR C 182 49.13 4.82 -10.04
CA THR C 182 50.47 4.37 -9.65
C THR C 182 50.41 3.84 -8.21
N ILE C 183 50.85 2.60 -8.05
CA ILE C 183 50.80 1.93 -6.75
C ILE C 183 52.20 1.56 -6.30
N TYR C 184 52.52 1.93 -5.06
CA TYR C 184 53.80 1.66 -4.41
C TYR C 184 53.59 0.73 -3.25
N ALA C 185 54.53 -0.17 -2.97
CA ALA C 185 54.38 -1.02 -1.79
C ALA C 185 55.74 -1.44 -1.29
N ASN C 186 55.84 -1.69 0.02
CA ASN C 186 57.10 -2.18 0.61
C ASN C 186 56.93 -3.69 0.76
N PHE C 187 57.75 -4.46 0.00
CA PHE C 187 57.70 -5.90 0.02
C PHE C 187 58.71 -6.58 0.96
N GLN C 188 59.37 -5.73 1.77
CA GLN C 188 60.31 -6.14 2.80
C GLN C 188 61.35 -7.17 2.39
N GLY C 189 61.86 -7.05 1.18
CA GLY C 189 62.90 -7.94 0.71
C GLY C 189 62.50 -8.89 -0.38
N ALA C 190 61.20 -9.17 -0.50
CA ALA C 190 60.72 -10.07 -1.54
C ALA C 190 60.69 -9.37 -2.91
N ASP C 191 60.73 -10.17 -3.98
CA ASP C 191 60.66 -9.65 -5.35
C ASP C 191 59.20 -9.86 -5.71
N PRO C 192 58.42 -8.77 -5.86
CA PRO C 192 57.00 -8.93 -6.17
C PRO C 192 56.64 -9.51 -7.51
N ASN C 193 57.59 -9.50 -8.46
CA ASN C 193 57.30 -10.10 -9.76
C ASN C 193 57.49 -11.61 -9.72
N GLU C 194 58.36 -12.07 -8.82
CA GLU C 194 58.64 -13.49 -8.64
C GLU C 194 57.61 -14.12 -7.70
N GLU C 195 57.28 -13.42 -6.62
CA GLU C 195 56.26 -13.91 -5.68
C GLU C 195 54.90 -13.67 -6.34
N PHE C 196 53.82 -14.12 -5.68
CA PHE C 196 52.47 -13.97 -6.27
C PHE C 196 51.82 -12.74 -5.63
N VAL C 197 51.90 -11.62 -6.33
CA VAL C 197 51.38 -10.36 -5.81
C VAL C 197 50.16 -9.92 -6.60
N GLU C 198 49.09 -9.64 -5.85
CA GLU C 198 47.82 -9.22 -6.46
C GLU C 198 47.40 -7.87 -5.93
N ILE C 199 46.56 -7.16 -6.70
CA ILE C 199 45.98 -5.92 -6.20
C ILE C 199 44.47 -5.94 -6.38
N ASN C 200 43.74 -5.24 -5.51
CA ASN C 200 42.27 -5.18 -5.72
C ASN C 200 42.03 -4.43 -7.03
N VAL C 201 41.01 -4.84 -7.77
CA VAL C 201 40.64 -4.19 -9.01
C VAL C 201 39.12 -3.97 -9.09
N ARG C 202 38.34 -5.04 -8.91
CA ARG C 202 36.87 -4.94 -9.05
C ARG C 202 36.16 -4.79 -7.72
N ARG C 203 34.99 -4.15 -7.76
CA ARG C 203 34.24 -3.94 -6.53
C ARG C 203 33.63 -5.20 -5.91
N SER C 204 33.05 -6.06 -6.74
CA SER C 204 32.37 -7.24 -6.27
C SER C 204 32.79 -8.48 -7.05
N CYS C 205 32.43 -9.65 -6.56
CA CYS C 205 32.74 -10.93 -7.24
C CYS C 205 31.49 -11.57 -7.81
N PHE C 206 30.35 -11.47 -7.11
CA PHE C 206 29.12 -12.15 -7.59
C PHE C 206 27.95 -11.28 -7.06
N TYR C 207 27.37 -10.46 -7.93
CA TYR C 207 26.42 -9.46 -7.44
C TYR C 207 25.70 -8.91 -8.66
N PRO C 208 24.37 -9.01 -8.70
CA PRO C 208 23.64 -8.50 -9.87
C PRO C 208 23.73 -6.99 -9.99
N VAL C 209 23.68 -6.51 -11.22
CA VAL C 209 23.70 -5.05 -11.39
C VAL C 209 22.28 -4.49 -11.53
N GLU C 210 21.27 -5.34 -11.46
CA GLU C 210 19.87 -4.90 -11.44
C GLU C 210 19.29 -5.50 -10.17
N THR C 211 18.26 -4.88 -9.61
CA THR C 211 17.63 -5.46 -8.44
C THR C 211 16.57 -6.49 -8.93
N GLY C 212 16.02 -7.25 -7.99
CA GLY C 212 14.96 -8.20 -8.31
C GLY C 212 15.41 -9.47 -8.99
N ILE C 213 16.72 -9.76 -8.99
CA ILE C 213 17.19 -11.02 -9.61
C ILE C 213 17.10 -12.10 -8.51
N ASP C 214 15.88 -12.59 -8.33
CA ASP C 214 15.51 -13.56 -7.30
C ASP C 214 16.03 -15.00 -7.52
N TYR C 215 15.96 -15.79 -6.45
CA TYR C 215 16.11 -17.23 -6.55
C TYR C 215 17.32 -17.75 -7.25
N ILE C 216 18.45 -17.26 -6.76
CA ILE C 216 19.75 -17.69 -7.28
C ILE C 216 20.42 -18.49 -6.16
N THR C 217 21.05 -19.61 -6.51
CA THR C 217 21.83 -20.39 -5.55
C THR C 217 23.29 -20.30 -5.98
N VAL C 218 24.19 -20.06 -5.05
CA VAL C 218 25.63 -19.94 -5.36
C VAL C 218 26.30 -20.89 -4.39
N LYS C 219 26.95 -21.93 -4.92
CA LYS C 219 27.48 -22.98 -4.09
C LYS C 219 28.85 -23.48 -4.41
N GLY C 220 29.68 -23.61 -3.37
CA GLY C 220 30.96 -24.29 -3.54
C GLY C 220 32.16 -23.58 -4.07
N PHE C 221 32.12 -22.25 -4.05
CA PHE C 221 33.23 -21.46 -4.57
C PHE C 221 34.10 -20.88 -3.52
N GLU C 222 35.37 -20.60 -3.87
CA GLU C 222 36.17 -19.76 -3.00
C GLU C 222 36.05 -18.37 -3.69
N MET C 223 35.77 -17.30 -2.95
CA MET C 223 35.70 -15.95 -3.58
C MET C 223 36.53 -15.01 -2.74
N ALA C 224 37.26 -14.11 -3.38
CA ALA C 224 38.12 -13.24 -2.62
C ALA C 224 38.56 -11.97 -3.36
N HIS C 225 39.05 -11.01 -2.55
CA HIS C 225 39.67 -9.76 -3.03
C HIS C 225 38.68 -8.87 -3.73
N ALA C 226 37.79 -8.27 -2.94
CA ALA C 226 36.77 -7.38 -3.50
C ALA C 226 36.90 -6.02 -2.86
N ALA C 227 36.90 -4.99 -3.69
CA ALA C 227 37.04 -3.59 -3.22
C ALA C 227 35.67 -3.02 -2.84
N THR C 228 35.08 -3.60 -1.78
CA THR C 228 33.72 -3.19 -1.39
C THR C 228 33.76 -1.93 -0.55
N PRO C 229 32.78 -1.03 -0.76
CA PRO C 229 32.67 0.25 -0.06
C PRO C 229 32.05 0.17 1.32
N TRP C 230 32.27 1.22 2.10
CA TRP C 230 31.69 1.34 3.42
C TRP C 230 30.16 1.23 3.23
N ALA C 231 29.54 0.40 4.05
CA ALA C 231 28.11 0.05 3.85
C ALA C 231 27.18 0.32 5.02
N PRO C 232 26.88 1.59 5.32
CA PRO C 232 25.98 1.97 6.42
C PRO C 232 24.52 1.69 5.95
N PRO C 233 23.56 1.70 6.88
CA PRO C 233 22.15 1.43 6.56
C PRO C 233 21.49 2.49 5.72
N THR C 234 22.13 3.65 5.63
CA THR C 234 21.61 4.80 4.92
C THR C 234 22.20 4.96 3.52
N ALA C 235 22.88 3.91 3.04
CA ALA C 235 23.47 3.98 1.70
C ALA C 235 23.19 2.69 0.96
N ASP C 236 23.54 2.69 -0.32
CA ASP C 236 23.57 1.46 -1.07
C ASP C 236 24.55 0.58 -0.25
N GLN C 237 24.28 -0.71 -0.20
CA GLN C 237 25.14 -1.64 0.54
C GLN C 237 25.72 -2.79 -0.29
N PRO C 238 26.56 -2.49 -1.27
CA PRO C 238 27.12 -3.60 -2.07
C PRO C 238 28.08 -4.40 -1.22
N GLY C 239 28.28 -5.65 -1.60
CA GLY C 239 29.26 -6.52 -0.94
C GLY C 239 30.02 -7.29 -2.00
N LEU C 240 30.85 -8.22 -1.55
CA LEU C 240 31.61 -9.08 -2.44
C LEU C 240 30.58 -9.98 -3.16
N ILE C 241 29.59 -10.47 -2.43
CA ILE C 241 28.53 -11.30 -2.99
C ILE C 241 27.24 -10.88 -2.31
N GLY C 242 26.14 -10.83 -3.05
CA GLY C 242 24.88 -10.49 -2.41
C GLY C 242 23.74 -10.49 -3.42
N PRO C 243 22.51 -10.56 -2.95
CA PRO C 243 21.33 -10.60 -3.84
C PRO C 243 20.87 -9.31 -4.47
N ASN C 244 21.41 -8.18 -4.02
CA ASN C 244 21.01 -6.86 -4.50
C ASN C 244 19.51 -6.62 -4.55
N TRP C 245 18.89 -6.63 -3.37
CA TRP C 245 17.47 -6.28 -3.26
C TRP C 245 16.57 -7.23 -4.03
N SER C 246 16.46 -8.44 -3.51
CA SER C 246 15.70 -9.48 -4.19
C SER C 246 15.31 -10.52 -3.18
N LYS C 247 14.78 -11.64 -3.63
CA LYS C 247 14.30 -12.66 -2.71
C LYS C 247 14.82 -14.07 -3.01
N GLY C 248 15.02 -14.85 -1.95
CA GLY C 248 15.27 -16.27 -2.15
C GLY C 248 16.62 -16.78 -2.55
N TRP C 249 17.68 -16.05 -2.27
CA TRP C 249 18.99 -16.61 -2.63
C TRP C 249 19.42 -17.66 -1.62
N ILE C 250 20.29 -18.57 -2.06
CA ILE C 250 20.91 -19.53 -1.16
C ILE C 250 22.41 -19.37 -1.43
N ILE C 251 23.19 -18.96 -0.43
CA ILE C 251 24.64 -18.78 -0.59
C ILE C 251 25.21 -19.83 0.35
N GLU C 252 25.82 -20.87 -0.19
CA GLU C 252 26.25 -21.99 0.63
C GLU C 252 27.54 -22.65 0.21
N ASP C 253 28.23 -23.21 1.20
CA ASP C 253 29.45 -23.96 0.97
C ASP C 253 30.55 -23.15 0.29
N ASN C 254 30.62 -21.86 0.57
CA ASN C 254 31.65 -21.04 -0.03
C ASN C 254 32.69 -20.66 1.01
N ILE C 255 33.90 -20.37 0.54
CA ILE C 255 34.99 -19.83 1.37
C ILE C 255 35.15 -18.39 0.85
N ILE C 256 34.88 -17.37 1.68
CA ILE C 256 34.88 -15.99 1.23
C ILE C 256 35.82 -15.17 2.09
N HIS C 257 36.69 -14.40 1.47
CA HIS C 257 37.63 -13.61 2.28
C HIS C 257 38.17 -12.39 1.54
N ASP C 258 38.74 -11.50 2.33
CA ASP C 258 39.37 -10.30 1.80
C ASP C 258 38.43 -9.36 1.04
N ALA C 259 37.29 -9.11 1.65
CA ALA C 259 36.36 -8.06 1.15
C ALA C 259 36.86 -6.82 1.95
N LYS C 260 37.06 -5.71 1.26
CA LYS C 260 37.58 -4.51 1.90
C LYS C 260 36.70 -4.12 3.07
N CYS C 261 35.39 -4.04 2.79
CA CYS C 261 34.42 -3.72 3.83
C CYS C 261 33.56 -4.97 4.12
N SER C 262 32.39 -5.11 3.48
CA SER C 262 31.54 -6.24 3.80
C SER C 262 31.62 -7.36 2.76
N ALA C 263 31.56 -8.62 3.21
CA ALA C 263 31.65 -9.76 2.28
C ALA C 263 30.28 -10.12 1.71
N ILE C 264 29.41 -10.70 2.52
CA ILE C 264 28.06 -11.00 2.02
C ILE C 264 27.14 -9.89 2.42
N SER C 265 26.48 -9.27 1.44
CA SER C 265 25.51 -8.25 1.75
C SER C 265 24.11 -8.69 1.42
N ILE C 266 23.23 -8.62 2.41
CA ILE C 266 21.78 -8.83 2.16
C ILE C 266 21.14 -7.48 2.58
N GLY C 267 21.75 -6.40 2.08
CA GLY C 267 21.31 -5.03 2.42
C GLY C 267 20.39 -4.33 1.45
N LYS C 268 20.44 -3.00 1.48
CA LYS C 268 19.53 -2.25 0.63
C LYS C 268 20.26 -1.65 -0.57
N GLU C 269 19.48 -1.00 -1.44
CA GLU C 269 20.05 -0.42 -2.65
C GLU C 269 19.99 1.11 -2.57
N ALA C 270 20.53 1.78 -3.58
CA ALA C 270 20.65 3.22 -3.49
C ALA C 270 19.44 4.11 -3.55
N THR C 271 18.37 3.66 -4.21
CA THR C 271 17.28 4.62 -4.43
C THR C 271 16.53 5.01 -3.18
N THR C 272 16.60 4.17 -2.14
CA THR C 272 15.91 4.50 -0.91
C THR C 272 16.71 5.35 0.06
N GLY C 273 17.93 5.73 -0.33
CA GLY C 273 18.74 6.61 0.50
C GLY C 273 20.20 6.34 0.23
N ASN C 274 21.01 7.39 0.02
CA ASN C 274 22.43 7.12 -0.26
C ASN C 274 23.36 8.18 0.38
N ASN C 275 23.67 7.95 1.65
CA ASN C 275 24.58 8.83 2.40
C ASN C 275 24.14 10.29 2.42
N TYR C 276 22.83 10.51 2.53
CA TYR C 276 22.35 11.88 2.51
C TYR C 276 22.94 12.71 3.67
N ARG C 277 23.13 12.13 4.84
CA ARG C 277 23.70 12.90 5.91
C ARG C 277 25.12 13.38 5.53
N SER C 278 25.93 12.49 4.97
CA SER C 278 27.30 12.87 4.64
C SER C 278 27.39 13.81 3.46
N ILE C 279 26.45 13.72 2.52
CA ILE C 279 26.47 14.56 1.35
C ILE C 279 25.72 15.89 1.48
N ARG C 280 24.52 15.83 2.05
CA ARG C 280 23.68 17.04 2.19
C ARG C 280 23.92 17.79 3.49
N LYS C 281 24.23 17.04 4.55
CA LYS C 281 24.63 17.58 5.85
C LYS C 281 23.60 18.37 6.60
N ASP C 282 22.33 18.22 6.22
CA ASP C 282 21.25 18.97 6.86
C ASP C 282 20.51 18.24 7.99
N LYS C 283 20.59 16.93 7.98
CA LYS C 283 19.92 16.07 8.97
C LYS C 283 20.84 14.90 9.26
N PRO C 284 20.76 14.35 10.46
CA PRO C 284 21.63 13.23 10.82
C PRO C 284 21.21 11.92 10.16
N GLY C 285 22.17 10.99 10.13
CA GLY C 285 21.94 9.66 9.59
C GLY C 285 20.76 9.03 10.31
N TYR C 286 20.59 9.29 11.60
CA TYR C 286 19.43 8.75 12.32
C TYR C 286 18.13 9.11 11.61
N GLN C 287 17.99 10.37 11.25
CA GLN C 287 16.76 10.86 10.62
C GLN C 287 16.60 10.29 9.22
N TYR C 288 17.70 10.25 8.46
CA TYR C 288 17.62 9.66 7.13
C TYR C 288 17.40 8.15 7.16
N GLN C 289 17.83 7.47 8.24
CA GLN C 289 17.63 6.03 8.28
C GLN C 289 16.15 5.69 8.51
N LEU C 290 15.48 6.39 9.42
CA LEU C 290 14.07 6.03 9.66
C LEU C 290 13.27 6.41 8.38
N GLU C 291 13.73 7.41 7.60
CA GLU C 291 13.03 7.72 6.34
C GLU C 291 13.25 6.62 5.32
N ALA C 292 14.44 6.03 5.29
CA ALA C 292 14.74 4.95 4.29
C ALA C 292 13.80 3.77 4.47
N VAL C 293 13.39 3.49 5.71
CA VAL C 293 12.46 2.40 5.97
C VAL C 293 11.15 2.68 5.23
N PHE C 294 10.62 3.91 5.34
CA PHE C 294 9.38 4.23 4.60
C PHE C 294 9.61 4.32 3.11
N ASN C 295 10.77 4.82 2.68
CA ASN C 295 11.06 4.84 1.23
C ASN C 295 11.01 3.41 0.68
N ALA C 296 11.55 2.47 1.46
CA ALA C 296 11.58 1.09 0.98
C ALA C 296 10.20 0.46 0.96
N LYS C 297 9.36 0.77 1.96
CA LYS C 297 8.01 0.25 1.97
C LYS C 297 7.30 0.67 0.69
N ARG C 298 7.55 1.90 0.22
CA ARG C 298 6.95 2.33 -1.04
C ARG C 298 7.55 1.65 -2.26
N ASN C 299 8.80 1.14 -2.15
CA ASN C 299 9.65 0.48 -3.21
C ASN C 299 9.59 -1.07 -3.04
N GLY C 300 8.41 -1.57 -2.67
CA GLY C 300 8.14 -3.01 -2.52
C GLY C 300 8.71 -3.84 -1.38
N TRP C 301 9.27 -3.20 -0.35
CA TRP C 301 9.88 -3.97 0.75
C TRP C 301 8.83 -4.73 1.52
N SER C 302 8.79 -6.05 1.31
CA SER C 302 7.77 -6.91 1.91
C SER C 302 8.22 -8.34 1.77
N LYS C 303 7.60 -9.24 2.54
CA LYS C 303 7.97 -10.64 2.43
C LYS C 303 7.81 -11.16 1.00
N GLU C 304 6.81 -10.64 0.28
CA GLU C 304 6.59 -11.10 -1.09
C GLU C 304 7.72 -10.85 -2.04
N LYS C 305 8.47 -9.77 -1.81
CA LYS C 305 9.50 -9.34 -2.76
C LYS C 305 10.96 -9.32 -2.31
N ILE C 306 11.22 -9.24 -1.00
CA ILE C 306 12.59 -9.02 -0.57
C ILE C 306 12.92 -9.94 0.60
N GLY C 307 14.12 -10.52 0.57
CA GLY C 307 14.58 -11.31 1.72
C GLY C 307 14.45 -12.80 1.59
N SER C 308 14.20 -13.47 2.71
CA SER C 308 14.08 -14.93 2.73
C SER C 308 15.29 -15.61 2.08
N HIS C 309 16.47 -15.04 2.35
CA HIS C 309 17.71 -15.62 1.85
C HIS C 309 18.23 -16.63 2.87
N ILE C 310 19.05 -17.56 2.39
CA ILE C 310 19.67 -18.56 3.25
C ILE C 310 21.17 -18.44 3.05
N ILE C 311 21.91 -18.27 4.15
CA ILE C 311 23.37 -18.16 4.10
C ILE C 311 23.83 -19.30 5.03
N ARG C 312 24.37 -20.38 4.46
CA ARG C 312 24.73 -21.53 5.27
C ARG C 312 26.01 -22.22 4.85
N ASN C 313 26.67 -22.82 5.85
CA ASN C 313 27.87 -23.63 5.61
C ASN C 313 28.98 -22.89 4.89
N ASN C 314 29.14 -21.59 5.14
CA ASN C 314 30.24 -20.83 4.54
C ASN C 314 31.32 -20.52 5.58
N THR C 315 32.51 -20.25 5.10
CA THR C 315 33.61 -19.80 5.98
C THR C 315 33.91 -18.40 5.45
N ILE C 316 33.87 -17.38 6.31
CA ILE C 316 34.04 -15.99 5.89
C ILE C 316 35.02 -15.31 6.84
N TYR C 317 36.07 -14.73 6.31
CA TYR C 317 37.09 -14.15 7.19
C TYR C 317 37.89 -13.06 6.49
N ASP C 318 38.69 -12.36 7.29
CA ASP C 318 39.58 -11.31 6.80
C ASP C 318 38.87 -10.25 5.96
N CYS C 319 37.88 -9.62 6.58
CA CYS C 319 37.11 -8.54 5.95
C CYS C 319 37.21 -7.34 6.86
N GLY C 320 37.12 -6.14 6.31
CA GLY C 320 37.30 -4.96 7.12
C GLY C 320 36.09 -4.38 7.82
N GLN C 321 34.89 -4.69 7.32
CA GLN C 321 33.67 -4.17 7.96
C GLN C 321 32.81 -5.31 8.52
N ASN C 322 32.44 -6.30 7.69
CA ASN C 322 31.59 -7.40 8.16
C ASN C 322 31.77 -8.67 7.33
N ALA C 323 31.47 -9.84 7.92
CA ALA C 323 31.35 -11.05 7.11
C ALA C 323 29.93 -10.98 6.44
N ILE C 324 28.92 -10.52 7.17
CA ILE C 324 27.55 -10.40 6.65
C ILE C 324 27.00 -9.06 7.11
N VAL C 325 26.41 -8.29 6.18
CA VAL C 325 25.87 -6.98 6.49
C VAL C 325 24.51 -6.84 5.81
N GLY C 326 23.69 -5.92 6.35
CA GLY C 326 22.49 -5.57 5.59
C GLY C 326 21.37 -4.92 6.34
N HIS C 327 20.81 -3.86 5.75
CA HIS C 327 19.64 -3.16 6.29
C HIS C 327 18.48 -3.47 5.32
N LEU C 328 17.36 -3.91 5.87
CA LEU C 328 16.10 -4.20 5.13
C LEU C 328 16.11 -5.42 4.22
N GLY C 329 17.19 -5.60 3.47
CA GLY C 329 17.23 -6.65 2.49
C GLY C 329 17.33 -8.06 3.02
N GLY C 330 17.48 -8.20 4.35
CA GLY C 330 17.65 -9.53 4.93
C GLY C 330 16.45 -10.07 5.69
N VAL C 331 15.33 -9.34 5.63
CA VAL C 331 14.16 -9.78 6.36
C VAL C 331 13.83 -11.23 6.06
N PHE C 332 13.47 -11.98 7.10
CA PHE C 332 13.03 -13.40 7.00
C PHE C 332 14.12 -14.37 6.57
N SER C 333 15.36 -13.93 6.61
CA SER C 333 16.45 -14.83 6.20
C SER C 333 16.92 -15.76 7.31
N GLU C 334 17.72 -16.75 6.90
CA GLU C 334 18.30 -17.75 7.83
C GLU C 334 19.80 -17.77 7.63
N ILE C 335 20.55 -17.74 8.71
CA ILE C 335 22.02 -17.69 8.64
C ILE C 335 22.48 -18.78 9.61
N TYR C 336 23.03 -19.86 9.09
CA TYR C 336 23.43 -20.95 9.97
C TYR C 336 24.61 -21.76 9.50
N ASN C 337 25.26 -22.41 10.46
CA ASN C 337 26.43 -23.26 10.21
C ASN C 337 27.57 -22.55 9.49
N ASN C 338 27.74 -21.26 9.74
CA ASN C 338 28.84 -20.54 9.14
C ASN C 338 29.98 -20.39 10.16
N HIS C 339 31.18 -20.28 9.63
CA HIS C 339 32.37 -20.07 10.46
C HIS C 339 32.86 -18.69 10.04
N ILE C 340 32.75 -17.73 10.98
CA ILE C 340 33.12 -16.33 10.74
C ILE C 340 34.22 -15.89 11.71
N TYR C 341 35.32 -15.41 11.16
CA TYR C 341 36.43 -14.99 12.00
C TYR C 341 37.31 -13.92 11.35
N ASN C 342 38.14 -13.29 12.17
CA ASN C 342 39.06 -12.25 11.72
C ASN C 342 38.34 -11.14 10.99
N ILE C 343 37.33 -10.54 11.64
CA ILE C 343 36.60 -9.47 11.00
C ILE C 343 36.99 -8.16 11.65
N ALA C 344 37.55 -7.26 10.84
CA ALA C 344 37.97 -5.91 11.21
C ALA C 344 39.12 -5.88 12.20
N LEU C 345 40.03 -6.82 12.07
CA LEU C 345 41.15 -6.81 13.02
C LEU C 345 42.26 -5.84 12.65
N LYS C 346 42.45 -5.53 11.38
CA LYS C 346 43.52 -4.60 11.00
C LYS C 346 43.26 -3.18 11.48
N ARG C 347 41.98 -2.85 11.64
CA ARG C 347 41.58 -1.55 12.12
C ARG C 347 42.16 -0.38 11.32
N GLU C 348 42.14 -0.50 9.98
CA GLU C 348 42.65 0.57 9.13
C GLU C 348 41.67 1.73 9.14
N PHE C 349 40.39 1.39 9.38
CA PHE C 349 39.35 2.41 9.47
C PHE C 349 38.36 1.91 10.52
N TYR C 350 37.56 2.83 11.06
CA TYR C 350 36.60 2.44 12.09
C TYR C 350 35.35 3.30 11.97
N GLY C 351 34.24 2.71 12.37
CA GLY C 351 32.99 3.44 12.36
C GLY C 351 31.94 2.55 12.96
N HIS C 352 30.70 3.04 13.04
CA HIS C 352 29.65 2.27 13.70
C HIS C 352 28.89 1.29 12.84
N GLU C 353 29.63 0.58 11.98
CA GLU C 353 29.01 -0.43 11.13
C GLU C 353 29.76 -1.74 11.13
N ILE C 354 30.72 -1.85 12.04
CA ILE C 354 31.59 -3.03 12.08
C ILE C 354 31.13 -4.13 13.02
N ALA C 355 31.14 -5.39 12.52
CA ALA C 355 30.81 -6.58 13.31
C ALA C 355 30.87 -7.82 12.40
N GLY C 356 31.10 -9.00 12.98
CA GLY C 356 31.10 -10.23 12.19
C GLY C 356 29.82 -10.26 11.36
N ILE C 357 28.68 -10.12 12.03
CA ILE C 357 27.40 -10.02 11.36
C ILE C 357 26.72 -8.75 11.87
N LYS C 358 26.33 -7.86 10.96
CA LYS C 358 25.54 -6.69 11.34
C LYS C 358 24.29 -6.62 10.47
N LEU C 359 23.13 -6.62 11.11
CA LEU C 359 21.85 -6.52 10.40
C LEU C 359 20.96 -5.49 11.03
N HIS C 360 20.39 -4.65 10.16
CA HIS C 360 19.39 -3.66 10.60
C HIS C 360 18.07 -4.18 10.07
N ALA C 361 17.03 -4.14 10.88
CA ALA C 361 15.70 -4.67 10.52
C ALA C 361 15.76 -6.14 10.17
N ALA C 362 16.39 -6.91 11.07
CA ALA C 362 16.50 -8.38 10.91
C ALA C 362 15.18 -9.06 11.31
N ILE C 363 14.10 -8.66 10.67
CA ILE C 363 12.78 -9.17 11.02
C ILE C 363 12.65 -10.68 10.82
N ASP C 364 12.33 -11.39 11.90
CA ASP C 364 12.18 -12.86 11.87
C ASP C 364 13.43 -13.58 11.33
N VAL C 365 14.61 -12.95 11.41
CA VAL C 365 15.83 -13.60 10.93
C VAL C 365 16.29 -14.63 11.96
N GLN C 366 16.69 -15.81 11.47
CA GLN C 366 17.14 -16.92 12.33
C GLN C 366 18.66 -17.00 12.19
N ILE C 367 19.40 -16.78 13.26
CA ILE C 367 20.87 -16.82 13.22
C ILE C 367 21.24 -17.95 14.19
N HIS C 368 21.64 -19.10 13.66
CA HIS C 368 21.87 -20.23 14.55
C HIS C 368 23.02 -21.12 14.13
N HIS C 369 23.58 -21.84 15.12
CA HIS C 369 24.66 -22.77 14.82
C HIS C 369 25.85 -22.18 14.09
N ASN C 370 26.21 -20.94 14.39
CA ASN C 370 27.39 -20.32 13.78
C ASN C 370 28.54 -20.25 14.80
N ARG C 371 29.76 -20.27 14.27
CA ARG C 371 31.01 -20.18 15.06
C ARG C 371 31.61 -18.82 14.69
N ILE C 372 31.62 -17.90 15.66
CA ILE C 372 32.03 -16.52 15.43
C ILE C 372 33.10 -16.13 16.45
N HIS C 373 34.30 -15.90 15.96
CA HIS C 373 35.43 -15.60 16.85
C HIS C 373 36.42 -14.69 16.22
N ASP C 374 37.29 -14.14 17.07
CA ASP C 374 38.30 -13.22 16.58
C ASP C 374 37.75 -12.06 15.74
N CYS C 375 36.74 -11.43 16.32
CA CYS C 375 36.09 -10.25 15.74
C CYS C 375 36.11 -9.15 16.77
N SER C 376 36.13 -7.89 16.34
CA SER C 376 36.03 -6.81 17.35
C SER C 376 34.59 -6.82 17.95
N LEU C 377 33.61 -7.29 17.20
CA LEU C 377 32.21 -7.44 17.69
C LEU C 377 31.64 -8.62 16.90
N GLY C 378 31.11 -9.65 17.57
CA GLY C 378 30.61 -10.79 16.81
C GLY C 378 29.30 -10.55 16.02
N LEU C 379 28.31 -10.00 16.71
CA LEU C 379 26.98 -9.82 16.12
C LEU C 379 26.40 -8.52 16.57
N TRP C 380 25.85 -7.75 15.63
CA TRP C 380 25.22 -6.48 15.98
C TRP C 380 23.86 -6.44 15.30
N LEU C 381 22.79 -6.43 16.09
CA LEU C 381 21.41 -6.30 15.55
C LEU C 381 21.07 -4.86 15.89
N ASP C 382 20.77 -4.03 14.88
CA ASP C 382 20.63 -2.58 15.07
C ASP C 382 19.35 -2.12 14.38
N TRP C 383 18.36 -1.75 15.18
CA TRP C 383 17.00 -1.39 14.77
C TRP C 383 16.18 -2.59 14.35
N GLU C 384 14.93 -2.59 14.80
CA GLU C 384 13.95 -3.51 14.27
C GLU C 384 14.28 -4.97 14.32
N ALA C 385 14.89 -5.36 15.45
CA ALA C 385 15.19 -6.79 15.67
C ALA C 385 13.90 -7.35 16.28
N GLN C 386 12.93 -7.56 15.39
CA GLN C 386 11.60 -8.04 15.79
C GLN C 386 11.43 -9.47 15.28
N GLY C 387 11.30 -10.40 16.21
CA GLY C 387 11.18 -11.82 15.84
C GLY C 387 12.55 -12.44 15.60
N THR C 388 13.63 -11.66 15.65
CA THR C 388 14.96 -12.22 15.41
C THR C 388 15.27 -13.28 16.49
N ARG C 389 15.88 -14.38 16.07
CA ARG C 389 16.27 -15.44 17.01
C ARG C 389 17.75 -15.76 16.81
N VAL C 390 18.52 -15.58 17.88
CA VAL C 390 19.96 -15.85 17.89
C VAL C 390 20.08 -17.10 18.79
N SER C 391 20.36 -18.24 18.16
CA SER C 391 20.29 -19.50 18.90
C SER C 391 21.43 -20.48 18.64
N LYS C 392 21.94 -21.07 19.72
CA LYS C 392 22.93 -22.13 19.56
C LYS C 392 24.17 -21.75 18.80
N ASN C 393 24.63 -20.53 19.00
CA ASN C 393 25.87 -20.05 18.39
C ASN C 393 27.02 -20.11 19.42
N LEU C 394 28.22 -20.14 18.86
CA LEU C 394 29.47 -20.22 19.65
C LEU C 394 30.27 -18.95 19.41
N PHE C 395 30.37 -18.11 20.44
CA PHE C 395 31.08 -16.85 20.36
C PHE C 395 32.27 -16.94 21.32
N TYR C 396 33.47 -16.66 20.80
CA TYR C 396 34.67 -16.63 21.69
C TYR C 396 35.76 -15.77 21.08
N ASN C 397 36.70 -15.35 21.92
CA ASN C 397 37.82 -14.55 21.45
C ASN C 397 37.41 -13.29 20.68
N ASN C 398 36.29 -12.70 21.08
CA ASN C 398 35.87 -11.44 20.46
C ASN C 398 36.04 -10.34 21.47
N ASN C 399 36.29 -9.11 21.01
CA ASN C 399 36.34 -8.02 22.00
C ASN C 399 34.97 -7.85 22.64
N ARG C 400 33.90 -8.08 21.86
CA ARG C 400 32.52 -8.08 22.39
C ARG C 400 31.78 -9.16 21.60
N ASP C 401 30.83 -9.85 22.23
CA ASP C 401 30.09 -10.89 21.48
C ASP C 401 28.83 -10.40 20.75
N VAL C 402 27.88 -9.81 21.48
CA VAL C 402 26.58 -9.44 20.91
C VAL C 402 26.13 -8.04 21.32
N PHE C 403 25.54 -7.30 20.36
CA PHE C 403 25.04 -5.94 20.60
C PHE C 403 23.65 -5.91 19.98
N VAL C 404 22.62 -5.63 20.79
CA VAL C 404 21.24 -5.49 20.26
C VAL C 404 20.90 -4.05 20.60
N GLU C 405 20.77 -3.25 19.54
CA GLU C 405 20.58 -1.79 19.71
C GLU C 405 19.26 -1.25 19.17
N VAL C 406 18.69 -0.31 19.92
CA VAL C 406 17.42 0.39 19.61
C VAL C 406 16.34 -0.46 19.02
N SER C 407 16.18 -1.64 19.61
CA SER C 407 15.13 -2.56 19.22
C SER C 407 14.12 -2.74 20.35
N HIS C 408 12.93 -3.22 19.98
CA HIS C 408 11.82 -3.40 20.89
C HIS C 408 11.35 -4.82 21.02
N GLY C 409 11.96 -5.71 20.23
CA GLY C 409 11.59 -7.12 20.30
C GLY C 409 10.23 -7.40 19.70
N PRO C 410 9.70 -8.59 19.97
CA PRO C 410 10.30 -9.67 20.78
C PRO C 410 11.49 -10.28 20.09
N TYR C 411 12.66 -10.28 20.73
CA TYR C 411 13.83 -10.93 20.11
C TYR C 411 14.33 -11.97 21.11
N LEU C 412 14.88 -13.06 20.60
CA LEU C 412 15.28 -14.19 21.42
C LEU C 412 16.73 -14.55 21.25
N VAL C 413 17.41 -14.72 22.38
CA VAL C 413 18.83 -15.11 22.41
C VAL C 413 18.82 -16.39 23.27
N ASP C 414 18.94 -17.56 22.64
CA ASP C 414 18.80 -18.79 23.42
C ASP C 414 19.86 -19.83 23.12
N HIS C 415 20.26 -20.55 24.17
CA HIS C 415 21.21 -21.66 24.05
C HIS C 415 22.54 -21.33 23.39
N ASN C 416 23.01 -20.10 23.58
CA ASN C 416 24.30 -19.68 23.02
C ASN C 416 25.43 -19.77 24.05
N ILE C 417 26.66 -19.78 23.51
CA ILE C 417 27.85 -19.70 24.35
C ILE C 417 28.42 -18.31 24.06
N LEU C 418 28.28 -17.39 25.01
CA LEU C 418 28.84 -16.03 24.85
C LEU C 418 29.99 -15.99 25.84
N SER C 419 31.18 -16.30 25.34
CA SER C 419 32.33 -16.43 26.25
C SER C 419 33.29 -15.29 26.33
N SER C 420 33.09 -14.21 25.60
CA SER C 420 34.04 -13.13 25.68
C SER C 420 33.81 -12.27 26.97
N GLU C 421 34.81 -11.53 27.42
CA GLU C 421 34.68 -10.79 28.67
C GLU C 421 33.68 -9.64 28.62
N TYR C 422 33.32 -9.20 27.41
CA TYR C 422 32.31 -8.14 27.28
C TYR C 422 31.32 -8.91 26.39
N ALA C 423 30.30 -9.47 27.00
CA ALA C 423 29.39 -10.34 26.28
C ALA C 423 28.24 -9.69 25.58
N ILE C 424 27.62 -8.71 26.21
CA ILE C 424 26.41 -8.12 25.64
C ILE C 424 26.34 -6.61 25.79
N ASP C 425 26.05 -5.93 24.68
CA ASP C 425 25.72 -4.50 24.74
C ASP C 425 24.19 -4.56 24.50
N ASN C 426 23.41 -4.11 25.48
CA ASN C 426 21.95 -4.16 25.38
C ASN C 426 21.40 -2.73 25.43
N MET C 427 21.09 -2.15 24.27
CA MET C 427 20.49 -0.81 24.21
C MET C 427 19.09 -0.99 23.60
N SER C 428 18.38 -1.99 24.11
CA SER C 428 17.05 -2.33 23.60
C SER C 428 16.11 -2.71 24.72
N GLN C 429 14.90 -3.12 24.34
CA GLN C 429 13.93 -3.64 25.29
C GLN C 429 13.23 -4.78 24.55
N GLY C 430 12.52 -5.64 25.25
CA GLY C 430 11.79 -6.71 24.58
C GLY C 430 12.59 -7.96 24.32
N GLY C 431 13.68 -8.16 25.03
CA GLY C 431 14.49 -9.34 24.78
C GLY C 431 14.17 -10.53 25.70
N ALA C 432 14.53 -11.71 25.23
CA ALA C 432 14.42 -12.93 26.05
C ALA C 432 15.76 -13.65 25.92
N TYR C 433 16.46 -13.81 27.05
CA TYR C 433 17.76 -14.49 27.08
C TYR C 433 17.51 -15.80 27.84
N ILE C 434 17.54 -16.90 27.12
CA ILE C 434 17.12 -18.21 27.66
C ILE C 434 18.20 -19.26 27.50
N ASN C 435 18.58 -19.88 28.61
CA ASN C 435 19.51 -21.01 28.53
C ASN C 435 20.87 -20.75 27.88
N ASN C 436 21.42 -19.56 28.08
CA ASN C 436 22.74 -19.23 27.56
C ASN C 436 23.86 -19.44 28.61
N LEU C 437 25.09 -19.51 28.12
CA LEU C 437 26.28 -19.47 29.00
C LEU C 437 26.82 -18.06 28.68
N ILE C 438 26.83 -17.18 29.68
CA ILE C 438 27.28 -15.80 29.51
C ILE C 438 28.44 -15.55 30.43
N ALA C 439 29.62 -15.40 29.86
CA ALA C 439 30.82 -15.26 30.70
C ALA C 439 31.48 -13.91 30.62
N GLY C 440 30.67 -12.89 30.37
CA GLY C 440 31.21 -11.54 30.27
C GLY C 440 30.17 -10.54 30.68
N LYS C 441 30.58 -9.29 30.74
CA LYS C 441 29.67 -8.28 31.22
C LYS C 441 28.61 -7.86 30.21
N MET C 442 27.58 -7.23 30.75
CA MET C 442 26.51 -6.65 29.94
C MET C 442 26.45 -5.17 30.24
N ASN C 443 26.47 -4.37 29.19
CA ASN C 443 26.32 -2.91 29.30
C ASN C 443 24.86 -2.67 28.84
N GLN C 444 23.98 -2.30 29.77
CA GLN C 444 22.56 -2.09 29.45
C GLN C 444 22.24 -0.61 29.65
N ARG C 445 21.71 0.01 28.60
CA ARG C 445 21.39 1.43 28.61
C ARG C 445 20.12 1.79 27.87
N LYS C 446 19.39 2.76 28.41
CA LYS C 446 18.19 3.29 27.74
C LYS C 446 18.65 4.15 26.55
N VAL C 447 17.71 4.39 25.61
CA VAL C 447 17.99 5.29 24.48
C VAL C 447 16.75 6.18 24.37
N LEU C 448 16.82 7.36 24.96
CA LEU C 448 15.66 8.25 25.01
C LEU C 448 15.61 9.32 23.96
N ASN C 449 16.62 9.43 23.10
CA ASN C 449 16.61 10.48 22.09
C ASN C 449 16.56 9.95 20.66
N ARG C 450 16.28 8.65 20.52
CA ARG C 450 16.10 8.07 19.20
C ARG C 450 14.92 7.12 19.28
N SER C 451 13.91 7.36 18.44
CA SER C 451 12.77 6.46 18.37
C SER C 451 12.96 5.66 17.06
N THR C 452 12.59 4.38 17.07
CA THR C 452 12.79 3.50 15.92
C THR C 452 11.56 2.64 15.74
N GLN C 453 11.34 2.20 14.50
CA GLN C 453 10.10 1.48 14.18
C GLN C 453 9.90 0.11 14.79
N TYR C 454 8.63 -0.26 14.95
CA TYR C 454 8.27 -1.64 15.26
C TYR C 454 7.20 -1.97 14.22
N HIS C 455 6.88 -3.25 14.13
CA HIS C 455 6.08 -3.77 13.04
C HIS C 455 4.94 -4.66 13.44
N LEU C 456 4.04 -4.90 12.49
CA LEU C 456 3.03 -5.94 12.74
C LEU C 456 3.85 -7.26 12.76
N PRO C 457 3.37 -8.28 13.50
CA PRO C 457 4.13 -9.54 13.54
C PRO C 457 4.35 -10.20 12.17
N HIS C 458 5.56 -10.74 11.97
CA HIS C 458 5.87 -11.51 10.75
C HIS C 458 5.61 -10.74 9.48
N SER C 459 5.95 -9.44 9.52
CA SER C 459 5.67 -8.55 8.43
C SER C 459 6.59 -7.35 8.41
N THR C 460 6.72 -6.70 7.24
CA THR C 460 7.47 -5.46 7.18
C THR C 460 6.49 -4.27 7.44
N GLU C 461 5.18 -4.52 7.52
CA GLU C 461 4.26 -3.42 7.80
C GLU C 461 4.64 -2.73 9.11
N VAL C 462 4.64 -1.40 9.07
CA VAL C 462 5.03 -0.62 10.25
C VAL C 462 3.85 -0.44 11.17
N ALA C 463 4.04 -0.72 12.46
CA ALA C 463 2.98 -0.58 13.46
C ALA C 463 3.12 0.69 14.29
N GLY C 464 4.34 1.16 14.42
CA GLY C 464 4.59 2.33 15.25
C GLY C 464 6.08 2.55 15.37
N PHE C 465 6.48 3.34 16.36
CA PHE C 465 7.91 3.57 16.64
C PHE C 465 7.98 3.93 18.10
N ALA C 466 9.14 3.68 18.69
CA ALA C 466 9.32 3.96 20.11
C ALA C 466 10.77 4.20 20.49
N PHE C 467 10.91 4.88 21.64
CA PHE C 467 12.22 5.08 22.29
C PHE C 467 12.45 3.82 23.10
N VAL C 468 13.69 3.61 23.56
CA VAL C 468 14.01 2.46 24.41
C VAL C 468 14.03 2.95 25.89
N TYR C 469 13.03 2.51 26.63
CA TYR C 469 12.92 2.92 28.04
C TYR C 469 13.74 2.03 28.94
N GLY C 470 14.19 0.89 28.44
CA GLY C 470 15.03 -0.03 29.23
C GLY C 470 14.20 -1.06 29.97
N GLY C 471 14.74 -2.25 30.16
CA GLY C 471 13.94 -3.27 30.83
C GLY C 471 13.04 -3.99 29.83
N ASP C 472 11.96 -4.58 30.35
CA ASP C 472 11.06 -5.42 29.56
C ASP C 472 11.90 -6.52 28.90
N ASP C 473 12.79 -7.12 29.69
CA ASP C 473 13.64 -8.23 29.25
C ASP C 473 13.37 -9.46 30.13
N ARG C 474 13.55 -10.65 29.54
CA ARG C 474 13.40 -11.92 30.27
C ARG C 474 14.77 -12.62 30.33
N PHE C 475 15.13 -13.17 31.50
CA PHE C 475 16.39 -13.93 31.62
C PHE C 475 16.03 -15.19 32.41
N TYR C 476 16.10 -16.35 31.76
CA TYR C 476 15.79 -17.61 32.43
C TYR C 476 16.82 -18.64 32.10
N ASN C 477 17.19 -19.45 33.12
CA ASN C 477 18.09 -20.58 32.89
C ASN C 477 19.48 -20.29 32.34
N ASN C 478 20.01 -19.09 32.58
CA ASN C 478 21.35 -18.74 32.10
C ASN C 478 22.41 -19.02 33.15
N ILE C 479 23.61 -19.35 32.71
CA ILE C 479 24.74 -19.49 33.63
C ILE C 479 25.62 -18.25 33.39
N PHE C 480 25.76 -17.39 34.40
CA PHE C 480 26.60 -16.19 34.29
C PHE C 480 27.92 -16.45 35.03
N ILE C 481 29.01 -15.99 34.43
CA ILE C 481 30.34 -16.17 35.02
C ILE C 481 31.09 -14.86 34.92
N GLY C 482 31.45 -14.28 36.06
CA GLY C 482 32.23 -13.05 36.01
C GLY C 482 33.72 -13.36 36.17
N LYS C 483 34.48 -12.37 36.59
CA LYS C 483 35.90 -12.58 36.88
C LYS C 483 36.44 -11.39 37.63
N GLU C 484 37.61 -11.56 38.26
CA GLU C 484 38.21 -10.48 39.05
C GLU C 484 38.28 -9.16 38.32
N GLY C 485 37.74 -8.12 38.98
CA GLY C 485 37.74 -6.78 38.44
C GLY C 485 36.71 -6.45 37.39
N LEU C 486 36.04 -7.47 36.87
CA LEU C 486 35.02 -7.30 35.83
C LEU C 486 33.67 -6.97 36.46
N GLU C 487 33.15 -5.78 36.18
CA GLU C 487 31.87 -5.43 36.77
C GLU C 487 30.74 -5.64 35.77
N ASN C 488 29.53 -5.56 36.29
CA ASN C 488 28.31 -5.67 35.49
C ASN C 488 28.04 -6.98 34.78
N VAL C 489 28.44 -8.10 35.39
CA VAL C 489 28.13 -9.40 34.84
C VAL C 489 26.91 -9.87 35.61
N GLY C 490 25.88 -10.32 34.90
CA GLY C 490 24.68 -10.83 35.56
C GLY C 490 23.42 -10.08 35.19
N THR C 491 22.54 -9.90 36.17
CA THR C 491 21.26 -9.22 35.95
C THR C 491 20.96 -8.15 37.01
N SER C 492 21.96 -7.75 37.78
CA SER C 492 21.73 -6.72 38.82
C SER C 492 21.43 -5.36 38.19
N HIS C 493 21.68 -5.24 36.88
CA HIS C 493 21.40 -4.01 36.10
C HIS C 493 19.95 -3.58 36.27
N TYR C 494 19.07 -4.56 36.47
CA TYR C 494 17.63 -4.30 36.53
C TYR C 494 17.06 -4.11 37.92
N ASN C 495 17.91 -3.88 38.91
CA ASN C 495 17.40 -3.76 40.28
C ASN C 495 16.25 -2.81 40.53
N ASN C 496 16.11 -1.74 39.75
CA ASN C 496 14.99 -0.83 39.99
C ASN C 496 13.72 -1.17 39.21
N CYS C 497 13.76 -2.24 38.43
CA CYS C 497 12.59 -2.58 37.62
C CYS C 497 11.45 -3.23 38.35
N THR C 498 10.26 -3.17 37.76
CA THR C 498 9.10 -3.87 38.30
C THR C 498 9.26 -5.36 37.90
N THR C 499 8.44 -6.25 38.47
CA THR C 499 8.63 -7.68 38.19
C THR C 499 7.52 -8.37 37.43
N SER C 500 6.53 -7.60 36.98
CA SER C 500 5.45 -8.17 36.18
C SER C 500 4.74 -7.05 35.48
N LEU C 501 4.09 -7.36 34.36
CA LEU C 501 3.36 -6.31 33.66
C LEU C 501 2.22 -5.82 34.55
N GLU C 502 1.63 -6.72 35.36
CA GLU C 502 0.58 -6.31 36.30
C GLU C 502 1.11 -5.27 37.30
N GLU C 503 2.30 -5.47 37.84
CA GLU C 503 2.86 -4.50 38.79
C GLU C 503 3.12 -3.15 38.11
N TYR C 504 3.66 -3.21 36.89
CA TYR C 504 3.93 -2.00 36.13
C TYR C 504 2.62 -1.22 35.91
N ILE C 505 1.59 -1.92 35.43
CA ILE C 505 0.30 -1.26 35.16
C ILE C 505 -0.30 -0.67 36.41
N GLU C 506 -0.21 -1.40 37.50
CA GLU C 506 -0.75 -0.89 38.77
C GLU C 506 -0.03 0.37 39.22
N LYS C 507 1.31 0.38 39.15
CA LYS C 507 2.08 1.55 39.56
C LYS C 507 1.84 2.76 38.69
N VAL C 508 1.82 2.56 37.37
CA VAL C 508 1.56 3.68 36.49
C VAL C 508 0.18 4.26 36.72
N ASN C 509 -0.79 3.41 36.99
CA ASN C 509 -2.12 3.92 37.06
C ASN C 509 -2.56 4.43 38.45
N GLU C 510 -1.59 4.52 39.36
CA GLU C 510 -1.85 5.03 40.71
C GLU C 510 -2.31 6.50 40.64
N VAL C 511 -1.75 7.27 39.72
CA VAL C 511 -2.13 8.67 39.58
C VAL C 511 -2.53 8.96 38.14
N PRO C 512 -3.69 9.59 37.93
CA PRO C 512 -4.19 9.89 36.59
C PRO C 512 -3.20 10.66 35.71
N GLY C 513 -3.14 10.31 34.43
CA GLY C 513 -2.24 11.02 33.54
C GLY C 513 -1.97 10.23 32.28
N ASP C 514 -0.99 10.64 31.50
CA ASP C 514 -0.64 9.91 30.27
C ASP C 514 0.84 9.61 30.24
N LEU C 515 1.53 10.01 29.17
CA LEU C 515 2.94 9.65 29.03
C LEU C 515 3.83 9.88 30.26
N GLY C 516 3.71 11.02 30.93
CA GLY C 516 4.57 11.29 32.09
C GLY C 516 4.41 10.26 33.20
N GLU C 517 3.20 9.73 33.36
CA GLU C 517 2.98 8.73 34.40
C GLU C 517 3.62 7.40 33.99
N PHE C 518 3.58 7.08 32.70
CA PHE C 518 4.24 5.86 32.29
C PHE C 518 5.76 6.00 32.43
N GLU C 519 6.28 7.17 32.08
CA GLU C 519 7.73 7.36 32.13
C GLU C 519 8.29 7.26 33.53
N ARG C 520 7.48 7.55 34.52
CA ARG C 520 8.02 7.50 35.88
C ARG C 520 8.18 6.11 36.48
N VAL C 521 7.68 5.08 35.81
CA VAL C 521 7.75 3.71 36.33
C VAL C 521 8.68 2.89 35.43
N GLU C 522 9.56 2.11 36.05
CA GLU C 522 10.48 1.27 35.31
C GLU C 522 9.75 0.04 34.77
N GLN C 523 10.05 -0.31 33.51
CA GLN C 523 9.42 -1.49 32.89
C GLN C 523 9.73 -2.78 33.65
N PRO C 524 8.89 -3.80 33.46
CA PRO C 524 9.10 -5.08 34.15
C PRO C 524 10.23 -5.91 33.58
N VAL C 525 10.80 -6.76 34.43
CA VAL C 525 11.74 -7.77 33.97
C VAL C 525 11.24 -9.09 34.53
N TYR C 526 11.60 -10.16 33.82
CA TYR C 526 11.11 -11.50 34.11
C TYR C 526 12.35 -12.35 34.22
N ILE C 527 12.80 -12.55 35.45
CA ILE C 527 14.10 -13.18 35.66
C ILE C 527 14.02 -14.28 36.69
N ASN C 528 14.44 -15.48 36.32
CA ASN C 528 14.39 -16.60 37.26
C ASN C 528 15.23 -17.76 36.79
N LYS C 529 15.63 -18.58 37.77
CA LYS C 529 16.42 -19.76 37.51
C LYS C 529 17.76 -19.59 36.81
N ASN C 530 18.48 -18.53 37.16
CA ASN C 530 19.82 -18.29 36.63
C ASN C 530 20.86 -18.63 37.72
N ALA C 531 22.08 -18.88 37.27
CA ALA C 531 23.20 -19.15 38.18
C ALA C 531 24.21 -18.07 37.98
N TYR C 532 24.91 -17.74 39.06
CA TYR C 532 25.87 -16.64 39.04
C TYR C 532 27.14 -17.05 39.74
N PHE C 533 28.21 -17.18 38.97
CA PHE C 533 29.49 -17.61 39.53
C PHE C 533 30.60 -16.61 39.33
N ASN C 534 31.62 -16.72 40.17
CA ASN C 534 32.85 -15.95 40.00
C ASN C 534 32.72 -14.44 39.93
N GLY C 535 31.74 -13.88 40.64
CA GLY C 535 31.61 -12.44 40.64
C GLY C 535 30.37 -11.92 39.96
N ALA C 536 29.68 -12.76 39.20
CA ALA C 536 28.42 -12.31 38.57
C ALA C 536 27.41 -11.99 39.67
N GLU C 537 26.54 -11.00 39.42
CA GLU C 537 25.57 -10.54 40.42
C GLU C 537 24.15 -10.64 39.90
N PRO C 538 23.20 -11.09 40.74
CA PRO C 538 21.81 -11.21 40.29
C PRO C 538 20.92 -10.02 40.56
N PHE C 539 19.83 -9.94 39.80
CA PHE C 539 18.73 -9.00 40.05
C PHE C 539 18.29 -9.34 41.50
N GLU C 540 18.17 -8.32 42.33
CA GLU C 540 17.84 -8.52 43.73
C GLU C 540 16.51 -9.17 43.99
N LYS C 541 15.56 -9.00 43.08
CA LYS C 541 14.26 -9.60 43.28
C LYS C 541 14.05 -10.96 42.59
N GLU C 542 15.12 -11.56 42.09
CA GLU C 542 14.98 -12.88 41.44
C GLU C 542 14.58 -13.88 42.54
N LYS C 543 13.60 -14.72 42.29
CA LYS C 543 13.14 -15.64 43.33
C LYS C 543 13.95 -16.90 43.51
N ASP C 544 14.31 -17.55 42.42
CA ASP C 544 15.02 -18.81 42.51
C ASP C 544 16.30 -18.74 41.74
N ASN C 545 17.43 -18.64 42.42
CA ASN C 545 18.69 -18.62 41.68
C ASN C 545 19.78 -19.33 42.46
N LEU C 546 20.93 -19.48 41.84
CA LEU C 546 22.10 -20.08 42.51
C LEU C 546 23.21 -19.06 42.43
N VAL C 547 23.64 -18.53 43.57
CA VAL C 547 24.70 -17.54 43.55
C VAL C 547 25.88 -18.03 44.35
N LYS C 548 27.02 -18.20 43.69
CA LYS C 548 28.26 -18.65 44.35
C LYS C 548 29.39 -17.83 43.78
N LYS C 549 29.54 -16.62 44.35
CA LYS C 549 30.56 -15.67 43.92
C LYS C 549 31.95 -16.22 44.10
N ASP C 550 32.07 -17.16 45.03
CA ASP C 550 33.35 -17.73 45.36
C ASP C 550 33.74 -18.87 44.46
N PHE C 551 32.82 -19.35 43.63
CA PHE C 551 33.11 -20.49 42.77
C PHE C 551 33.66 -20.07 41.41
N ASP C 552 34.81 -20.64 41.04
CA ASP C 552 35.43 -20.34 39.76
C ASP C 552 35.26 -21.50 38.77
N PRO C 553 34.41 -21.33 37.74
CA PRO C 553 34.23 -22.42 36.77
C PRO C 553 35.43 -22.72 35.88
N LYS C 554 36.44 -21.85 35.84
CA LYS C 554 37.60 -22.09 35.00
C LYS C 554 37.22 -22.43 33.56
N LEU C 555 36.30 -21.63 33.04
CA LEU C 555 35.86 -21.82 31.67
C LEU C 555 36.98 -21.64 30.65
N ALA C 556 37.03 -22.52 29.67
CA ALA C 556 38.00 -22.38 28.60
C ALA C 556 37.36 -22.89 27.32
N ILE C 557 37.61 -22.15 26.24
CA ILE C 557 37.13 -22.58 24.92
C ILE C 557 38.43 -22.99 24.23
N ILE C 558 38.51 -24.24 23.81
CA ILE C 558 39.74 -24.75 23.21
C ILE C 558 39.53 -24.99 21.73
N ASP C 559 40.14 -24.12 20.92
CA ASP C 559 39.99 -24.18 19.46
C ASP C 559 41.16 -25.01 18.92
N GLU C 560 40.84 -26.17 18.35
CA GLU C 560 41.83 -27.08 17.80
C GLU C 560 41.81 -27.09 16.28
N GLY C 561 41.27 -26.04 15.68
CA GLY C 561 41.21 -25.98 14.23
C GLY C 561 39.80 -26.31 13.79
N ASP C 562 39.59 -27.54 13.30
CA ASP C 562 38.25 -27.91 12.84
C ASP C 562 37.31 -28.25 13.96
N GLU C 563 37.86 -28.57 15.13
CA GLU C 563 37.03 -28.89 16.30
C GLU C 563 37.28 -27.88 17.40
N VAL C 564 36.25 -27.66 18.20
CA VAL C 564 36.33 -26.74 19.33
C VAL C 564 35.70 -27.41 20.54
N TYR C 565 36.37 -27.26 21.69
CA TYR C 565 35.90 -27.86 22.93
C TYR C 565 35.65 -26.84 24.02
N LEU C 566 34.73 -27.17 24.90
CA LEU C 566 34.38 -26.36 26.05
C LEU C 566 34.79 -27.12 27.32
N SER C 567 35.59 -26.46 28.16
CA SER C 567 36.01 -27.02 29.45
C SER C 567 35.36 -26.15 30.52
N LEU C 568 34.68 -26.78 31.46
CA LEU C 568 33.98 -26.01 32.50
C LEU C 568 33.80 -26.82 33.79
N GLN C 569 34.04 -26.19 34.93
CA GLN C 569 33.80 -26.85 36.22
C GLN C 569 32.50 -26.28 36.76
N LEU C 570 31.67 -27.12 37.38
CA LEU C 570 30.41 -26.65 37.97
C LEU C 570 30.32 -27.16 39.42
N PRO C 571 29.73 -26.38 40.32
CA PRO C 571 29.61 -26.79 41.72
C PRO C 571 28.57 -27.86 41.97
N ASP C 572 28.68 -28.55 43.11
CA ASP C 572 27.70 -29.57 43.42
C ASP C 572 26.29 -29.02 43.43
N GLU C 573 26.14 -27.75 43.81
CA GLU C 573 24.83 -27.12 43.90
C GLU C 573 24.14 -26.95 42.55
N PHE C 574 24.92 -27.10 41.48
CA PHE C 574 24.38 -26.99 40.13
C PHE C 574 23.28 -28.05 39.93
N GLU C 575 23.42 -29.18 40.60
CA GLU C 575 22.43 -30.25 40.46
C GLU C 575 21.07 -29.87 41.05
N ASN C 576 21.06 -28.87 41.92
CA ASN C 576 19.84 -28.45 42.60
C ASN C 576 19.03 -27.32 41.99
N ILE C 577 19.54 -26.73 40.91
CA ILE C 577 18.77 -25.67 40.27
C ILE C 577 18.32 -26.31 38.95
N VAL C 578 17.01 -26.25 38.70
CA VAL C 578 16.43 -26.90 37.54
C VAL C 578 15.74 -25.89 36.66
N GLY C 579 15.89 -26.05 35.35
CA GLY C 579 15.25 -25.11 34.43
C GLY C 579 13.97 -25.61 33.78
N ASP C 580 13.04 -24.69 33.49
CA ASP C 580 11.78 -25.03 32.83
C ASP C 580 12.05 -24.94 31.32
N ILE C 581 11.22 -25.61 30.53
CA ILE C 581 11.26 -25.49 29.07
C ILE C 581 10.42 -24.24 28.79
N HIS C 582 11.06 -23.23 28.18
CA HIS C 582 10.33 -22.00 27.85
C HIS C 582 9.71 -22.09 26.49
N SER C 583 8.63 -21.31 26.32
CA SER C 583 7.84 -21.34 25.10
C SER C 583 7.03 -20.09 24.98
N THR C 584 6.24 -19.98 23.91
CA THR C 584 5.36 -18.84 23.75
C THR C 584 4.45 -18.70 24.98
N LYS C 585 4.05 -19.83 25.55
CA LYS C 585 3.20 -19.82 26.72
C LYS C 585 3.87 -19.26 27.97
N THR C 586 5.15 -19.53 28.16
CA THR C 586 5.83 -19.11 29.39
C THR C 586 6.46 -17.73 29.34
N LEU C 587 6.62 -17.19 28.13
CA LEU C 587 7.27 -15.90 27.97
C LEU C 587 6.25 -14.78 27.84
N GLU C 588 6.30 -13.83 28.77
CA GLU C 588 5.35 -12.73 28.75
C GLU C 588 5.57 -11.87 27.50
N ARG C 589 4.47 -11.43 26.90
CA ARG C 589 4.55 -10.57 25.73
C ARG C 589 5.33 -9.29 26.03
N VAL C 590 5.91 -8.70 24.98
CA VAL C 590 6.64 -7.44 25.16
C VAL C 590 5.60 -6.34 25.23
N ARG C 591 5.90 -5.30 26.00
CA ARG C 591 4.89 -4.28 26.26
C ARG C 591 4.56 -3.35 25.09
N ILE C 592 5.56 -2.63 24.58
CA ILE C 592 5.27 -1.69 23.52
C ILE C 592 4.82 -2.35 22.23
N VAL C 593 5.55 -3.35 21.78
CA VAL C 593 5.12 -3.98 20.51
C VAL C 593 3.87 -4.85 20.69
N ASP C 594 3.61 -5.26 21.93
CA ASP C 594 2.41 -6.07 22.27
C ASP C 594 2.37 -7.34 21.43
N ALA C 595 3.51 -8.01 21.37
CA ALA C 595 3.65 -9.24 20.58
C ALA C 595 4.26 -10.36 21.40
N GLU C 596 3.96 -11.58 20.95
CA GLU C 596 4.46 -12.78 21.62
C GLU C 596 5.74 -13.28 20.95
N TYR C 597 6.44 -14.17 21.66
CA TYR C 597 7.62 -14.87 21.14
C TYR C 597 7.06 -16.10 20.44
N GLU C 598 7.02 -16.05 19.11
CA GLU C 598 6.41 -17.11 18.25
C GLU C 598 7.43 -17.57 17.23
N SER C 599 7.09 -18.65 16.51
CA SER C 599 7.90 -19.10 15.38
C SER C 599 7.52 -18.15 14.24
N PRO C 600 8.36 -18.09 13.19
CA PRO C 600 8.08 -17.21 12.04
C PRO C 600 6.75 -17.46 11.35
N ASP C 601 6.17 -18.66 11.50
CA ASP C 601 4.88 -18.97 10.92
C ASP C 601 3.71 -18.59 11.83
N GLY C 602 4.02 -17.94 12.96
CA GLY C 602 2.98 -17.53 13.88
C GLY C 602 2.53 -18.56 14.89
N LYS C 603 3.12 -19.74 14.81
CA LYS C 603 2.74 -20.82 15.73
C LYS C 603 3.62 -20.82 16.95
N GLU C 604 3.25 -21.66 17.90
CA GLU C 604 3.97 -21.72 19.14
C GLU C 604 5.43 -22.09 18.97
N LEU C 605 6.29 -21.43 19.72
CA LEU C 605 7.71 -21.73 19.75
C LEU C 605 7.99 -22.46 21.08
N VAL C 606 8.66 -23.62 21.02
CA VAL C 606 8.98 -24.37 22.24
C VAL C 606 10.51 -24.53 22.27
N LEU C 607 11.15 -24.07 23.34
CA LEU C 607 12.61 -24.12 23.40
C LEU C 607 13.08 -25.39 24.12
N ASP C 608 12.77 -26.53 23.50
CA ASP C 608 13.09 -27.82 24.11
C ASP C 608 14.25 -28.57 23.54
N THR C 609 15.10 -27.90 22.77
CA THR C 609 16.32 -28.54 22.27
C THR C 609 17.52 -27.66 22.63
N ASP C 610 18.61 -28.28 23.07
CA ASP C 610 19.77 -27.53 23.50
C ASP C 610 20.78 -27.23 22.40
N TYR C 611 21.91 -26.66 22.79
CA TYR C 611 22.97 -26.27 21.88
C TYR C 611 23.45 -27.42 20.97
N LEU C 612 23.42 -28.64 21.52
CA LEU C 612 23.83 -29.84 20.78
C LEU C 612 22.63 -30.50 20.10
N ASP C 613 21.51 -29.79 20.05
CA ASP C 613 20.27 -30.26 19.45
C ASP C 613 19.64 -31.48 20.15
N ALA C 614 19.99 -31.67 21.42
CA ALA C 614 19.39 -32.77 22.20
C ALA C 614 18.03 -32.32 22.74
N LYS C 615 17.02 -33.16 22.63
CA LYS C 615 15.71 -32.81 23.18
C LYS C 615 15.83 -32.93 24.69
N LYS C 616 15.29 -31.96 25.42
CA LYS C 616 15.41 -32.07 26.86
C LYS C 616 14.04 -32.16 27.52
N PRO C 617 14.00 -32.78 28.70
CA PRO C 617 12.75 -32.93 29.42
C PRO C 617 12.37 -31.69 30.19
N GLU C 618 11.19 -31.78 30.79
CA GLU C 618 10.58 -30.75 31.60
C GLU C 618 11.54 -30.15 32.59
N ASN C 619 12.32 -30.98 33.26
CA ASN C 619 13.26 -30.42 34.22
C ASN C 619 14.66 -30.85 33.82
N SER C 620 15.50 -29.88 33.51
CA SER C 620 16.84 -30.23 33.11
C SER C 620 17.81 -29.18 33.62
N SER C 621 19.08 -29.44 33.38
CA SER C 621 20.14 -28.53 33.80
C SER C 621 19.93 -27.18 33.14
N ILE C 622 20.33 -26.12 33.83
CA ILE C 622 20.22 -24.81 33.21
C ILE C 622 21.45 -24.63 32.29
N GLY C 623 21.49 -23.53 31.55
CA GLY C 623 22.60 -23.35 30.65
C GLY C 623 22.30 -23.87 29.25
N PRO C 624 23.28 -23.78 28.35
CA PRO C 624 23.04 -24.22 26.97
C PRO C 624 23.11 -25.66 26.60
N ILE C 625 23.67 -26.49 27.47
CA ILE C 625 23.89 -27.89 27.15
C ILE C 625 23.38 -28.76 28.27
N ALA C 626 22.43 -29.62 27.96
CA ALA C 626 21.80 -30.46 28.97
C ALA C 626 22.79 -31.41 29.64
N LEU C 627 23.84 -31.77 28.93
CA LEU C 627 24.85 -32.68 29.47
C LEU C 627 25.72 -32.08 30.57
N LEU C 628 25.71 -30.75 30.74
CA LEU C 628 26.56 -30.18 31.76
C LEU C 628 26.08 -30.65 33.12
N LYS C 629 27.02 -30.94 34.01
CA LYS C 629 26.65 -31.40 35.34
C LYS C 629 27.71 -30.98 36.33
N LYS C 630 27.44 -31.18 37.62
CA LYS C 630 28.42 -30.83 38.64
C LYS C 630 29.72 -31.56 38.34
N GLY C 631 30.83 -30.93 38.70
CA GLY C 631 32.13 -31.50 38.46
C GLY C 631 32.77 -30.99 37.18
N ASN C 632 33.67 -31.78 36.61
CA ASN C 632 34.40 -31.46 35.39
C ASN C 632 33.52 -31.74 34.16
N ASN C 633 33.60 -30.86 33.17
CA ASN C 633 32.87 -31.02 31.90
C ASN C 633 33.85 -30.69 30.77
N TYR C 634 33.86 -31.52 29.74
CA TYR C 634 34.73 -31.31 28.59
C TYR C 634 33.85 -31.79 27.46
N ILE C 635 33.37 -30.85 26.66
CA ILE C 635 32.38 -31.15 25.63
C ILE C 635 32.78 -30.57 24.29
N LYS C 636 32.64 -31.37 23.24
CA LYS C 636 32.91 -30.88 21.89
C LYS C 636 31.72 -29.97 21.50
N VAL C 637 32.03 -28.72 21.17
CA VAL C 637 31.00 -27.74 20.81
C VAL C 637 31.06 -27.32 19.34
N TRP C 638 32.03 -27.85 18.59
CA TRP C 638 32.07 -27.62 17.15
C TRP C 638 32.85 -28.77 16.52
N MET D 1 24.63 27.27 -6.59
CA MET D 1 25.89 27.46 -7.40
C MET D 1 25.54 27.42 -8.86
N GLU D 2 26.13 28.32 -9.63
CA GLU D 2 25.91 28.37 -11.08
C GLU D 2 27.21 27.87 -11.71
N TYR D 3 27.17 26.66 -12.26
CA TYR D 3 28.32 26.06 -12.91
C TYR D 3 28.28 26.39 -14.37
N HIS D 4 29.48 26.54 -14.96
CA HIS D 4 29.62 26.81 -16.39
C HIS D 4 30.46 25.73 -17.05
N VAL D 5 30.07 25.41 -18.28
CA VAL D 5 30.75 24.43 -19.10
C VAL D 5 31.04 25.12 -20.44
N ALA D 6 32.27 24.99 -20.95
CA ALA D 6 32.62 25.67 -22.21
C ALA D 6 33.75 24.92 -22.85
N LYS D 7 33.85 25.05 -24.17
CA LYS D 7 34.89 24.35 -24.90
C LYS D 7 36.32 24.83 -24.58
N THR D 8 36.39 25.98 -23.91
CA THR D 8 37.67 26.53 -23.46
C THR D 8 37.95 26.09 -22.00
N GLY D 9 37.07 25.26 -21.44
CA GLY D 9 37.27 24.87 -20.05
C GLY D 9 38.11 23.66 -19.77
N SER D 10 38.05 23.22 -18.51
CA SER D 10 38.78 22.07 -18.03
C SER D 10 37.97 21.40 -16.92
N ASP D 11 37.90 20.08 -16.95
CA ASP D 11 37.17 19.36 -15.91
C ASP D 11 37.96 19.33 -14.61
N GLU D 12 39.16 19.90 -14.64
CA GLU D 12 39.98 20.00 -13.42
C GLU D 12 39.80 21.41 -12.84
N GLY D 13 39.03 22.25 -13.52
CA GLY D 13 38.78 23.61 -13.05
C GLY D 13 37.71 23.68 -11.96
N LYS D 14 37.37 24.88 -11.54
CA LYS D 14 36.37 25.09 -10.49
C LYS D 14 34.95 25.01 -11.01
N GLY D 15 34.77 25.20 -12.32
CA GLY D 15 33.42 25.18 -12.89
C GLY D 15 32.71 26.53 -12.84
N THR D 16 33.48 27.61 -12.64
CA THR D 16 32.93 28.95 -12.58
C THR D 16 32.92 29.57 -13.98
N LEU D 17 32.32 30.73 -14.13
CA LEU D 17 32.27 31.41 -15.43
C LEU D 17 33.68 31.63 -15.94
N LYS D 18 34.56 32.07 -15.05
CA LYS D 18 35.96 32.33 -15.42
C LYS D 18 36.83 31.09 -15.56
N ASP D 19 36.45 30.01 -14.88
CA ASP D 19 37.21 28.77 -14.92
C ASP D 19 36.21 27.63 -15.11
N PRO D 20 35.52 27.62 -16.26
CA PRO D 20 34.50 26.59 -16.57
C PRO D 20 35.00 25.17 -16.75
N PHE D 21 34.07 24.21 -16.59
CA PHE D 21 34.38 22.83 -16.84
C PHE D 21 34.40 22.68 -18.37
N LEU D 22 34.85 21.52 -18.84
CA LEU D 22 34.93 21.23 -20.26
C LEU D 22 33.77 20.32 -20.73
N THR D 23 33.34 19.38 -19.89
CA THR D 23 32.22 18.50 -20.30
C THR D 23 30.96 18.73 -19.47
N ILE D 24 29.82 18.50 -20.10
CA ILE D 24 28.57 18.68 -19.36
C ILE D 24 28.45 17.61 -18.29
N ASN D 25 28.90 16.38 -18.57
CA ASN D 25 28.77 15.35 -17.55
C ASN D 25 29.59 15.64 -16.30
N LYS D 26 30.66 16.43 -16.42
CA LYS D 26 31.41 16.79 -15.22
C LYS D 26 30.51 17.64 -14.32
N ALA D 27 29.82 18.63 -14.91
CA ALA D 27 28.90 19.45 -14.13
C ALA D 27 27.78 18.56 -13.55
N ALA D 28 27.30 17.63 -14.35
CA ALA D 28 26.22 16.75 -13.89
C ALA D 28 26.67 15.87 -12.75
N SER D 29 27.97 15.67 -12.59
CA SER D 29 28.47 14.81 -11.50
C SER D 29 28.61 15.56 -10.18
N VAL D 30 28.56 16.89 -10.22
CA VAL D 30 28.71 17.66 -8.99
C VAL D 30 27.56 18.58 -8.60
N ALA D 31 26.68 18.89 -9.54
CA ALA D 31 25.56 19.78 -9.24
C ALA D 31 24.59 19.17 -8.25
N MET D 32 24.10 20.01 -7.35
CA MET D 32 23.14 19.53 -6.35
C MET D 32 21.89 20.41 -6.37
N ALA D 33 20.88 20.01 -5.62
CA ALA D 33 19.62 20.72 -5.64
C ALA D 33 19.76 22.23 -5.51
N GLY D 34 19.12 22.95 -6.43
CA GLY D 34 19.18 24.40 -6.44
C GLY D 34 20.22 24.97 -7.40
N ASP D 35 21.12 24.13 -7.92
CA ASP D 35 22.19 24.60 -8.80
C ASP D 35 21.72 24.74 -10.25
N THR D 36 22.53 25.49 -11.00
CA THR D 36 22.27 25.69 -12.43
C THR D 36 23.56 25.34 -13.18
N ILE D 37 23.40 24.72 -14.33
CA ILE D 37 24.55 24.38 -15.19
C ILE D 37 24.31 25.14 -16.48
N ILE D 38 25.20 26.09 -16.81
CA ILE D 38 25.07 26.88 -18.03
C ILE D 38 26.15 26.38 -19.01
N VAL D 39 25.71 25.96 -20.19
CA VAL D 39 26.61 25.39 -21.18
C VAL D 39 26.78 26.37 -22.35
N HIS D 40 28.04 26.66 -22.67
CA HIS D 40 28.33 27.61 -23.72
C HIS D 40 28.50 26.95 -25.08
N GLU D 41 28.48 27.79 -26.10
CA GLU D 41 28.55 27.35 -27.49
C GLU D 41 29.47 26.19 -27.82
N GLY D 42 28.92 25.22 -28.54
CA GLY D 42 29.70 24.07 -28.93
C GLY D 42 28.88 22.79 -29.13
N VAL D 43 29.56 21.77 -29.62
CA VAL D 43 28.97 20.44 -29.85
C VAL D 43 29.60 19.49 -28.83
N TYR D 44 28.75 18.97 -27.94
CA TYR D 44 29.18 18.11 -26.86
C TYR D 44 28.78 16.69 -27.17
N ARG D 45 29.77 15.86 -27.51
CA ARG D 45 29.54 14.45 -27.88
C ARG D 45 29.70 13.59 -26.65
N GLU D 46 28.60 13.51 -25.88
CA GLU D 46 28.58 12.76 -24.63
C GLU D 46 27.14 12.49 -24.23
N TRP D 47 26.99 11.52 -23.36
CA TRP D 47 25.70 11.14 -22.76
C TRP D 47 25.77 11.74 -21.36
N VAL D 48 24.93 12.76 -21.13
CA VAL D 48 24.88 13.47 -19.84
C VAL D 48 24.02 12.66 -18.88
N LYS D 49 24.59 12.39 -17.71
CA LYS D 49 23.93 11.56 -16.69
C LYS D 49 23.78 12.30 -15.37
N PRO D 50 22.66 13.00 -15.17
CA PRO D 50 22.45 13.74 -13.91
C PRO D 50 22.64 12.78 -12.71
N LYS D 51 23.54 13.13 -11.79
CA LYS D 51 23.85 12.24 -10.66
C LYS D 51 22.98 12.49 -9.41
N TYR D 52 22.77 13.75 -9.09
CA TYR D 52 21.98 14.09 -7.88
C TYR D 52 20.64 14.68 -8.29
N LYS D 53 19.66 14.53 -7.41
CA LYS D 53 18.31 14.99 -7.74
C LYS D 53 17.94 16.38 -7.25
N GLY D 54 17.01 17.00 -7.96
CA GLY D 54 16.39 18.21 -7.44
C GLY D 54 15.47 17.73 -6.29
N LEU D 55 15.15 18.63 -5.36
CA LEU D 55 14.37 18.23 -4.16
C LEU D 55 12.95 18.79 -4.08
N SER D 56 12.63 19.68 -5.02
CA SER D 56 11.29 20.25 -5.12
C SER D 56 11.23 21.07 -6.40
N ASP D 57 10.05 21.55 -6.73
CA ASP D 57 9.89 22.37 -7.92
C ASP D 57 10.73 23.65 -7.74
N LYS D 58 10.86 24.14 -6.49
CA LYS D 58 11.69 25.31 -6.21
C LYS D 58 13.19 24.98 -6.26
N ARG D 59 13.58 23.84 -5.65
CA ARG D 59 14.99 23.44 -5.61
C ARG D 59 15.31 22.40 -6.70
N ARG D 60 15.19 22.84 -7.93
CA ARG D 60 15.49 22.01 -9.08
C ARG D 60 16.97 22.09 -9.42
N ILE D 61 17.39 21.21 -10.33
CA ILE D 61 18.75 21.33 -10.90
C ILE D 61 18.47 21.67 -12.36
N THR D 62 18.95 22.83 -12.81
CA THR D 62 18.65 23.32 -14.16
C THR D 62 19.87 23.27 -15.07
N TYR D 63 19.69 22.64 -16.22
CA TYR D 63 20.74 22.54 -17.27
C TYR D 63 20.23 23.36 -18.42
N LYS D 64 20.99 24.37 -18.83
CA LYS D 64 20.52 25.21 -19.92
C LYS D 64 21.64 25.72 -20.81
N ALA D 65 21.30 25.99 -22.06
CA ALA D 65 22.26 26.59 -22.95
C ALA D 65 22.39 28.06 -22.58
N ALA D 66 23.62 28.58 -22.62
CA ALA D 66 23.84 30.00 -22.37
C ALA D 66 23.02 30.84 -23.35
N GLU D 67 22.47 31.95 -22.88
CA GLU D 67 21.64 32.79 -23.74
C GLU D 67 22.34 33.17 -25.05
N GLY D 68 21.60 33.01 -26.13
CA GLY D 68 22.11 33.34 -27.45
C GLY D 68 23.19 32.44 -28.00
N GLU D 69 23.49 31.34 -27.31
CA GLU D 69 24.54 30.44 -27.79
C GLU D 69 23.96 29.11 -28.31
N LYS D 70 24.57 28.59 -29.37
CA LYS D 70 24.13 27.33 -29.97
C LYS D 70 24.88 26.16 -29.33
N VAL D 71 24.11 25.34 -28.60
CA VAL D 71 24.69 24.21 -27.89
C VAL D 71 24.00 22.95 -28.35
N VAL D 72 24.81 22.00 -28.78
CA VAL D 72 24.32 20.74 -29.33
C VAL D 72 24.90 19.59 -28.51
N ILE D 73 24.05 18.62 -28.14
CA ILE D 73 24.52 17.41 -27.48
C ILE D 73 24.24 16.28 -28.50
N LYS D 74 25.26 15.51 -28.83
CA LYS D 74 25.07 14.45 -29.82
C LYS D 74 25.52 13.09 -29.32
N GLY D 75 24.86 12.05 -29.79
CA GLY D 75 25.27 10.70 -29.41
C GLY D 75 26.19 10.07 -30.45
N SER D 76 26.49 10.83 -31.50
CA SER D 76 27.33 10.35 -32.62
C SER D 76 28.76 10.83 -32.53
N GLU D 77 29.55 10.34 -33.48
CA GLU D 77 30.94 10.80 -33.63
C GLU D 77 31.15 11.03 -35.12
N ARG D 78 31.95 12.04 -35.48
CA ARG D 78 32.29 12.25 -36.88
C ARG D 78 33.38 11.22 -37.23
N ILE D 79 33.25 10.60 -38.39
CA ILE D 79 34.23 9.60 -38.84
C ILE D 79 34.93 10.13 -40.09
N GLN D 80 36.26 10.18 -40.03
CA GLN D 80 37.07 10.66 -41.14
C GLN D 80 38.18 9.66 -41.47
N SER D 81 37.90 8.38 -41.24
CA SER D 81 38.83 7.28 -41.51
C SER D 81 38.24 6.28 -42.53
N TRP D 82 37.36 6.79 -43.39
CA TRP D 82 36.72 5.96 -44.39
C TRP D 82 37.71 5.62 -45.51
N GLN D 83 37.62 4.39 -46.03
CA GLN D 83 38.48 3.93 -47.14
C GLN D 83 37.54 3.46 -48.23
N ARG D 84 37.84 3.81 -49.48
CA ARG D 84 36.97 3.43 -50.57
C ARG D 84 37.12 1.94 -50.85
N VAL D 85 35.99 1.25 -51.04
CA VAL D 85 36.03 -0.18 -51.32
C VAL D 85 35.91 -0.36 -52.83
N GLU D 86 34.78 0.09 -53.40
CA GLU D 86 34.52 -0.04 -54.82
C GLU D 86 33.33 0.85 -55.18
N GLY D 87 33.35 1.43 -56.38
CA GLY D 87 32.24 2.30 -56.78
C GLY D 87 32.09 3.42 -55.76
N ASN D 88 30.86 3.59 -55.26
CA ASN D 88 30.63 4.64 -54.27
C ASN D 88 30.53 4.11 -52.84
N VAL D 89 30.99 2.90 -52.63
CA VAL D 89 30.95 2.29 -51.29
C VAL D 89 32.26 2.46 -50.55
N TRP D 90 32.19 2.91 -49.31
CA TRP D 90 33.34 3.12 -48.45
C TRP D 90 33.15 2.37 -47.15
N ARG D 91 34.24 2.19 -46.43
CA ARG D 91 34.28 1.44 -45.20
C ARG D 91 35.09 2.07 -44.11
N CYS D 92 34.63 1.96 -42.86
CA CYS D 92 35.46 2.39 -41.74
C CYS D 92 35.51 1.21 -40.75
N GLN D 93 36.55 1.17 -39.92
CA GLN D 93 36.70 0.11 -38.92
C GLN D 93 37.07 0.69 -37.58
N LEU D 94 36.37 0.25 -36.56
CA LEU D 94 36.61 0.76 -35.22
C LEU D 94 36.73 -0.39 -34.23
N PRO D 95 37.69 -0.29 -33.30
CA PRO D 95 37.82 -1.38 -32.32
C PRO D 95 36.53 -1.38 -31.49
N ASN D 96 36.09 -2.55 -31.04
CA ASN D 96 34.86 -2.59 -30.28
C ASN D 96 34.89 -1.73 -29.01
N SER D 97 36.08 -1.45 -28.47
CA SER D 97 36.19 -0.59 -27.29
C SER D 97 35.66 0.83 -27.55
N PHE D 98 35.62 1.23 -28.82
CA PHE D 98 35.11 2.54 -29.21
C PHE D 98 33.66 2.70 -28.70
N PHE D 99 32.94 1.58 -28.62
CA PHE D 99 31.54 1.58 -28.21
C PHE D 99 31.29 1.16 -26.76
N GLY D 100 32.26 0.50 -26.14
CA GLY D 100 32.04 0.08 -24.77
C GLY D 100 31.02 -1.03 -24.65
N GLU D 101 30.15 -0.92 -23.64
CA GLU D 101 29.14 -1.93 -23.36
C GLU D 101 27.96 -1.94 -24.34
N PHE D 102 27.75 -0.82 -25.02
CA PHE D 102 26.63 -0.68 -25.94
C PHE D 102 27.13 -0.41 -27.36
N ASN D 103 26.94 -1.37 -28.25
CA ASN D 103 27.39 -1.20 -29.63
C ASN D 103 26.15 -1.21 -30.51
N PRO D 104 25.79 -0.03 -31.04
CA PRO D 104 24.59 0.08 -31.89
C PRO D 104 24.58 -0.83 -33.10
N TYR D 105 25.76 -1.26 -33.54
CA TYR D 105 25.85 -2.11 -34.74
C TYR D 105 25.66 -3.57 -34.44
N LYS D 106 25.70 -3.90 -33.14
CA LYS D 106 25.43 -5.28 -32.69
C LYS D 106 23.97 -5.31 -32.16
N GLU D 107 23.56 -4.26 -31.47
CA GLU D 107 22.21 -4.19 -30.91
C GLU D 107 21.11 -4.13 -31.96
N GLU D 108 20.13 -5.01 -31.84
CA GLU D 108 19.00 -5.01 -32.78
C GLU D 108 17.82 -4.20 -32.32
N VAL D 109 16.98 -3.81 -33.29
CA VAL D 109 15.63 -3.26 -32.99
C VAL D 109 14.95 -4.59 -32.65
N PHE D 110 14.47 -4.70 -31.40
CA PHE D 110 14.00 -5.97 -30.87
C PHE D 110 12.96 -5.80 -29.78
N GLY D 111 12.02 -6.75 -29.73
CA GLY D 111 11.14 -6.76 -28.57
C GLY D 111 9.67 -6.94 -28.80
N ASP D 112 8.91 -6.82 -27.73
CA ASP D 112 7.48 -7.04 -27.81
C ASP D 112 6.80 -6.09 -28.80
N TRP D 113 5.90 -6.66 -29.60
CA TRP D 113 5.10 -5.97 -30.60
C TRP D 113 5.88 -5.42 -31.78
N LEU D 114 7.15 -5.80 -31.91
CA LEU D 114 7.91 -5.43 -33.13
C LEU D 114 7.40 -6.47 -34.16
N LEU D 115 7.01 -5.99 -35.34
CA LEU D 115 6.44 -6.92 -36.32
C LEU D 115 7.34 -7.30 -37.46
N THR D 116 8.29 -6.43 -37.78
CA THR D 116 9.18 -6.71 -38.91
C THR D 116 10.35 -7.54 -38.37
N VAL D 117 10.13 -8.85 -38.27
CA VAL D 117 11.15 -9.72 -37.71
C VAL D 117 11.98 -10.59 -38.67
N ASN D 118 11.65 -10.61 -39.95
CA ASN D 118 12.43 -11.42 -40.89
C ASN D 118 13.74 -10.73 -41.32
N GLU D 119 13.69 -9.41 -41.46
CA GLU D 119 14.87 -8.63 -41.86
C GLU D 119 15.29 -7.84 -40.62
N LYS D 120 16.34 -8.25 -39.93
CA LYS D 120 16.74 -7.55 -38.70
C LYS D 120 17.31 -6.17 -38.98
N LYS D 121 17.00 -5.22 -38.10
CA LYS D 121 17.55 -3.88 -38.21
C LYS D 121 18.30 -3.66 -36.91
N HIS D 122 19.25 -2.72 -36.93
CA HIS D 122 20.09 -2.41 -35.78
C HIS D 122 19.95 -0.97 -35.35
N LEU D 123 20.53 -0.62 -34.20
CA LEU D 123 20.36 0.73 -33.67
C LEU D 123 21.35 1.76 -34.21
N GLY D 124 22.26 1.32 -35.06
CA GLY D 124 23.23 2.23 -35.67
C GLY D 124 22.60 3.11 -36.74
N ASP D 125 23.38 4.06 -37.25
CA ASP D 125 22.92 4.92 -38.31
C ASP D 125 24.15 5.65 -38.85
N VAL D 126 24.03 6.10 -40.09
CA VAL D 126 25.11 6.84 -40.76
C VAL D 126 24.43 8.10 -41.28
N TYR D 127 25.14 9.21 -41.19
CA TYR D 127 24.62 10.51 -41.63
C TYR D 127 25.62 11.21 -42.56
N LEU D 128 25.09 11.84 -43.61
CA LEU D 128 25.91 12.61 -44.55
C LEU D 128 25.37 14.03 -44.46
N ASN D 129 26.18 14.93 -43.91
CA ASN D 129 25.76 16.33 -43.70
C ASN D 129 24.38 16.43 -43.06
N GLY D 130 24.18 15.58 -42.06
CA GLY D 130 22.96 15.58 -41.29
C GLY D 130 21.84 14.67 -41.75
N MET D 131 21.96 14.13 -42.96
CA MET D 131 20.94 13.25 -43.49
C MET D 131 21.19 11.78 -43.17
N SER D 132 20.26 11.12 -42.44
CA SER D 132 20.41 9.72 -42.09
C SER D 132 20.26 8.77 -43.30
N PHE D 133 20.76 7.54 -43.13
CA PHE D 133 20.76 6.56 -44.23
C PHE D 133 19.79 5.44 -43.94
N TYR D 134 19.62 4.58 -44.93
CA TYR D 134 18.80 3.38 -44.79
C TYR D 134 19.68 2.17 -44.62
N GLU D 135 19.37 1.34 -43.63
CA GLU D 135 20.16 0.14 -43.43
C GLU D 135 19.81 -0.91 -44.49
N VAL D 136 20.82 -1.65 -44.97
CA VAL D 136 20.55 -2.79 -45.86
C VAL D 136 21.05 -4.07 -45.16
N THR D 137 20.48 -5.19 -45.56
CA THR D 137 20.71 -6.47 -44.92
C THR D 137 21.97 -7.21 -45.28
N ASN D 138 22.37 -7.09 -46.53
CA ASN D 138 23.54 -7.82 -47.01
C ASN D 138 24.56 -6.89 -47.64
N TYR D 139 25.81 -7.33 -47.61
CA TYR D 139 26.89 -6.59 -48.19
C TYR D 139 26.61 -6.22 -49.65
N GLU D 140 26.11 -7.17 -50.43
CA GLU D 140 25.86 -6.90 -51.85
C GLU D 140 24.85 -5.79 -52.11
N ASP D 141 23.98 -5.52 -51.13
CA ASP D 141 22.97 -4.49 -51.29
C ASP D 141 23.53 -3.06 -51.24
N LEU D 142 24.79 -2.93 -50.85
CA LEU D 142 25.41 -1.62 -50.78
C LEU D 142 25.71 -0.95 -52.09
N PHE D 143 25.94 -1.77 -53.11
CA PHE D 143 26.47 -1.24 -54.34
C PHE D 143 25.61 -0.52 -55.32
N ASN D 144 24.42 -1.05 -55.59
CA ASN D 144 23.56 -0.36 -56.55
C ASN D 144 22.18 -0.22 -55.95
N PRO D 145 22.06 0.56 -54.87
CA PRO D 145 20.73 0.71 -54.27
C PRO D 145 19.80 1.46 -55.21
N GLN D 146 18.51 1.12 -55.12
CA GLN D 146 17.54 1.75 -55.99
C GLN D 146 16.73 2.89 -55.37
N LEU D 147 16.50 3.91 -56.18
CA LEU D 147 15.71 5.05 -55.75
C LEU D 147 14.26 4.59 -55.61
N ARG D 148 13.64 4.90 -54.47
CA ARG D 148 12.24 4.54 -54.24
C ARG D 148 11.51 5.85 -54.05
N THR D 149 10.30 5.95 -54.59
CA THR D 149 9.53 7.17 -54.50
C THR D 149 8.19 6.96 -53.81
N GLU D 150 7.84 5.71 -53.56
CA GLU D 150 6.58 5.37 -52.88
C GLU D 150 6.82 4.26 -51.86
N VAL D 151 5.95 4.18 -50.85
CA VAL D 151 6.10 3.18 -49.80
C VAL D 151 4.71 2.81 -49.25
N LEU D 152 4.60 1.60 -48.71
CA LEU D 152 3.33 1.16 -48.14
C LEU D 152 3.23 1.60 -46.68
N ASP D 153 2.16 2.32 -46.35
CA ASP D 153 1.94 2.67 -44.92
C ASP D 153 1.31 1.37 -44.38
N HIS D 154 1.97 0.73 -43.41
CA HIS D 154 1.51 -0.56 -42.91
C HIS D 154 0.08 -0.60 -42.37
N TRP D 155 -0.28 0.33 -41.49
CA TRP D 155 -1.62 0.24 -40.94
C TRP D 155 -2.75 0.45 -41.93
N THR D 156 -2.66 1.52 -42.70
CA THR D 156 -3.72 1.85 -43.66
C THR D 156 -3.66 1.05 -44.95
N GLN D 157 -2.53 0.40 -45.19
CA GLN D 157 -2.30 -0.40 -46.39
C GLN D 157 -2.45 0.45 -47.65
N LYS D 158 -2.12 1.72 -47.55
CA LYS D 158 -2.17 2.61 -48.70
C LYS D 158 -0.75 2.91 -49.16
N ILE D 159 -0.56 3.04 -50.47
CA ILE D 159 0.74 3.38 -51.00
C ILE D 159 0.81 4.91 -51.01
N VAL D 160 1.85 5.44 -50.38
CA VAL D 160 1.99 6.87 -50.25
C VAL D 160 3.36 7.31 -50.71
N PRO D 161 3.52 8.60 -51.03
CA PRO D 161 4.82 9.10 -51.48
C PRO D 161 5.87 9.04 -50.36
N ILE D 162 7.13 8.85 -50.75
CA ILE D 162 8.22 8.91 -49.81
C ILE D 162 8.57 10.38 -49.77
N LYS D 163 8.62 10.95 -48.57
CA LYS D 163 8.90 12.37 -48.41
C LYS D 163 10.25 12.75 -48.99
N ASN D 164 11.29 11.99 -48.65
CA ASN D 164 12.63 12.31 -49.16
C ASN D 164 13.07 11.13 -50.03
N ALA D 165 12.78 11.21 -51.32
CA ALA D 165 13.13 10.05 -52.17
C ALA D 165 14.62 9.89 -52.37
N GLU D 166 15.36 11.00 -52.51
CA GLU D 166 16.80 10.88 -52.76
C GLU D 166 17.51 10.11 -51.64
N GLN D 167 17.03 10.28 -50.42
CA GLN D 167 17.62 9.61 -49.25
C GLN D 167 17.60 8.08 -49.39
N THR D 168 16.66 7.53 -50.16
CA THR D 168 16.58 6.07 -50.31
C THR D 168 17.79 5.41 -50.99
N LYS D 169 18.60 6.21 -51.67
CA LYS D 169 19.79 5.68 -52.33
C LYS D 169 21.02 5.66 -51.40
N TYR D 170 20.88 6.19 -50.18
CA TYR D 170 22.02 6.24 -49.25
C TYR D 170 21.83 5.13 -48.25
N VAL D 171 22.69 4.11 -48.35
CA VAL D 171 22.59 2.91 -47.53
C VAL D 171 23.82 2.55 -46.74
N TRP D 172 23.60 1.82 -45.65
CA TRP D 172 24.73 1.38 -44.82
C TRP D 172 24.48 -0.07 -44.39
N TYR D 173 25.55 -0.75 -44.01
CA TYR D 173 25.53 -2.14 -43.57
C TYR D 173 26.77 -2.31 -42.69
N ALA D 174 26.65 -3.02 -41.57
CA ALA D 174 27.80 -3.20 -40.68
C ALA D 174 28.01 -4.65 -40.27
N GLU D 175 29.25 -4.95 -39.86
CA GLU D 175 29.61 -6.28 -39.39
C GLU D 175 30.39 -6.12 -38.09
N VAL D 176 29.99 -6.84 -37.05
CA VAL D 176 30.68 -6.75 -35.77
C VAL D 176 31.32 -8.11 -35.50
N ASP D 177 32.63 -8.14 -35.33
CA ASP D 177 33.30 -9.40 -35.04
C ASP D 177 33.83 -9.35 -33.60
N ARG D 178 34.66 -10.32 -33.22
CA ARG D 178 35.16 -10.34 -31.83
C ARG D 178 36.01 -9.15 -31.44
N GLU D 179 36.64 -8.50 -32.41
CA GLU D 179 37.54 -7.39 -32.08
C GLU D 179 37.09 -6.02 -32.55
N LYS D 180 36.39 -5.97 -33.68
CA LYS D 180 36.04 -4.68 -34.24
C LYS D 180 34.71 -4.64 -34.96
N THR D 181 34.32 -3.42 -35.28
CA THR D 181 33.09 -3.14 -35.99
C THR D 181 33.46 -2.50 -37.31
N THR D 182 32.98 -3.07 -38.39
CA THR D 182 33.20 -2.54 -39.73
C THR D 182 31.89 -2.01 -40.30
N ILE D 183 31.88 -0.72 -40.66
CA ILE D 183 30.68 -0.06 -41.22
C ILE D 183 30.95 0.35 -42.65
N TYR D 184 30.07 -0.10 -43.54
CA TYR D 184 30.14 0.23 -44.96
C TYR D 184 28.97 1.16 -45.28
N ALA D 185 29.16 2.05 -46.24
CA ALA D 185 28.05 2.89 -46.67
C ALA D 185 28.29 3.37 -48.09
N ASN D 186 27.20 3.61 -48.79
CA ASN D 186 27.26 4.14 -50.16
C ASN D 186 26.99 5.65 -50.05
N PHE D 187 28.01 6.44 -50.40
CA PHE D 187 27.94 7.91 -50.33
C PHE D 187 27.61 8.57 -51.68
N GLN D 188 27.24 7.75 -52.64
CA GLN D 188 26.79 8.18 -53.94
C GLN D 188 27.63 9.23 -54.65
N GLY D 189 28.95 9.11 -54.52
CA GLY D 189 29.83 10.03 -55.20
C GLY D 189 30.55 11.01 -54.29
N ALA D 190 30.02 11.27 -53.10
CA ALA D 190 30.66 12.17 -52.16
C ALA D 190 31.85 11.51 -51.47
N ASP D 191 32.79 12.32 -51.01
CA ASP D 191 33.94 11.78 -50.27
C ASP D 191 33.55 11.94 -48.79
N PRO D 192 33.31 10.82 -48.11
CA PRO D 192 32.89 10.92 -46.70
C PRO D 192 33.88 11.48 -45.71
N ASN D 193 35.16 11.52 -46.07
CA ASN D 193 36.14 12.11 -45.16
C ASN D 193 36.16 13.64 -45.30
N GLU D 194 35.77 14.12 -46.48
CA GLU D 194 35.72 15.55 -46.78
C GLU D 194 34.38 16.14 -46.31
N GLU D 195 33.29 15.43 -46.60
CA GLU D 195 31.96 15.87 -46.15
C GLU D 195 31.88 15.58 -44.64
N PHE D 196 30.79 16.02 -44.02
CA PHE D 196 30.62 15.82 -42.56
C PHE D 196 29.78 14.55 -42.35
N VAL D 197 30.47 13.46 -42.05
CA VAL D 197 29.85 12.14 -41.90
C VAL D 197 29.97 11.67 -40.48
N GLU D 198 28.79 11.33 -39.93
CA GLU D 198 28.68 10.88 -38.55
C GLU D 198 28.05 9.50 -38.46
N ILE D 199 28.34 8.82 -37.35
CA ILE D 199 27.69 7.53 -37.10
C ILE D 199 27.10 7.52 -35.68
N ASN D 200 26.01 6.78 -35.48
CA ASN D 200 25.50 6.63 -34.10
C ASN D 200 26.57 5.89 -33.28
N VAL D 201 26.67 6.27 -32.02
CA VAL D 201 27.61 5.64 -31.10
C VAL D 201 26.96 5.38 -29.74
N ARG D 202 26.38 6.42 -29.13
CA ARG D 202 25.80 6.25 -27.79
C ARG D 202 24.29 6.07 -27.82
N ARG D 203 23.77 5.42 -26.79
CA ARG D 203 22.34 5.14 -26.73
C ARG D 203 21.50 6.36 -26.48
N SER D 204 21.95 7.22 -25.56
CA SER D 204 21.15 8.40 -25.16
C SER D 204 22.00 9.64 -25.12
N CYS D 205 21.34 10.80 -25.00
CA CYS D 205 22.04 12.09 -24.90
C CYS D 205 21.91 12.70 -23.48
N PHE D 206 20.76 12.57 -22.83
CA PHE D 206 20.58 13.22 -21.52
C PHE D 206 19.58 12.33 -20.79
N TYR D 207 20.09 11.48 -19.92
CA TYR D 207 19.21 10.46 -19.32
C TYR D 207 19.95 9.89 -18.11
N PRO D 208 19.33 9.95 -16.93
CA PRO D 208 20.00 9.42 -15.73
C PRO D 208 20.19 7.93 -15.80
N VAL D 209 21.24 7.44 -15.15
CA VAL D 209 21.44 5.99 -15.12
C VAL D 209 20.88 5.40 -13.83
N GLU D 210 20.37 6.24 -12.93
CA GLU D 210 19.69 5.77 -11.72
C GLU D 210 18.26 6.32 -11.83
N THR D 211 17.29 5.64 -11.23
CA THR D 211 15.90 6.18 -11.23
C THR D 211 15.77 7.17 -10.06
N GLY D 212 14.66 7.88 -10.01
CA GLY D 212 14.45 8.80 -8.92
C GLY D 212 15.22 10.12 -8.92
N ILE D 213 15.80 10.48 -10.08
CA ILE D 213 16.56 11.75 -10.13
C ILE D 213 15.53 12.79 -10.54
N ASP D 214 14.78 13.24 -9.54
CA ASP D 214 13.67 14.17 -9.75
C ASP D 214 14.07 15.64 -10.06
N TYR D 215 13.06 16.38 -10.53
CA TYR D 215 13.17 17.83 -10.60
C TYR D 215 14.37 18.40 -11.28
N ILE D 216 14.56 17.92 -12.51
CA ILE D 216 15.59 18.42 -13.40
C ILE D 216 14.91 19.25 -14.50
N THR D 217 15.48 20.41 -14.83
CA THR D 217 14.99 21.20 -15.97
C THR D 217 16.09 21.15 -17.03
N VAL D 218 15.72 20.90 -18.30
CA VAL D 218 16.69 20.81 -19.40
C VAL D 218 16.13 21.76 -20.45
N LYS D 219 16.87 22.83 -20.73
CA LYS D 219 16.36 23.88 -21.59
C LYS D 219 17.34 24.43 -22.62
N GLY D 220 16.84 24.62 -23.84
CA GLY D 220 17.58 25.33 -24.86
C GLY D 220 18.62 24.66 -25.70
N PHE D 221 18.67 23.34 -25.65
CA PHE D 221 19.66 22.58 -26.42
C PHE D 221 19.14 22.00 -27.72
N GLU D 222 20.06 21.71 -28.65
CA GLU D 222 19.72 20.88 -29.80
C GLU D 222 20.34 19.55 -29.37
N MET D 223 19.62 18.46 -29.52
CA MET D 223 20.14 17.12 -29.17
C MET D 223 19.82 16.19 -30.30
N ALA D 224 20.78 15.34 -30.66
CA ALA D 224 20.55 14.50 -31.80
C ALA D 224 21.41 13.26 -31.83
N HIS D 225 20.99 12.32 -32.70
CA HIS D 225 21.74 11.10 -33.01
C HIS D 225 21.89 10.16 -31.85
N ALA D 226 20.78 9.52 -31.47
CA ALA D 226 20.83 8.60 -30.33
C ALA D 226 20.35 7.23 -30.77
N ALA D 227 21.11 6.21 -30.40
CA ALA D 227 20.79 4.86 -30.79
C ALA D 227 19.82 4.24 -29.78
N THR D 228 18.60 4.78 -29.75
CA THR D 228 17.62 4.30 -28.77
C THR D 228 16.96 3.01 -29.22
N PRO D 229 16.67 2.11 -28.27
CA PRO D 229 16.05 0.81 -28.53
C PRO D 229 14.55 0.84 -28.66
N TRP D 230 14.02 -0.22 -29.25
CA TRP D 230 12.56 -0.37 -29.39
C TRP D 230 12.01 -0.30 -27.95
N ALA D 231 10.94 0.49 -27.78
CA ALA D 231 10.43 0.77 -26.43
C ALA D 231 8.96 0.46 -26.20
N PRO D 232 8.60 -0.82 -26.10
CA PRO D 232 7.22 -1.23 -25.85
C PRO D 232 6.91 -1.01 -24.34
N PRO D 233 5.63 -1.07 -23.99
CA PRO D 233 5.20 -0.84 -22.60
C PRO D 233 5.62 -1.90 -21.60
N THR D 234 6.03 -3.03 -22.13
CA THR D 234 6.43 -4.20 -21.33
C THR D 234 7.95 -4.29 -21.17
N ALA D 235 8.68 -3.24 -21.54
CA ALA D 235 10.15 -3.24 -21.43
C ALA D 235 10.62 -1.96 -20.78
N ASP D 236 11.92 -1.93 -20.47
CA ASP D 236 12.55 -0.66 -20.10
C ASP D 236 12.28 0.24 -21.34
N GLN D 237 12.06 1.53 -21.09
CA GLN D 237 11.82 2.46 -22.21
C GLN D 237 12.79 3.63 -22.28
N PRO D 238 14.07 3.37 -22.59
CA PRO D 238 15.02 4.48 -22.69
C PRO D 238 14.69 5.35 -23.90
N GLY D 239 15.16 6.58 -23.86
CA GLY D 239 14.99 7.47 -24.99
C GLY D 239 16.26 8.29 -25.13
N LEU D 240 16.24 9.23 -26.08
CA LEU D 240 17.35 10.12 -26.29
C LEU D 240 17.47 11.00 -25.03
N ILE D 241 16.33 11.44 -24.51
CA ILE D 241 16.27 12.23 -23.27
C ILE D 241 15.06 11.78 -22.50
N GLY D 242 15.16 11.76 -21.18
CA GLY D 242 14.02 11.35 -20.37
C GLY D 242 14.36 11.35 -18.91
N PRO D 243 13.33 11.30 -18.06
CA PRO D 243 13.56 11.34 -16.60
C PRO D 243 13.92 10.03 -15.94
N ASN D 244 13.82 8.92 -16.67
CA ASN D 244 14.10 7.60 -16.09
C ASN D 244 13.41 7.32 -14.75
N TRP D 245 12.08 7.32 -14.75
CA TRP D 245 11.28 6.91 -13.58
C TRP D 245 11.51 7.82 -12.40
N SER D 246 10.97 9.03 -12.55
CA SER D 246 11.14 10.05 -11.53
C SER D 246 10.02 11.06 -11.66
N LYS D 247 10.12 12.17 -10.93
CA LYS D 247 9.06 13.16 -10.94
C LYS D 247 9.56 14.57 -11.21
N GLY D 248 8.72 15.34 -11.87
CA GLY D 248 8.97 16.78 -11.98
C GLY D 248 9.94 17.37 -12.93
N TRP D 249 10.22 16.66 -14.01
CA TRP D 249 11.13 17.25 -14.99
C TRP D 249 10.44 18.28 -15.83
N ILE D 250 11.24 19.22 -16.35
CA ILE D 250 10.74 20.20 -17.34
C ILE D 250 11.71 20.12 -18.51
N ILE D 251 11.23 19.68 -19.67
CA ILE D 251 12.08 19.57 -20.87
C ILE D 251 11.49 20.62 -21.80
N GLU D 252 12.26 21.67 -22.07
CA GLU D 252 11.69 22.80 -22.80
C GLU D 252 12.65 23.51 -23.72
N ASP D 253 12.10 24.05 -24.81
CA ASP D 253 12.88 24.85 -25.76
C ASP D 253 14.05 24.11 -26.39
N ASN D 254 13.88 22.81 -26.61
CA ASN D 254 14.93 22.01 -27.24
C ASN D 254 14.54 21.64 -28.66
N ILE D 255 15.56 21.40 -29.48
CA ILE D 255 15.36 20.90 -30.86
C ILE D 255 15.96 19.50 -30.78
N ILE D 256 15.12 18.46 -30.98
CA ILE D 256 15.54 17.07 -30.79
C ILE D 256 15.24 16.26 -32.04
N HIS D 257 16.23 15.51 -32.52
CA HIS D 257 16.01 14.75 -33.74
C HIS D 257 16.93 13.58 -33.89
N ASP D 258 16.56 12.70 -34.80
CA ASP D 258 17.37 11.55 -35.09
C ASP D 258 17.61 10.59 -33.94
N ALA D 259 16.54 10.30 -33.21
CA ALA D 259 16.58 9.22 -32.21
C ALA D 259 16.16 8.00 -33.04
N LYS D 260 16.89 6.89 -32.91
CA LYS D 260 16.56 5.69 -33.69
C LYS D 260 15.13 5.25 -33.50
N CYS D 261 14.73 5.12 -32.24
CA CYS D 261 13.37 4.76 -31.90
C CYS D 261 12.70 5.98 -31.24
N SER D 262 12.65 6.06 -29.91
CA SER D 262 11.94 7.19 -29.30
C SER D 262 12.87 8.28 -28.83
N ALA D 263 12.40 9.52 -28.98
CA ALA D 263 13.22 10.66 -28.59
C ALA D 263 13.04 11.00 -27.13
N ILE D 264 11.90 11.56 -26.75
CA ILE D 264 11.70 11.88 -25.32
C ILE D 264 10.92 10.72 -24.72
N SER D 265 11.48 10.10 -23.69
CA SER D 265 10.77 9.04 -23.02
C SER D 265 10.35 9.45 -21.62
N ILE D 266 9.06 9.30 -21.33
CA ILE D 266 8.55 9.46 -19.95
C ILE D 266 7.92 8.11 -19.59
N GLY D 267 8.69 7.05 -19.90
CA GLY D 267 8.20 5.69 -19.72
C GLY D 267 8.65 4.98 -18.47
N LYS D 268 8.64 3.65 -18.53
CA LYS D 268 9.02 2.86 -17.37
C LYS D 268 10.42 2.31 -17.43
N GLU D 269 10.83 1.66 -16.34
CA GLU D 269 12.16 1.08 -16.27
C GLU D 269 12.09 -0.46 -16.26
N ALA D 270 13.26 -1.08 -16.25
CA ALA D 270 13.31 -2.52 -16.43
C ALA D 270 12.77 -3.42 -15.34
N THR D 271 12.83 -2.97 -14.08
CA THR D 271 12.46 -3.91 -13.02
C THR D 271 11.02 -4.32 -12.97
N THR D 272 10.14 -3.53 -13.55
CA THR D 272 8.74 -3.91 -13.52
C THR D 272 8.32 -4.77 -14.71
N GLY D 273 9.27 -5.12 -15.59
CA GLY D 273 9.00 -6.01 -16.72
C GLY D 273 9.93 -5.70 -17.87
N ASN D 274 10.52 -6.71 -18.51
CA ASN D 274 11.46 -6.41 -19.60
C ASN D 274 11.40 -7.44 -20.73
N ASN D 275 10.42 -7.22 -21.62
CA ASN D 275 10.21 -8.06 -22.79
C ASN D 275 10.04 -9.52 -22.40
N TYR D 276 9.31 -9.78 -21.32
CA TYR D 276 9.13 -11.18 -20.94
C TYR D 276 8.44 -12.03 -22.01
N ARG D 277 7.48 -11.49 -22.73
CA ARG D 277 6.84 -12.29 -23.78
C ARG D 277 7.89 -12.71 -24.81
N SER D 278 8.73 -11.77 -25.24
CA SER D 278 9.72 -12.09 -26.28
C SER D 278 10.84 -12.98 -25.81
N ILE D 279 11.16 -12.90 -24.53
CA ILE D 279 12.25 -13.70 -23.99
C ILE D 279 11.82 -15.03 -23.42
N ARG D 280 10.75 -15.03 -22.62
CA ARG D 280 10.25 -16.25 -21.98
C ARG D 280 9.27 -17.00 -22.86
N LYS D 281 8.49 -16.26 -23.65
CA LYS D 281 7.57 -16.84 -24.62
C LYS D 281 6.44 -17.70 -24.09
N ASP D 282 6.11 -17.58 -22.80
CA ASP D 282 5.06 -18.38 -22.20
C ASP D 282 3.70 -17.71 -22.09
N LYS D 283 3.70 -16.38 -22.12
CA LYS D 283 2.49 -15.58 -22.01
C LYS D 283 2.65 -14.40 -22.94
N PRO D 284 1.53 -13.88 -23.47
CA PRO D 284 1.58 -12.72 -24.38
C PRO D 284 1.93 -11.42 -23.68
N GLY D 285 2.37 -10.47 -24.50
CA GLY D 285 2.69 -9.13 -23.99
C GLY D 285 1.48 -8.53 -23.29
N TYR D 286 0.26 -8.80 -23.79
CA TYR D 286 -0.97 -8.33 -23.15
C TYR D 286 -0.95 -8.73 -21.64
N GLN D 287 -0.67 -10.00 -21.35
CA GLN D 287 -0.69 -10.51 -19.99
C GLN D 287 0.44 -9.92 -19.15
N TYR D 288 1.62 -9.78 -19.75
CA TYR D 288 2.73 -9.19 -19.03
C TYR D 288 2.56 -7.68 -18.81
N GLN D 289 1.83 -7.01 -19.70
CA GLN D 289 1.62 -5.57 -19.52
C GLN D 289 0.72 -5.30 -18.33
N LEU D 290 -0.40 -6.03 -18.23
CA LEU D 290 -1.29 -5.75 -17.10
C LEU D 290 -0.58 -6.11 -15.78
N GLU D 291 0.32 -7.09 -15.83
CA GLU D 291 1.10 -7.39 -14.62
C GLU D 291 2.07 -6.25 -14.28
N ALA D 292 2.68 -5.64 -15.30
CA ALA D 292 3.65 -4.55 -15.06
C ALA D 292 3.00 -3.40 -14.28
N VAL D 293 1.71 -3.13 -14.53
CA VAL D 293 1.00 -2.10 -13.81
C VAL D 293 1.03 -2.40 -12.31
N PHE D 294 0.70 -3.65 -11.91
CA PHE D 294 0.73 -3.99 -10.49
C PHE D 294 2.16 -4.00 -9.94
N ASN D 295 3.12 -4.44 -10.75
CA ASN D 295 4.53 -4.45 -10.32
C ASN D 295 4.94 -3.01 -10.00
N ALA D 296 4.52 -2.06 -10.85
CA ALA D 296 4.90 -0.65 -10.63
C ALA D 296 4.21 -0.08 -9.40
N LYS D 297 2.96 -0.47 -9.15
CA LYS D 297 2.25 0.03 -7.97
C LYS D 297 2.99 -0.41 -6.70
N ARG D 298 3.53 -1.63 -6.72
CA ARG D 298 4.27 -2.10 -5.55
C ARG D 298 5.57 -1.38 -5.34
N ASN D 299 6.08 -0.79 -6.44
CA ASN D 299 7.35 -0.07 -6.52
C ASN D 299 7.06 1.46 -6.30
N GLY D 300 5.89 1.81 -5.79
CA GLY D 300 5.63 3.23 -5.51
C GLY D 300 5.11 4.12 -6.63
N TRP D 301 4.71 3.54 -7.75
CA TRP D 301 4.13 4.30 -8.87
C TRP D 301 2.87 5.02 -8.34
N SER D 302 2.97 6.34 -8.24
CA SER D 302 1.94 7.18 -7.64
C SER D 302 2.30 8.61 -7.92
N LYS D 303 1.35 9.53 -7.73
CA LYS D 303 1.60 10.95 -7.93
C LYS D 303 2.75 11.45 -7.05
N GLU D 304 2.91 10.88 -5.86
CA GLU D 304 4.00 11.34 -5.00
C GLU D 304 5.40 11.06 -5.50
N LYS D 305 5.56 10.04 -6.35
CA LYS D 305 6.89 9.62 -6.77
C LYS D 305 7.21 9.68 -8.26
N ILE D 306 6.18 9.58 -9.09
CA ILE D 306 6.44 9.44 -10.52
C ILE D 306 5.58 10.36 -11.34
N GLY D 307 6.18 10.94 -12.38
CA GLY D 307 5.40 11.75 -13.31
C GLY D 307 5.41 13.23 -13.10
N SER D 308 4.30 13.88 -13.45
CA SER D 308 4.17 15.33 -13.30
C SER D 308 5.28 16.05 -14.03
N HIS D 309 5.62 15.54 -15.21
CA HIS D 309 6.64 16.15 -16.05
C HIS D 309 5.99 17.17 -16.99
N ILE D 310 6.78 18.12 -17.44
CA ILE D 310 6.32 19.12 -18.39
C ILE D 310 7.22 19.08 -19.62
N ILE D 311 6.62 18.83 -20.80
CA ILE D 311 7.37 18.81 -22.10
C ILE D 311 6.76 19.94 -22.92
N ARG D 312 7.50 21.04 -23.10
CA ARG D 312 6.89 22.19 -23.77
C ARG D 312 7.87 22.95 -24.66
N ASN D 313 7.31 23.52 -25.72
CA ASN D 313 8.10 24.39 -26.61
C ASN D 313 9.30 23.70 -27.26
N ASN D 314 9.20 22.41 -27.54
CA ASN D 314 10.27 21.68 -28.22
C ASN D 314 9.85 21.41 -29.66
N THR D 315 10.86 21.16 -30.51
CA THR D 315 10.65 20.75 -31.90
C THR D 315 11.32 19.39 -31.94
N ILE D 316 10.56 18.36 -32.31
CA ILE D 316 11.06 16.97 -32.27
C ILE D 316 10.72 16.33 -33.62
N TYR D 317 11.73 15.75 -34.29
CA TYR D 317 11.48 15.23 -35.61
C TYR D 317 12.52 14.19 -36.02
N ASP D 318 12.20 13.49 -37.11
CA ASP D 318 13.08 12.47 -37.71
C ASP D 318 13.49 11.39 -36.70
N CYS D 319 12.49 10.75 -36.12
CA CYS D 319 12.69 9.65 -35.16
C CYS D 319 11.97 8.45 -35.70
N GLY D 320 12.48 7.26 -35.41
CA GLY D 320 11.87 6.04 -35.96
C GLY D 320 10.69 5.38 -35.25
N GLN D 321 10.50 5.70 -33.97
CA GLN D 321 9.39 5.12 -33.21
C GLN D 321 8.45 6.22 -32.72
N ASN D 322 9.00 7.22 -32.00
CA ASN D 322 8.16 8.29 -31.46
C ASN D 322 8.95 9.54 -31.17
N ALA D 323 8.24 10.67 -31.13
CA ALA D 323 8.82 11.92 -30.61
C ALA D 323 8.71 11.83 -29.07
N ILE D 324 7.59 11.33 -28.55
CA ILE D 324 7.37 11.19 -27.10
C ILE D 324 6.77 9.81 -26.87
N VAL D 325 7.33 9.06 -25.93
CA VAL D 325 6.82 7.74 -25.60
C VAL D 325 6.74 7.55 -24.10
N GLY D 326 5.94 6.58 -23.68
CA GLY D 326 6.01 6.19 -22.28
C GLY D 326 4.81 5.49 -21.67
N HIS D 327 5.08 4.41 -20.94
CA HIS D 327 4.08 3.68 -20.19
C HIS D 327 4.36 3.96 -18.70
N LEU D 328 3.31 4.35 -17.96
CA LEU D 328 3.34 4.62 -16.49
C LEU D 328 4.09 5.85 -16.03
N GLY D 329 5.26 6.08 -16.59
CA GLY D 329 6.14 7.16 -16.09
C GLY D 329 5.69 8.55 -16.45
N GLY D 330 4.60 8.68 -17.20
CA GLY D 330 4.17 10.00 -17.61
C GLY D 330 2.89 10.46 -16.92
N VAL D 331 2.38 9.72 -15.94
CA VAL D 331 1.15 10.15 -15.29
C VAL D 331 1.22 11.60 -14.80
N PHE D 332 0.12 12.31 -14.97
CA PHE D 332 -0.04 13.69 -14.51
C PHE D 332 0.82 14.71 -15.24
N SER D 333 1.39 14.31 -16.36
CA SER D 333 2.27 15.23 -17.10
C SER D 333 1.52 16.15 -18.04
N GLU D 334 2.25 17.18 -18.50
CA GLU D 334 1.68 18.19 -19.42
C GLU D 334 2.59 18.28 -20.64
N ILE D 335 2.00 18.21 -21.85
CA ILE D 335 2.75 18.24 -23.12
C ILE D 335 2.09 19.31 -23.98
N TYR D 336 2.79 20.43 -24.18
CA TYR D 336 2.19 21.53 -24.91
C TYR D 336 3.14 22.41 -25.69
N ASN D 337 2.59 23.02 -26.73
CA ASN D 337 3.36 23.90 -27.60
C ASN D 337 4.56 23.27 -28.23
N ASN D 338 4.46 21.99 -28.54
CA ASN D 338 5.53 21.29 -29.23
C ASN D 338 5.20 21.17 -30.71
N HIS D 339 6.26 21.09 -31.51
CA HIS D 339 6.14 20.90 -32.98
C HIS D 339 6.78 19.56 -33.23
N ILE D 340 5.95 18.59 -33.63
CA ILE D 340 6.35 17.19 -33.83
C ILE D 340 6.08 16.80 -35.29
N TYR D 341 7.10 16.31 -35.98
CA TYR D 341 6.87 15.91 -37.38
C TYR D 341 7.88 14.90 -37.85
N ASN D 342 7.60 14.28 -39.00
CA ASN D 342 8.53 13.32 -39.61
C ASN D 342 8.86 12.18 -38.64
N ILE D 343 7.81 11.58 -38.08
CA ILE D 343 8.02 10.45 -37.16
C ILE D 343 7.64 9.15 -37.87
N ALA D 344 8.64 8.28 -37.95
CA ALA D 344 8.57 6.94 -38.53
C ALA D 344 8.28 6.92 -40.03
N LEU D 345 8.78 7.92 -40.75
CA LEU D 345 8.54 7.95 -42.19
C LEU D 345 9.40 7.02 -42.99
N LYS D 346 10.62 6.71 -42.53
CA LYS D 346 11.49 5.82 -43.32
C LYS D 346 10.97 4.40 -43.38
N ARG D 347 10.22 4.02 -42.35
CA ARG D 347 9.63 2.69 -42.27
C ARG D 347 10.65 1.56 -42.39
N GLU D 348 11.79 1.74 -41.72
CA GLU D 348 12.80 0.69 -41.76
C GLU D 348 12.34 -0.50 -40.94
N PHE D 349 11.52 -0.25 -39.92
CA PHE D 349 10.97 -1.30 -39.08
C PHE D 349 9.59 -0.85 -38.66
N TYR D 350 8.75 -1.79 -38.27
CA TYR D 350 7.38 -1.47 -37.94
C TYR D 350 6.90 -2.36 -36.79
N GLY D 351 6.01 -1.81 -35.96
CA GLY D 351 5.44 -2.61 -34.89
C GLY D 351 4.40 -1.73 -34.24
N HIS D 352 3.75 -2.27 -33.24
CA HIS D 352 2.62 -1.56 -32.61
C HIS D 352 2.98 -0.58 -31.49
N GLU D 353 4.04 0.19 -31.71
CA GLU D 353 4.48 1.21 -30.72
C GLU D 353 4.80 2.52 -31.40
N ILE D 354 4.46 2.65 -32.68
CA ILE D 354 4.83 3.86 -33.44
C ILE D 354 3.75 4.93 -33.49
N ALA D 355 4.16 6.17 -33.20
CA ALA D 355 3.29 7.35 -33.27
C ALA D 355 4.09 8.59 -32.86
N GLY D 356 3.67 9.78 -33.33
CA GLY D 356 4.32 11.03 -32.88
C GLY D 356 4.41 11.04 -31.36
N ILE D 357 3.27 10.84 -30.72
CA ILE D 357 3.21 10.73 -29.25
C ILE D 357 2.47 9.41 -28.95
N LYS D 358 3.11 8.51 -28.23
CA LYS D 358 2.41 7.30 -27.75
C LYS D 358 2.58 7.23 -26.22
N LEU D 359 1.45 7.17 -25.53
CA LEU D 359 1.50 7.05 -24.07
C LEU D 359 0.54 5.97 -23.58
N HIS D 360 1.02 5.10 -22.68
CA HIS D 360 0.19 4.08 -22.04
C HIS D 360 -0.01 4.58 -20.60
N ALA D 361 -1.24 4.46 -20.09
CA ALA D 361 -1.59 4.98 -18.74
C ALA D 361 -1.26 6.46 -18.61
N ALA D 362 -1.78 7.25 -19.57
CA ALA D 362 -1.62 8.71 -19.57
C ALA D 362 -2.65 9.35 -18.59
N ILE D 363 -2.64 8.93 -17.32
CA ILE D 363 -3.62 9.40 -16.34
C ILE D 363 -3.52 10.89 -16.12
N ASP D 364 -4.64 11.60 -16.33
CA ASP D 364 -4.71 13.04 -16.18
C ASP D 364 -3.68 13.81 -17.00
N VAL D 365 -3.13 13.22 -18.06
CA VAL D 365 -2.15 13.91 -18.87
C VAL D 365 -2.85 14.96 -19.74
N GLN D 366 -2.24 16.14 -19.83
CA GLN D 366 -2.80 17.23 -20.65
C GLN D 366 -1.94 17.38 -21.89
N ILE D 367 -2.52 17.18 -23.08
CA ILE D 367 -1.78 17.28 -24.35
C ILE D 367 -2.49 18.39 -25.12
N HIS D 368 -1.85 19.54 -25.24
CA HIS D 368 -2.54 20.69 -25.83
C HIS D 368 -1.65 21.61 -26.59
N HIS D 369 -2.24 22.30 -27.55
CA HIS D 369 -1.53 23.29 -28.35
C HIS D 369 -0.28 22.76 -29.03
N ASN D 370 -0.33 21.53 -29.50
CA ASN D 370 0.80 20.96 -30.26
C ASN D 370 0.48 20.92 -31.74
N ARG D 371 1.55 20.98 -32.54
CA ARG D 371 1.44 20.91 -34.02
C ARG D 371 2.08 19.58 -34.40
N ILE D 372 1.25 18.66 -34.92
CA ILE D 372 1.70 17.29 -35.18
C ILE D 372 1.35 16.91 -36.62
N HIS D 373 2.40 16.73 -37.44
CA HIS D 373 2.15 16.47 -38.87
C HIS D 373 3.23 15.59 -39.45
N ASP D 374 2.93 15.06 -40.64
CA ASP D 374 3.87 14.17 -41.30
C ASP D 374 4.37 13.02 -40.45
N CYS D 375 3.38 12.38 -39.81
CA CYS D 375 3.63 11.16 -39.01
C CYS D 375 2.75 10.04 -39.54
N SER D 376 3.17 8.79 -39.39
CA SER D 376 2.26 7.70 -39.80
C SER D 376 1.05 7.63 -38.83
N LEU D 377 1.21 8.07 -37.58
CA LEU D 377 0.09 8.15 -36.61
C LEU D 377 0.49 9.30 -35.71
N GLY D 378 -0.39 10.30 -35.54
CA GLY D 378 -0.02 11.45 -34.71
C GLY D 378 0.06 11.21 -33.20
N LEU D 379 -1.01 10.65 -32.66
CA LEU D 379 -1.14 10.44 -31.22
C LEU D 379 -1.80 9.10 -30.95
N TRP D 380 -1.19 8.32 -30.06
CA TRP D 380 -1.76 7.03 -29.68
C TRP D 380 -1.81 6.94 -28.16
N LEU D 381 -3.04 6.88 -27.62
CA LEU D 381 -3.25 6.71 -26.16
C LEU D 381 -3.67 5.25 -26.06
N ASP D 382 -2.91 4.45 -25.29
CA ASP D 382 -3.11 2.98 -25.31
C ASP D 382 -3.09 2.49 -23.87
N TRP D 383 -4.28 2.08 -23.41
CA TRP D 383 -4.60 1.67 -22.03
C TRP D 383 -4.64 2.87 -21.09
N GLU D 384 -5.62 2.81 -20.19
CA GLU D 384 -5.65 3.73 -19.07
C GLU D 384 -5.56 5.20 -19.38
N ALA D 385 -6.21 5.60 -20.45
CA ALA D 385 -6.33 7.02 -20.79
C ALA D 385 -7.53 7.50 -19.94
N GLN D 386 -7.24 7.72 -18.66
CA GLN D 386 -8.26 8.14 -17.71
C GLN D 386 -7.94 9.56 -17.27
N GLY D 387 -8.85 10.47 -17.59
CA GLY D 387 -8.63 11.87 -17.29
C GLY D 387 -7.78 12.57 -18.34
N THR D 388 -7.30 11.83 -19.34
CA THR D 388 -6.44 12.43 -20.37
C THR D 388 -7.23 13.49 -21.14
N ARG D 389 -6.59 14.60 -21.47
CA ARG D 389 -7.25 15.68 -22.23
C ARG D 389 -6.38 16.04 -23.40
N VAL D 390 -6.94 15.94 -24.60
CA VAL D 390 -6.25 16.24 -25.86
C VAL D 390 -7.00 17.45 -26.34
N SER D 391 -6.35 18.61 -26.28
CA SER D 391 -7.10 19.86 -26.52
C SER D 391 -6.33 20.86 -27.37
N LYS D 392 -7.04 21.46 -28.33
CA LYS D 392 -6.47 22.57 -29.08
C LYS D 392 -5.20 22.22 -29.83
N ASN D 393 -5.14 20.99 -30.34
CA ASN D 393 -3.98 20.58 -31.13
C ASN D 393 -4.28 20.67 -32.64
N LEU D 394 -3.20 20.77 -33.41
CA LEU D 394 -3.28 20.88 -34.87
C LEU D 394 -2.65 19.63 -35.51
N PHE D 395 -3.47 18.75 -36.09
CA PHE D 395 -3.01 17.52 -36.73
C PHE D 395 -3.28 17.63 -38.23
N TYR D 396 -2.27 17.39 -39.06
CA TYR D 396 -2.50 17.39 -40.51
C TYR D 396 -1.37 16.58 -41.16
N ASN D 397 -1.62 16.17 -42.40
CA ASN D 397 -0.67 15.40 -43.20
C ASN D 397 -0.16 14.17 -42.48
N ASN D 398 -1.05 13.52 -41.73
CA ASN D 398 -0.69 12.26 -41.06
C ASN D 398 -1.45 11.14 -41.71
N ASN D 399 -0.89 9.92 -41.74
CA ASN D 399 -1.68 8.82 -42.29
C ASN D 399 -2.92 8.61 -41.41
N ARG D 400 -2.77 8.81 -40.09
CA ARG D 400 -3.87 8.75 -39.12
C ARG D 400 -3.58 9.80 -38.08
N ASP D 401 -4.60 10.50 -37.59
CA ASP D 401 -4.35 11.49 -36.55
C ASP D 401 -4.29 10.96 -35.11
N VAL D 402 -5.39 10.38 -34.63
CA VAL D 402 -5.48 9.95 -33.20
C VAL D 402 -6.01 8.53 -33.06
N PHE D 403 -5.44 7.79 -32.12
CA PHE D 403 -5.89 6.41 -31.84
C PHE D 403 -6.02 6.34 -30.29
N VAL D 404 -7.21 6.03 -29.78
CA VAL D 404 -7.42 5.83 -28.33
C VAL D 404 -7.84 4.37 -28.21
N GLU D 405 -6.95 3.58 -27.59
CA GLU D 405 -7.15 2.12 -27.55
C GLU D 405 -7.30 1.55 -26.16
N VAL D 406 -8.18 0.57 -26.06
CA VAL D 406 -8.51 -0.19 -24.82
C VAL D 406 -8.55 0.67 -23.55
N SER D 407 -9.20 1.83 -23.69
CA SER D 407 -9.37 2.74 -22.56
C SER D 407 -10.86 2.89 -22.24
N HIS D 408 -11.14 3.32 -21.00
CA HIS D 408 -12.48 3.45 -20.45
C HIS D 408 -12.85 4.88 -20.08
N GLY D 409 -11.88 5.77 -20.23
CA GLY D 409 -12.14 7.18 -19.92
C GLY D 409 -12.32 7.42 -18.42
N PRO D 410 -12.87 8.58 -18.06
CA PRO D 410 -13.32 9.65 -18.98
C PRO D 410 -12.13 10.32 -19.65
N TYR D 411 -12.11 10.35 -20.97
CA TYR D 411 -11.04 11.04 -21.70
C TYR D 411 -11.70 12.06 -22.60
N LEU D 412 -11.00 13.15 -22.84
CA LEU D 412 -11.59 14.29 -23.55
C LEU D 412 -10.74 14.72 -24.71
N VAL D 413 -11.41 14.95 -25.85
CA VAL D 413 -10.75 15.38 -27.10
C VAL D 413 -11.56 16.61 -27.47
N ASP D 414 -10.98 17.79 -27.25
CA ASP D 414 -11.74 19.02 -27.50
C ASP D 414 -10.97 20.08 -28.25
N HIS D 415 -11.74 20.82 -29.07
CA HIS D 415 -11.22 21.96 -29.82
C HIS D 415 -9.99 21.67 -30.67
N ASN D 416 -9.88 20.45 -31.18
CA ASN D 416 -8.75 20.11 -32.05
C ASN D 416 -9.11 20.22 -33.53
N ILE D 417 -8.06 20.33 -34.33
CA ILE D 417 -8.20 20.23 -35.78
C ILE D 417 -7.61 18.86 -36.16
N LEU D 418 -8.47 17.92 -36.55
CA LEU D 418 -8.05 16.57 -36.96
C LEU D 418 -8.36 16.55 -38.46
N SER D 419 -7.36 16.93 -39.23
CA SER D 419 -7.59 17.09 -40.67
C SER D 419 -7.18 15.97 -41.58
N SER D 420 -6.61 14.91 -41.05
CA SER D 420 -6.17 13.85 -41.96
C SER D 420 -7.37 12.97 -42.42
N GLU D 421 -7.20 12.25 -43.53
CA GLU D 421 -8.29 11.46 -44.08
C GLU D 421 -8.76 10.30 -43.20
N TYR D 422 -7.88 9.86 -42.30
CA TYR D 422 -8.24 8.80 -41.35
C TYR D 422 -7.97 9.52 -40.03
N ALA D 423 -9.03 10.05 -39.44
CA ALA D 423 -8.87 10.89 -38.26
C ALA D 423 -8.80 10.20 -36.91
N ILE D 424 -9.60 9.18 -36.74
CA ILE D 424 -9.69 8.56 -35.42
C ILE D 424 -9.82 7.05 -35.45
N ASP D 425 -8.97 6.37 -34.68
CA ASP D 425 -9.12 4.94 -34.44
C ASP D 425 -9.65 4.94 -32.99
N ASN D 426 -10.86 4.44 -32.80
CA ASN D 426 -11.53 4.43 -31.47
C ASN D 426 -11.80 2.99 -31.04
N MET D 427 -10.90 2.47 -30.22
CA MET D 427 -11.10 1.11 -29.71
C MET D 427 -11.24 1.20 -28.20
N SER D 428 -12.06 2.17 -27.80
CA SER D 428 -12.25 2.51 -26.39
C SER D 428 -13.71 2.85 -26.10
N GLN D 429 -14.00 3.21 -24.86
CA GLN D 429 -15.30 3.69 -24.47
C GLN D 429 -15.04 4.81 -23.45
N GLY D 430 -16.04 5.66 -23.19
CA GLY D 430 -15.87 6.69 -22.17
C GLY D 430 -15.24 7.98 -22.71
N GLY D 431 -15.34 8.22 -24.01
CA GLY D 431 -14.76 9.45 -24.57
C GLY D 431 -15.75 10.58 -24.74
N ALA D 432 -15.18 11.79 -24.80
CA ALA D 432 -15.97 12.98 -25.06
C ALA D 432 -15.22 13.73 -26.14
N TYR D 433 -15.89 13.94 -27.31
CA TYR D 433 -15.33 14.66 -28.46
C TYR D 433 -16.15 15.91 -28.56
N ILE D 434 -15.52 17.02 -28.23
CA ILE D 434 -16.24 18.30 -28.10
C ILE D 434 -15.61 19.42 -28.92
N ASN D 435 -16.41 20.04 -29.80
CA ASN D 435 -15.94 21.22 -30.55
C ASN D 435 -14.71 20.97 -31.41
N ASN D 436 -14.61 19.79 -32.01
CA ASN D 436 -13.47 19.57 -32.92
C ASN D 436 -13.86 19.79 -34.39
N LEU D 437 -12.85 19.89 -35.24
CA LEU D 437 -13.07 19.88 -36.70
C LEU D 437 -12.47 18.49 -37.03
N ILE D 438 -13.29 17.60 -37.61
CA ILE D 438 -12.84 16.23 -37.90
C ILE D 438 -13.07 16.00 -39.39
N ALA D 439 -11.99 15.92 -40.16
CA ALA D 439 -12.11 15.80 -41.61
C ALA D 439 -11.69 14.47 -42.16
N GLY D 440 -11.83 13.43 -41.34
CA GLY D 440 -11.46 12.10 -41.78
C GLY D 440 -12.32 11.05 -41.11
N LYS D 441 -12.12 9.80 -41.52
CA LYS D 441 -12.95 8.74 -40.99
C LYS D 441 -12.61 8.34 -39.58
N MET D 442 -13.58 7.69 -38.96
CA MET D 442 -13.36 7.09 -37.65
C MET D 442 -13.59 5.59 -37.79
N ASN D 443 -12.65 4.78 -37.29
CA ASN D 443 -12.83 3.32 -37.24
C ASN D 443 -13.08 3.02 -35.75
N GLN D 444 -14.31 2.60 -35.40
CA GLN D 444 -14.69 2.32 -34.00
C GLN D 444 -14.98 0.84 -33.85
N ARG D 445 -14.32 0.20 -32.88
CA ARG D 445 -14.49 -1.23 -32.69
C ARG D 445 -14.41 -1.61 -31.21
N LYS D 446 -15.19 -2.63 -30.83
CA LYS D 446 -15.15 -3.16 -29.47
C LYS D 446 -13.88 -4.01 -29.31
N VAL D 447 -13.53 -4.28 -28.04
CA VAL D 447 -12.39 -5.15 -27.74
C VAL D 447 -12.88 -6.05 -26.62
N LEU D 448 -13.23 -7.27 -26.99
CA LEU D 448 -13.86 -8.17 -26.04
C LEU D 448 -12.95 -9.24 -25.53
N ASN D 449 -11.70 -9.32 -25.99
CA ASN D 449 -10.80 -10.35 -25.52
C ASN D 449 -9.58 -9.80 -24.77
N ARG D 450 -9.65 -8.50 -24.43
CA ARG D 450 -8.58 -7.90 -23.61
C ARG D 450 -9.28 -7.00 -22.59
N SER D 451 -9.01 -7.25 -21.31
CA SER D 451 -9.51 -6.41 -20.23
C SER D 451 -8.33 -5.58 -19.74
N THR D 452 -8.58 -4.29 -19.47
CA THR D 452 -7.49 -3.39 -19.04
C THR D 452 -7.96 -2.55 -17.84
N GLN D 453 -7.00 -2.12 -17.04
CA GLN D 453 -7.33 -1.41 -15.80
C GLN D 453 -8.03 -0.07 -15.87
N TYR D 454 -8.77 0.24 -14.83
CA TYR D 454 -9.25 1.62 -14.65
C TYR D 454 -8.91 1.94 -13.20
N HIS D 455 -9.02 3.23 -12.87
CA HIS D 455 -8.48 3.75 -11.61
C HIS D 455 -9.43 4.57 -10.79
N LEU D 456 -9.02 4.83 -9.54
CA LEU D 456 -9.78 5.83 -8.78
C LEU D 456 -9.43 7.17 -9.48
N PRO D 457 -10.32 8.16 -9.43
CA PRO D 457 -10.00 9.43 -10.08
C PRO D 457 -8.72 10.11 -9.58
N HIS D 458 -7.99 10.70 -10.52
CA HIS D 458 -6.78 11.49 -10.20
C HIS D 458 -5.78 10.73 -9.36
N SER D 459 -5.61 9.46 -9.70
CA SER D 459 -4.77 8.57 -8.91
C SER D 459 -4.27 7.40 -9.72
N THR D 460 -3.17 6.79 -9.29
CA THR D 460 -2.71 5.54 -9.93
C THR D 460 -3.39 4.34 -9.25
N GLU D 461 -4.09 4.55 -8.13
CA GLU D 461 -4.78 3.41 -7.48
C GLU D 461 -5.71 2.70 -8.47
N VAL D 462 -5.65 1.36 -8.47
CA VAL D 462 -6.46 0.58 -9.40
C VAL D 462 -7.84 0.33 -8.81
N ALA D 463 -8.87 0.62 -9.63
CA ALA D 463 -10.25 0.42 -9.20
C ALA D 463 -10.86 -0.84 -9.76
N GLY D 464 -10.35 -1.31 -10.90
CA GLY D 464 -10.95 -2.46 -11.54
C GLY D 464 -10.31 -2.61 -12.90
N PHE D 465 -10.95 -3.40 -13.75
CA PHE D 465 -10.47 -3.62 -15.13
C PHE D 465 -11.70 -3.98 -15.92
N ALA D 466 -11.66 -3.69 -17.22
CA ALA D 466 -12.82 -3.99 -18.07
C ALA D 466 -12.42 -4.21 -19.50
N PHE D 467 -13.33 -4.88 -20.20
CA PHE D 467 -13.28 -5.02 -21.66
C PHE D 467 -13.90 -3.75 -22.22
N VAL D 468 -13.66 -3.53 -23.52
CA VAL D 468 -14.29 -2.40 -24.22
C VAL D 468 -15.55 -2.90 -24.94
N TYR D 469 -16.71 -2.51 -24.43
CA TYR D 469 -17.99 -2.96 -25.01
C TYR D 469 -18.43 -2.06 -26.15
N GLY D 470 -17.78 -0.90 -26.29
CA GLY D 470 -18.11 0.02 -27.37
C GLY D 470 -19.19 1.02 -27.00
N GLY D 471 -19.10 2.22 -27.54
CA GLY D 471 -20.09 3.24 -27.19
C GLY D 471 -19.68 3.95 -25.91
N ASP D 472 -20.68 4.46 -25.21
CA ASP D 472 -20.44 5.31 -24.03
C ASP D 472 -19.49 6.43 -24.41
N ASP D 473 -19.80 7.07 -25.55
CA ASP D 473 -19.06 8.22 -26.06
C ASP D 473 -19.99 9.42 -26.21
N ARG D 474 -19.39 10.62 -26.11
CA ARG D 474 -20.12 11.87 -26.30
C ARG D 474 -19.52 12.58 -27.49
N PHE D 475 -20.39 13.15 -28.34
CA PHE D 475 -19.95 13.97 -29.49
C PHE D 475 -20.83 15.20 -29.51
N TYR D 476 -20.26 16.35 -29.22
CA TYR D 476 -21.04 17.61 -29.24
C TYR D 476 -20.26 18.67 -29.95
N ASN D 477 -20.98 19.48 -30.75
CA ASN D 477 -20.42 20.67 -31.40
C ASN D 477 -19.26 20.41 -32.37
N ASN D 478 -19.21 19.23 -32.99
CA ASN D 478 -18.08 18.98 -33.92
C ASN D 478 -18.51 19.27 -35.34
N ILE D 479 -17.52 19.63 -36.16
CA ILE D 479 -17.76 19.82 -37.60
C ILE D 479 -17.09 18.64 -38.28
N PHE D 480 -17.89 17.76 -38.91
CA PHE D 480 -17.38 16.60 -39.64
C PHE D 480 -17.39 16.91 -41.12
N ILE D 481 -16.31 16.55 -41.80
CA ILE D 481 -16.19 16.76 -43.24
C ILE D 481 -15.72 15.47 -43.89
N GLY D 482 -16.58 14.89 -44.73
CA GLY D 482 -16.22 13.68 -45.44
C GLY D 482 -15.50 14.02 -46.76
N LYS D 483 -15.43 13.03 -47.64
CA LYS D 483 -14.79 13.24 -48.94
C LYS D 483 -15.28 12.12 -49.86
N GLU D 484 -15.32 12.37 -51.16
CA GLU D 484 -15.78 11.33 -52.06
C GLU D 484 -14.90 10.11 -51.90
N GLY D 485 -15.53 8.95 -51.75
CA GLY D 485 -14.79 7.71 -51.61
C GLY D 485 -14.43 7.32 -50.18
N LEU D 486 -14.57 8.27 -49.26
CA LEU D 486 -14.24 8.04 -47.86
C LEU D 486 -15.45 7.61 -47.01
N GLU D 487 -15.41 6.40 -46.48
CA GLU D 487 -16.54 5.96 -45.69
C GLU D 487 -16.28 6.18 -44.22
N ASN D 488 -17.36 6.10 -43.47
CA ASN D 488 -17.31 6.16 -42.02
C ASN D 488 -16.83 7.45 -41.39
N VAL D 489 -17.16 8.57 -42.02
CA VAL D 489 -16.87 9.86 -41.41
C VAL D 489 -18.17 10.29 -40.72
N GLY D 490 -18.07 10.67 -39.45
CA GLY D 490 -19.26 11.11 -38.74
C GLY D 490 -19.52 10.33 -37.47
N THR D 491 -20.79 10.06 -37.22
CA THR D 491 -21.20 9.36 -35.98
C THR D 491 -22.24 8.27 -36.26
N SER D 492 -22.42 7.88 -37.53
CA SER D 492 -23.42 6.84 -37.84
C SER D 492 -22.97 5.48 -37.30
N HIS D 493 -21.71 5.41 -36.89
CA HIS D 493 -21.13 4.18 -36.29
C HIS D 493 -21.98 3.68 -35.13
N TYR D 494 -22.58 4.62 -34.44
CA TYR D 494 -23.33 4.34 -33.22
C TYR D 494 -24.83 4.11 -33.37
N ASN D 495 -25.28 3.87 -34.59
CA ASN D 495 -26.71 3.72 -34.82
C ASN D 495 -27.46 2.70 -33.96
N ASN D 496 -26.78 1.65 -33.50
CA ASN D 496 -27.50 0.68 -32.64
C ASN D 496 -27.44 0.97 -31.15
N CYS D 497 -26.83 2.09 -30.79
CA CYS D 497 -26.66 2.41 -29.37
C CYS D 497 -27.88 3.01 -28.70
N THR D 498 -27.95 2.89 -27.38
CA THR D 498 -29.00 3.56 -26.60
C THR D 498 -28.61 5.06 -26.54
N THR D 499 -29.52 5.90 -26.06
CA THR D 499 -29.25 7.34 -26.05
C THR D 499 -29.16 8.00 -24.71
N SER D 500 -29.19 7.22 -23.64
CA SER D 500 -29.04 7.75 -22.29
C SER D 500 -28.72 6.57 -21.38
N LEU D 501 -28.09 6.87 -20.25
CA LEU D 501 -27.82 5.82 -19.30
C LEU D 501 -29.14 5.27 -18.73
N GLU D 502 -30.15 6.12 -18.61
CA GLU D 502 -31.47 5.68 -18.13
C GLU D 502 -32.06 4.63 -19.07
N GLU D 503 -31.97 4.87 -20.37
CA GLU D 503 -32.49 3.92 -21.33
C GLU D 503 -31.73 2.61 -21.25
N TYR D 504 -30.40 2.69 -21.18
CA TYR D 504 -29.57 1.50 -21.07
C TYR D 504 -29.99 0.68 -19.86
N ILE D 505 -30.09 1.33 -18.70
CA ILE D 505 -30.47 0.65 -17.47
C ILE D 505 -31.85 0.02 -17.57
N GLU D 506 -32.81 0.73 -18.15
CA GLU D 506 -34.17 0.18 -18.31
C GLU D 506 -34.15 -1.08 -19.20
N LYS D 507 -33.43 -1.02 -20.33
CA LYS D 507 -33.38 -2.15 -21.23
C LYS D 507 -32.69 -3.35 -20.61
N VAL D 508 -31.57 -3.11 -19.93
CA VAL D 508 -30.85 -4.22 -19.32
C VAL D 508 -31.69 -4.89 -18.24
N ASN D 509 -32.44 -4.10 -17.51
CA ASN D 509 -33.17 -4.63 -16.41
C ASN D 509 -34.59 -5.17 -16.74
N GLU D 510 -34.86 -5.29 -18.04
CA GLU D 510 -36.14 -5.85 -18.49
C GLU D 510 -36.27 -7.34 -18.16
N VAL D 511 -35.13 -8.05 -18.19
CA VAL D 511 -35.09 -9.48 -17.91
C VAL D 511 -34.06 -9.72 -16.81
N PRO D 512 -34.46 -10.32 -15.69
CA PRO D 512 -33.53 -10.58 -14.59
C PRO D 512 -32.27 -11.34 -14.99
N GLY D 513 -31.15 -11.02 -14.35
CA GLY D 513 -29.92 -11.71 -14.67
C GLY D 513 -28.72 -10.86 -14.31
N ASP D 514 -27.55 -11.25 -14.80
CA ASP D 514 -26.33 -10.48 -14.51
C ASP D 514 -25.60 -10.10 -15.78
N LEU D 515 -24.33 -10.47 -15.87
CA LEU D 515 -23.49 -10.05 -17.00
C LEU D 515 -24.11 -10.24 -18.38
N GLY D 516 -24.70 -11.41 -18.62
CA GLY D 516 -25.27 -11.65 -19.94
C GLY D 516 -26.33 -10.65 -20.33
N GLU D 517 -27.10 -10.19 -19.35
CA GLU D 517 -28.16 -9.22 -19.68
C GLU D 517 -27.56 -7.88 -20.00
N PHE D 518 -26.45 -7.53 -19.35
CA PHE D 518 -25.82 -6.27 -19.67
C PHE D 518 -25.16 -6.36 -21.06
N GLU D 519 -24.56 -7.51 -21.38
CA GLU D 519 -23.86 -7.62 -22.67
C GLU D 519 -24.80 -7.53 -23.87
N ARG D 520 -26.07 -7.85 -23.65
CA ARG D 520 -27.01 -7.82 -24.78
C ARG D 520 -27.52 -6.44 -25.14
N VAL D 521 -27.20 -5.43 -24.37
CA VAL D 521 -27.66 -4.07 -24.65
C VAL D 521 -26.48 -3.19 -25.00
N GLU D 522 -26.60 -2.37 -26.05
CA GLU D 522 -25.52 -1.47 -26.46
C GLU D 522 -25.47 -0.28 -25.52
N GLN D 523 -24.25 0.11 -25.16
CA GLN D 523 -24.04 1.26 -24.28
C GLN D 523 -24.58 2.54 -24.91
N PRO D 524 -24.86 3.54 -24.07
CA PRO D 524 -25.40 4.80 -24.56
C PRO D 524 -24.39 5.67 -25.23
N VAL D 525 -24.91 6.55 -26.10
CA VAL D 525 -24.11 7.62 -26.69
C VAL D 525 -24.84 8.92 -26.51
N TYR D 526 -24.06 10.00 -26.46
CA TYR D 526 -24.61 11.33 -26.14
C TYR D 526 -24.11 12.21 -27.24
N ILE D 527 -24.98 12.42 -28.23
CA ILE D 527 -24.55 13.09 -29.46
C ILE D 527 -25.51 14.18 -29.88
N ASN D 528 -25.02 15.40 -30.03
CA ASN D 528 -25.91 16.48 -30.44
C ASN D 528 -25.12 17.67 -30.94
N LYS D 529 -25.78 18.51 -31.75
CA LYS D 529 -25.22 19.75 -32.28
C LYS D 529 -23.96 19.60 -33.09
N ASN D 530 -23.90 18.54 -33.92
CA ASN D 530 -22.78 18.37 -34.81
C ASN D 530 -23.21 18.72 -36.23
N ALA D 531 -22.24 19.08 -37.06
CA ALA D 531 -22.50 19.36 -38.47
C ALA D 531 -21.78 18.32 -39.29
N TYR D 532 -22.37 17.96 -40.43
CA TYR D 532 -21.87 16.90 -41.31
C TYR D 532 -21.89 17.38 -42.74
N PHE D 533 -20.70 17.58 -43.30
CA PHE D 533 -20.61 18.06 -44.68
C PHE D 533 -19.85 17.10 -45.58
N ASN D 534 -20.09 17.24 -46.89
CA ASN D 534 -19.34 16.53 -47.91
C ASN D 534 -19.33 15.00 -47.79
N GLY D 535 -20.40 14.41 -47.27
CA GLY D 535 -20.43 12.96 -47.20
C GLY D 535 -20.41 12.38 -45.80
N ALA D 536 -20.06 13.22 -44.82
CA ALA D 536 -20.08 12.73 -43.45
C ALA D 536 -21.53 12.35 -43.09
N GLU D 537 -21.71 11.37 -42.22
CA GLU D 537 -23.06 10.90 -41.87
C GLU D 537 -23.31 10.89 -40.38
N PRO D 538 -24.50 11.29 -39.96
CA PRO D 538 -24.79 11.32 -38.52
C PRO D 538 -25.41 10.09 -37.92
N PHE D 539 -25.27 10.00 -36.60
CA PHE D 539 -25.96 9.02 -35.78
C PHE D 539 -27.48 9.29 -36.09
N GLU D 540 -28.22 8.24 -36.41
CA GLU D 540 -29.62 8.41 -36.80
C GLU D 540 -30.53 9.02 -35.75
N LYS D 541 -30.20 8.85 -34.47
CA LYS D 541 -31.02 9.39 -33.41
C LYS D 541 -30.57 10.74 -32.85
N GLU D 542 -29.63 11.41 -33.55
CA GLU D 542 -29.19 12.72 -33.08
C GLU D 542 -30.34 13.71 -33.28
N LYS D 543 -30.65 14.48 -32.25
CA LYS D 543 -31.78 15.39 -32.32
C LYS D 543 -31.61 16.68 -33.08
N ASP D 544 -30.51 17.37 -32.86
CA ASP D 544 -30.26 18.66 -33.48
C ASP D 544 -28.94 18.63 -34.22
N ASN D 545 -28.96 18.62 -35.54
CA ASN D 545 -27.72 18.63 -36.28
C ASN D 545 -27.92 19.33 -37.61
N LEU D 546 -26.82 19.53 -38.32
CA LEU D 546 -26.84 20.17 -39.64
C LEU D 546 -26.20 19.17 -40.59
N VAL D 547 -26.95 18.69 -41.56
CA VAL D 547 -26.42 17.74 -42.51
C VAL D 547 -26.54 18.32 -43.91
N LYS D 548 -25.40 18.55 -44.58
CA LYS D 548 -25.44 19.06 -45.97
C LYS D 548 -24.39 18.24 -46.73
N LYS D 549 -24.81 17.09 -47.22
CA LYS D 549 -23.95 16.14 -47.90
C LYS D 549 -23.35 16.65 -49.18
N ASP D 550 -24.07 17.54 -49.85
CA ASP D 550 -23.57 18.03 -51.11
C ASP D 550 -22.70 19.26 -51.00
N PHE D 551 -22.48 19.75 -49.78
CA PHE D 551 -21.63 20.93 -49.58
C PHE D 551 -20.19 20.55 -49.28
N ASP D 552 -19.26 21.09 -50.07
CA ASP D 552 -17.81 20.81 -49.91
C ASP D 552 -17.13 22.03 -49.33
N PRO D 553 -16.66 21.93 -48.07
CA PRO D 553 -15.98 23.08 -47.44
C PRO D 553 -14.62 23.41 -48.05
N LYS D 554 -14.09 22.55 -48.91
CA LYS D 554 -12.78 22.82 -49.53
C LYS D 554 -11.72 23.14 -48.47
N LEU D 555 -11.71 22.32 -47.43
CA LEU D 555 -10.75 22.50 -46.37
C LEU D 555 -9.32 22.38 -46.86
N ALA D 556 -8.45 23.28 -46.40
CA ALA D 556 -7.03 23.17 -46.69
C ALA D 556 -6.27 23.65 -45.47
N ILE D 557 -5.18 22.96 -45.16
CA ILE D 557 -4.25 23.36 -44.09
C ILE D 557 -3.04 23.79 -44.92
N ILE D 558 -2.65 25.06 -44.78
CA ILE D 558 -1.55 25.62 -45.56
C ILE D 558 -0.37 25.88 -44.63
N ASP D 559 0.66 25.05 -44.76
CA ASP D 559 1.85 25.12 -43.93
C ASP D 559 2.87 25.98 -44.65
N GLU D 560 3.15 27.16 -44.11
CA GLU D 560 4.11 28.07 -44.71
C GLU D 560 5.43 28.09 -43.97
N GLY D 561 5.68 27.07 -43.16
CA GLY D 561 6.94 27.05 -42.44
C GLY D 561 6.68 27.34 -40.98
N ASP D 562 6.98 28.55 -40.54
CA ASP D 562 6.74 28.88 -39.14
C ASP D 562 5.29 29.15 -38.84
N GLU D 563 4.49 29.44 -39.87
CA GLU D 563 3.07 29.72 -39.69
C GLU D 563 2.25 28.72 -40.45
N VAL D 564 1.03 28.46 -39.96
CA VAL D 564 0.12 27.55 -40.62
C VAL D 564 -1.27 28.22 -40.62
N TYR D 565 -1.96 28.07 -41.75
CA TYR D 565 -3.29 28.64 -41.94
C TYR D 565 -4.34 27.60 -42.25
N LEU D 566 -5.57 27.89 -41.84
CA LEU D 566 -6.71 27.02 -42.11
C LEU D 566 -7.63 27.77 -43.08
N SER D 567 -7.98 27.14 -44.19
CA SER D 567 -8.90 27.74 -45.18
C SER D 567 -10.12 26.82 -45.23
N LEU D 568 -11.30 27.40 -45.11
CA LEU D 568 -12.52 26.61 -45.08
C LEU D 568 -13.73 27.43 -45.50
N GLN D 569 -14.62 26.84 -46.30
CA GLN D 569 -15.86 27.51 -46.67
C GLN D 569 -16.98 26.87 -45.81
N LEU D 570 -17.92 27.67 -45.34
CA LEU D 570 -19.03 27.15 -44.54
C LEU D 570 -20.34 27.62 -45.17
N PRO D 571 -21.38 26.80 -45.14
CA PRO D 571 -22.66 27.21 -45.75
C PRO D 571 -23.46 28.21 -44.92
N ASP D 572 -24.43 28.88 -45.52
CA ASP D 572 -25.26 29.82 -44.76
C ASP D 572 -25.89 29.20 -43.52
N GLU D 573 -26.28 27.93 -43.63
CA GLU D 573 -26.93 27.21 -42.52
C GLU D 573 -26.04 27.06 -41.30
N PHE D 574 -24.74 27.24 -41.48
CA PHE D 574 -23.83 27.16 -40.34
C PHE D 574 -24.23 28.16 -39.25
N GLU D 575 -24.80 29.29 -39.66
CA GLU D 575 -25.21 30.30 -38.71
C GLU D 575 -26.36 29.89 -37.82
N ASN D 576 -27.12 28.88 -38.25
CA ASN D 576 -28.31 28.46 -37.53
C ASN D 576 -28.13 27.30 -36.57
N ILE D 577 -26.91 26.80 -36.46
CA ILE D 577 -26.69 25.73 -35.49
C ILE D 577 -25.75 26.34 -34.46
N VAL D 578 -26.13 26.29 -33.19
CA VAL D 578 -25.24 26.85 -32.17
C VAL D 578 -24.91 25.84 -31.10
N GLY D 579 -23.72 25.97 -30.54
CA GLY D 579 -23.32 25.00 -29.54
C GLY D 579 -23.35 25.50 -28.11
N ASP D 580 -23.55 24.58 -27.18
CA ASP D 580 -23.57 24.89 -25.75
C ASP D 580 -22.11 24.84 -25.26
N ILE D 581 -21.85 25.48 -24.13
CA ILE D 581 -20.52 25.38 -23.47
C ILE D 581 -20.63 24.09 -22.65
N HIS D 582 -19.80 23.12 -22.95
CA HIS D 582 -19.83 21.89 -22.18
C HIS D 582 -18.96 21.98 -20.95
N SER D 583 -19.27 21.13 -19.99
CA SER D 583 -18.58 21.20 -18.71
C SER D 583 -18.85 19.90 -17.96
N THR D 584 -18.29 19.79 -16.76
CA THR D 584 -18.57 18.62 -15.95
C THR D 584 -20.07 18.46 -15.75
N LYS D 585 -20.80 19.58 -15.64
CA LYS D 585 -22.26 19.51 -15.44
C LYS D 585 -23.02 18.94 -16.65
N THR D 586 -22.57 19.25 -17.86
CA THR D 586 -23.30 18.83 -19.05
C THR D 586 -22.91 17.47 -19.61
N LEU D 587 -21.75 16.95 -19.18
CA LEU D 587 -21.26 15.68 -19.72
C LEU D 587 -21.60 14.52 -18.78
N GLU D 588 -22.36 13.55 -19.28
CA GLU D 588 -22.75 12.41 -18.45
C GLU D 588 -21.53 11.59 -18.07
N ARG D 589 -21.52 11.12 -16.82
CA ARG D 589 -20.43 10.28 -16.36
C ARG D 589 -20.29 9.03 -17.22
N VAL D 590 -19.07 8.49 -17.24
CA VAL D 590 -18.84 7.24 -17.97
C VAL D 590 -19.40 6.08 -17.15
N ARG D 591 -19.86 5.04 -17.81
CA ARG D 591 -20.56 3.99 -17.08
C ARG D 591 -19.67 3.10 -16.23
N ILE D 592 -18.74 2.40 -16.84
CA ILE D 592 -17.92 1.46 -16.07
C ILE D 592 -17.05 2.13 -15.03
N VAL D 593 -16.32 3.18 -15.42
CA VAL D 593 -15.45 3.80 -14.44
C VAL D 593 -16.23 4.61 -13.42
N ASP D 594 -17.45 5.02 -13.78
CA ASP D 594 -18.34 5.77 -12.87
C ASP D 594 -17.67 7.05 -12.40
N ALA D 595 -17.10 7.78 -13.36
CA ALA D 595 -16.36 9.00 -13.06
C ALA D 595 -16.79 10.14 -13.99
N GLU D 596 -16.58 11.36 -13.52
CA GLU D 596 -16.94 12.56 -14.25
C GLU D 596 -15.77 13.13 -15.04
N TYR D 597 -16.10 14.05 -15.96
CA TYR D 597 -15.05 14.78 -16.72
C TYR D 597 -14.75 15.98 -15.85
N GLU D 598 -13.63 15.92 -15.13
CA GLU D 598 -13.23 16.98 -14.18
C GLU D 598 -11.85 17.51 -14.54
N SER D 599 -11.47 18.62 -13.89
CA SER D 599 -10.09 19.09 -14.02
C SER D 599 -9.19 18.15 -13.17
N PRO D 600 -7.85 18.17 -13.36
CA PRO D 600 -6.96 17.30 -12.58
C PRO D 600 -7.05 17.52 -11.06
N ASP D 601 -7.55 18.66 -10.61
CA ASP D 601 -7.72 18.90 -9.17
C ASP D 601 -9.07 18.45 -8.63
N GLY D 602 -9.86 17.81 -9.47
CA GLY D 602 -11.16 17.30 -9.05
C GLY D 602 -12.28 18.32 -9.15
N LYS D 603 -11.94 19.54 -9.52
CA LYS D 603 -12.93 20.59 -9.64
C LYS D 603 -13.60 20.60 -11.02
N GLU D 604 -14.61 21.45 -11.15
CA GLU D 604 -15.35 21.50 -12.39
C GLU D 604 -14.50 21.92 -13.58
N LEU D 605 -14.73 21.27 -14.72
CA LEU D 605 -14.04 21.61 -15.95
C LEU D 605 -15.07 22.34 -16.81
N VAL D 606 -14.71 23.49 -17.38
CA VAL D 606 -15.65 24.25 -18.22
C VAL D 606 -14.93 24.50 -19.56
N LEU D 607 -15.54 24.04 -20.64
CA LEU D 607 -14.90 24.14 -21.97
C LEU D 607 -15.35 25.41 -22.68
N ASP D 608 -14.94 26.53 -22.11
CA ASP D 608 -15.36 27.83 -22.63
C ASP D 608 -14.33 28.64 -23.36
N THR D 609 -13.21 28.02 -23.72
CA THR D 609 -12.22 28.72 -24.54
C THR D 609 -11.93 27.86 -25.77
N ASP D 610 -11.79 28.54 -26.92
CA ASP D 610 -11.60 27.79 -28.17
C ASP D 610 -10.14 27.53 -28.52
N TYR D 611 -9.92 26.99 -29.72
CA TYR D 611 -8.58 26.66 -30.18
C TYR D 611 -7.61 27.84 -30.14
N LEU D 612 -8.13 29.04 -30.39
CA LEU D 612 -7.33 30.27 -30.34
C LEU D 612 -7.30 30.92 -28.95
N ASP D 613 -7.79 30.19 -27.96
CA ASP D 613 -7.87 30.62 -26.55
C ASP D 613 -8.82 31.79 -26.33
N ALA D 614 -9.79 31.92 -27.23
CA ALA D 614 -10.80 32.97 -27.07
C ALA D 614 -11.91 32.48 -26.17
N LYS D 615 -12.34 33.31 -25.22
CA LYS D 615 -13.45 32.91 -24.38
C LYS D 615 -14.72 33.02 -25.20
N LYS D 616 -15.60 32.05 -25.07
CA LYS D 616 -16.82 32.12 -25.83
C LYS D 616 -18.05 32.15 -24.97
N PRO D 617 -19.13 32.74 -25.48
CA PRO D 617 -20.41 32.87 -24.79
C PRO D 617 -21.23 31.59 -24.87
N GLU D 618 -22.34 31.59 -24.13
CA GLU D 618 -23.21 30.44 -24.07
C GLU D 618 -23.66 29.92 -25.41
N ASN D 619 -23.89 30.79 -26.39
CA ASN D 619 -24.30 30.22 -27.66
C ASN D 619 -23.25 30.74 -28.61
N SER D 620 -22.57 29.81 -29.26
CA SER D 620 -21.48 30.18 -30.13
C SER D 620 -21.42 29.20 -31.29
N SER D 621 -20.64 29.55 -32.30
CA SER D 621 -20.45 28.66 -33.46
C SER D 621 -19.94 27.30 -33.00
N ILE D 622 -20.37 26.27 -33.69
CA ILE D 622 -19.79 24.96 -33.34
C ILE D 622 -18.39 24.86 -33.98
N GLY D 623 -17.68 23.76 -33.68
CA GLY D 623 -16.34 23.63 -34.22
C GLY D 623 -15.30 24.16 -33.24
N PRO D 624 -14.04 24.13 -33.63
CA PRO D 624 -12.94 24.56 -32.75
C PRO D 624 -12.63 25.99 -32.60
N ILE D 625 -13.13 26.82 -33.51
CA ILE D 625 -12.78 28.24 -33.53
C ILE D 625 -14.05 29.09 -33.61
N ALA D 626 -14.28 29.90 -32.58
CA ALA D 626 -15.49 30.71 -32.50
C ALA D 626 -15.64 31.69 -33.66
N LEU D 627 -14.51 32.08 -34.24
CA LEU D 627 -14.48 33.03 -35.36
C LEU D 627 -15.00 32.47 -36.66
N LEU D 628 -15.09 31.15 -36.78
CA LEU D 628 -15.58 30.58 -38.04
C LEU D 628 -17.02 30.99 -38.29
N LYS D 629 -17.36 31.24 -39.54
CA LYS D 629 -18.71 31.66 -39.86
C LYS D 629 -19.02 31.32 -41.29
N LYS D 630 -20.28 31.53 -41.67
CA LYS D 630 -20.65 31.26 -43.05
C LYS D 630 -19.76 32.03 -44.04
N GLY D 631 -19.53 31.40 -45.18
CA GLY D 631 -18.71 32.02 -46.20
C GLY D 631 -17.26 31.54 -46.14
N ASN D 632 -16.37 32.40 -46.60
CA ASN D 632 -14.93 32.10 -46.62
C ASN D 632 -14.29 32.35 -45.26
N ASN D 633 -13.41 31.44 -44.87
CA ASN D 633 -12.69 31.59 -43.61
C ASN D 633 -11.24 31.30 -43.90
N TYR D 634 -10.34 32.19 -43.44
CA TYR D 634 -8.89 32.02 -43.62
C TYR D 634 -8.29 32.47 -42.29
N ILE D 635 -7.84 31.49 -41.50
CA ILE D 635 -7.41 31.79 -40.13
C ILE D 635 -6.03 31.25 -39.82
N LYS D 636 -5.22 32.07 -39.15
CA LYS D 636 -3.89 31.60 -38.77
C LYS D 636 -4.09 30.65 -37.57
N VAL D 637 -3.62 29.40 -37.73
CA VAL D 637 -3.78 28.40 -36.67
C VAL D 637 -2.46 27.98 -35.99
N TRP D 638 -1.35 28.55 -36.45
CA TRP D 638 -0.06 28.34 -35.79
C TRP D 638 0.84 29.52 -36.16
#